data_8FGT
#
_entry.id   8FGT
#
_cell.length_a   58.464
_cell.length_b   151.536
_cell.length_c   107.479
_cell.angle_alpha   90.000
_cell.angle_beta   90.480
_cell.angle_gamma   90.000
#
_symmetry.space_group_name_H-M   'P 1 21 1'
#
loop_
_entity.id
_entity.type
_entity.pdbx_description
1 polymer 'Nitric oxide synthase, endothelial'
2 non-polymer 'PROTOPORPHYRIN IX CONTAINING FE'
3 non-polymer 5,6,7,8-TETRAHYDROBIOPTERIN
4 non-polymer 2-[BIS-(2-HYDROXY-ETHYL)-AMINO]-2-HYDROXYMETHYL-PROPANE-1,3-DIOL
5 non-polymer 6-(2-{2,3-difluoro-5-[2-(4-methylpiperazin-1-yl)ethyl]phenyl}ethyl)-4-methylpyridin-2-amine
6 non-polymer GLYCEROL
7 non-polymer 'CHLORIDE ION'
8 non-polymer 'GADOLINIUM ATOM'
9 non-polymer 'ZINC ION'
10 water water
#
_entity_poly.entity_id   1
_entity_poly.type   'polypeptide(L)'
_entity_poly.pdbx_seq_one_letter_code
;APASLLPPAPEHSPPSSPLTQPPEGPKFPRVKNWEVGSITYDTLSAQAQQDGPCTPRRCLGSLVFPRKLQGRPSPGPPAP
EQLLSQARDFINQYYSSIKRSGSQAHEQRLQEVEAEVAATGTYQLRESELVFGAKQAWRNAPRCVGRIQWGKLQVFDARD
CRSAQEMFTYICNHIKYATNRGNLRSAITVFPQRCPGRGDFRIWNSQLVRYAGYRQQDGSVRGDPANVEITELCIQHGWT
PGNGRFDVLPLLLQAPDEPPELFLLPPELVLEVPLEHPTLEWFAALGLRWYALPAVSNMLLEIGGLEFPAAPFSGWYMST
EIGTRNLCDPHRYNILEDVAVCMDLDTRTTSSLWKDKAAVEINVAVLHSYQLAKVTIVDHHAATASFMKHLENEQKARGG
CPADWAWIVPPISGSLTPVFHQEMVNYFLSPAFRYQPDPW
;
_entity_poly.pdbx_strand_id   A,B,C,D
#
loop_
_chem_comp.id
_chem_comp.type
_chem_comp.name
_chem_comp.formula
BTB non-polymer 2-[BIS-(2-HYDROXY-ETHYL)-AMINO]-2-HYDROXYMETHYL-PROPANE-1,3-DIOL 'C8 H19 N O5'
CL non-polymer 'CHLORIDE ION' 'Cl -1'
GD non-polymer 'GADOLINIUM ATOM' Gd
GOL non-polymer GLYCEROL 'C3 H8 O3'
H4B non-polymer 5,6,7,8-TETRAHYDROBIOPTERIN 'C9 H15 N5 O3'
HEM non-polymer 'PROTOPORPHYRIN IX CONTAINING FE' 'C34 H32 Fe N4 O4'
XVK non-polymer 6-(2-{2,3-difluoro-5-[2-(4-methylpiperazin-1-yl)ethyl]phenyl}ethyl)-4-methylpyridin-2-amine 'C21 H28 F2 N4'
ZN non-polymer 'ZINC ION' 'Zn 2'
#
# COMPACT_ATOMS: atom_id res chain seq x y z
N LYS A 27 25.43 -12.22 -43.54
CA LYS A 27 26.74 -12.03 -42.91
C LYS A 27 26.73 -10.85 -41.96
N PHE A 28 25.66 -10.07 -42.00
CA PHE A 28 25.48 -8.94 -41.08
C PHE A 28 24.31 -9.22 -40.14
N PRO A 29 24.57 -9.60 -38.88
CA PRO A 29 23.49 -10.04 -38.00
C PRO A 29 22.35 -9.05 -37.85
N ARG A 30 21.14 -9.53 -38.17
CA ARG A 30 19.93 -8.80 -37.86
C ARG A 30 19.75 -8.73 -36.35
N VAL A 31 19.48 -7.53 -35.85
CA VAL A 31 19.27 -7.29 -34.42
C VAL A 31 17.89 -6.67 -34.27
N LYS A 32 17.06 -7.28 -33.43
CA LYS A 32 15.69 -6.83 -33.25
C LYS A 32 15.49 -6.34 -31.83
N ASN A 33 14.78 -5.24 -31.69
CA ASN A 33 14.26 -4.83 -30.38
C ASN A 33 12.81 -5.31 -30.29
N TRP A 34 12.54 -6.19 -29.33
CA TRP A 34 11.25 -6.87 -29.21
C TRP A 34 10.19 -6.04 -28.51
N GLU A 35 10.54 -4.87 -28.00
CA GLU A 35 9.58 -3.98 -27.37
C GLU A 35 8.95 -3.02 -28.37
N VAL A 36 9.77 -2.42 -29.23
CA VAL A 36 9.26 -1.49 -30.24
C VAL A 36 9.08 -2.16 -31.59
N GLY A 37 9.80 -3.26 -31.85
CA GLY A 37 9.76 -3.92 -33.13
C GLY A 37 10.80 -3.47 -34.11
N SER A 38 11.74 -2.63 -33.69
CA SER A 38 12.73 -2.06 -34.60
C SER A 38 13.85 -3.04 -34.87
N ILE A 39 14.51 -2.83 -36.02
CA ILE A 39 15.50 -3.75 -36.58
C ILE A 39 16.74 -2.95 -36.93
N THR A 40 17.91 -3.43 -36.52
CA THR A 40 19.19 -2.92 -36.99
C THR A 40 20.06 -4.08 -37.47
N TYR A 41 21.11 -3.75 -38.22
CA TYR A 41 22.12 -4.71 -38.66
C TYR A 41 23.46 -4.30 -38.07
N ASP A 42 24.09 -5.20 -37.33
CA ASP A 42 25.37 -4.93 -36.69
C ASP A 42 26.47 -5.17 -37.73
N THR A 43 26.76 -4.13 -38.51
CA THR A 43 27.87 -4.24 -39.46
C THR A 43 29.22 -4.11 -38.79
N LEU A 44 29.27 -3.56 -37.57
CA LEU A 44 30.52 -3.46 -36.84
C LEU A 44 31.06 -4.83 -36.44
N SER A 45 30.19 -5.83 -36.32
CA SER A 45 30.64 -7.16 -35.91
C SER A 45 31.66 -7.74 -36.88
N ALA A 46 31.61 -7.32 -38.15
CA ALA A 46 32.51 -7.87 -39.17
C ALA A 46 33.98 -7.60 -38.85
N GLN A 47 34.27 -6.64 -37.97
CA GLN A 47 35.63 -6.30 -37.61
C GLN A 47 36.20 -7.10 -36.46
N ALA A 48 35.42 -8.02 -35.88
CA ALA A 48 35.81 -8.69 -34.64
C ALA A 48 37.15 -9.41 -34.81
N GLN A 49 38.12 -9.04 -33.96
CA GLN A 49 39.49 -9.58 -34.06
C GLN A 49 39.61 -10.86 -33.23
N GLN A 50 39.60 -10.74 -31.90
CA GLN A 50 39.85 -11.92 -31.07
C GLN A 50 38.64 -12.82 -31.13
N ASP A 51 38.85 -14.07 -31.52
CA ASP A 51 37.77 -15.02 -31.52
C ASP A 51 37.26 -15.25 -30.10
N GLY A 52 35.95 -15.17 -29.93
CA GLY A 52 35.31 -15.54 -28.68
C GLY A 52 35.20 -17.04 -28.54
N PRO A 53 34.40 -17.49 -27.56
CA PRO A 53 34.35 -18.91 -27.22
C PRO A 53 33.24 -19.70 -27.90
N CYS A 54 32.38 -19.04 -28.68
CA CYS A 54 31.21 -19.70 -29.24
C CYS A 54 31.53 -20.32 -30.59
N THR A 55 30.82 -21.39 -30.90
CA THR A 55 30.88 -22.06 -32.19
C THR A 55 29.46 -22.28 -32.68
N PRO A 56 29.28 -22.57 -33.98
CA PRO A 56 27.94 -22.91 -34.49
C PRO A 56 27.30 -24.04 -33.70
N ARG A 57 28.15 -24.83 -33.04
CA ARG A 57 27.74 -26.01 -32.29
C ARG A 57 27.20 -25.68 -30.90
N ARG A 58 27.75 -24.68 -30.22
CA ARG A 58 27.36 -24.41 -28.84
C ARG A 58 27.70 -22.98 -28.50
N CYS A 59 26.78 -22.33 -27.79
CA CYS A 59 26.95 -20.97 -27.33
C CYS A 59 27.54 -21.01 -25.93
N LEU A 60 28.67 -20.32 -25.76
CA LEU A 60 29.29 -20.18 -24.44
C LEU A 60 29.18 -18.75 -23.92
N GLY A 61 28.14 -18.04 -24.37
CA GLY A 61 27.97 -16.62 -24.06
C GLY A 61 27.86 -16.28 -22.59
N SER A 62 27.39 -17.21 -21.77
CA SER A 62 27.20 -16.98 -20.35
C SER A 62 28.44 -17.33 -19.53
N LEU A 63 29.56 -17.66 -20.16
CA LEU A 63 30.75 -17.98 -19.40
C LEU A 63 31.44 -16.68 -18.98
N VAL A 64 31.82 -16.60 -17.70
CA VAL A 64 32.43 -15.37 -17.19
C VAL A 64 33.79 -15.14 -17.85
N PHE A 65 34.67 -16.14 -17.77
CA PHE A 65 35.98 -16.09 -18.43
C PHE A 65 35.94 -17.06 -19.60
N PRO A 66 35.62 -16.60 -20.81
CA PRO A 66 35.36 -17.35 -22.04
C PRO A 66 36.02 -18.73 -22.16
N PRO A 80 57.19 -12.26 -33.38
CA PRO A 80 57.06 -11.08 -32.53
C PRO A 80 56.35 -9.91 -33.22
N GLU A 81 56.61 -9.73 -34.52
CA GLU A 81 56.14 -8.55 -35.25
C GLU A 81 54.68 -8.67 -35.70
N GLN A 82 53.87 -9.43 -34.97
CA GLN A 82 52.43 -9.26 -35.03
C GLN A 82 51.98 -8.02 -34.28
N LEU A 83 52.88 -7.41 -33.50
CA LEU A 83 52.60 -6.14 -32.85
C LEU A 83 52.35 -5.04 -33.87
N LEU A 84 52.93 -5.17 -35.05
CA LEU A 84 52.81 -4.13 -36.09
C LEU A 84 51.42 -4.11 -36.71
N SER A 85 50.83 -5.28 -36.97
CA SER A 85 49.52 -5.32 -37.60
C SER A 85 48.45 -4.71 -36.69
N GLN A 86 48.56 -4.92 -35.39
CA GLN A 86 47.63 -4.28 -34.48
C GLN A 86 47.91 -2.78 -34.38
N ALA A 87 49.19 -2.40 -34.31
CA ALA A 87 49.55 -0.98 -34.23
C ALA A 87 49.02 -0.21 -35.44
N ARG A 88 49.27 -0.73 -36.64
CA ARG A 88 48.75 -0.11 -37.86
C ARG A 88 47.26 0.16 -37.76
N ASP A 89 46.48 -0.90 -37.54
CA ASP A 89 45.03 -0.77 -37.42
C ASP A 89 44.64 0.25 -36.37
N PHE A 90 45.32 0.24 -35.22
CA PHE A 90 44.96 1.21 -34.19
C PHE A 90 45.29 2.63 -34.65
N ILE A 91 46.45 2.83 -35.27
CA ILE A 91 46.78 4.16 -35.78
C ILE A 91 45.77 4.60 -36.83
N ASN A 92 45.28 3.64 -37.63
CA ASN A 92 44.21 3.94 -38.57
C ASN A 92 42.94 4.37 -37.84
N GLN A 93 42.57 3.63 -36.78
CA GLN A 93 41.41 4.01 -35.97
C GLN A 93 41.54 5.44 -35.46
N TYR A 94 42.72 5.77 -34.90
CA TYR A 94 42.90 7.10 -34.33
C TYR A 94 42.67 8.18 -35.38
N TYR A 95 43.30 8.04 -36.55
CA TYR A 95 43.24 9.13 -37.52
C TYR A 95 41.87 9.20 -38.20
N SER A 96 41.24 8.05 -38.47
CA SER A 96 39.89 8.11 -39.01
C SER A 96 38.94 8.78 -38.04
N SER A 97 39.09 8.48 -36.74
CA SER A 97 38.29 9.14 -35.70
C SER A 97 38.48 10.65 -35.70
N ILE A 98 39.63 11.14 -36.14
CA ILE A 98 39.83 12.59 -36.18
C ILE A 98 39.86 13.05 -37.63
N LYS A 99 39.15 12.33 -38.50
CA LYS A 99 38.98 12.73 -39.90
C LYS A 99 40.30 13.02 -40.59
N ARG A 100 41.37 12.35 -40.16
CA ARG A 100 42.70 12.58 -40.70
C ARG A 100 43.30 11.29 -41.26
N SER A 101 42.45 10.42 -41.81
CA SER A 101 42.94 9.24 -42.52
C SER A 101 43.42 9.65 -43.90
N GLY A 102 44.54 9.05 -44.32
CA GLY A 102 45.12 9.38 -45.61
C GLY A 102 45.75 10.75 -45.68
N SER A 103 46.25 11.26 -44.57
CA SER A 103 46.82 12.60 -44.48
C SER A 103 48.29 12.50 -44.06
N GLN A 104 48.93 13.67 -43.98
CA GLN A 104 50.36 13.74 -43.69
C GLN A 104 50.69 13.15 -42.33
N ALA A 105 50.02 13.63 -41.28
CA ALA A 105 50.28 13.13 -39.93
C ALA A 105 50.01 11.63 -39.86
N HIS A 106 48.98 11.16 -40.55
CA HIS A 106 48.66 9.73 -40.55
C HIS A 106 49.78 8.91 -41.20
N GLU A 107 50.12 9.23 -42.45
CA GLU A 107 51.23 8.57 -43.12
C GLU A 107 52.51 8.66 -42.30
N GLN A 108 52.81 9.86 -41.77
CA GLN A 108 54.04 10.05 -41.01
C GLN A 108 54.03 9.25 -39.71
N ARG A 109 52.89 9.25 -38.99
CA ARG A 109 52.80 8.44 -37.78
C ARG A 109 52.96 6.96 -38.11
N LEU A 110 52.47 6.52 -39.28
CA LEU A 110 52.65 5.13 -39.69
C LEU A 110 54.13 4.77 -39.77
N GLN A 111 54.94 5.63 -40.39
CA GLN A 111 56.37 5.35 -40.47
C GLN A 111 57.01 5.32 -39.09
N GLU A 112 56.65 6.30 -38.24
CA GLU A 112 57.26 6.39 -36.91
C GLU A 112 57.04 5.11 -36.11
N VAL A 113 55.83 4.58 -36.10
CA VAL A 113 55.62 3.29 -35.43
C VAL A 113 56.37 2.19 -36.18
N GLU A 114 56.28 2.17 -37.51
CA GLU A 114 57.08 1.24 -38.30
C GLU A 114 58.55 1.28 -37.88
N ALA A 115 59.14 2.49 -37.84
CA ALA A 115 60.54 2.61 -37.49
C ALA A 115 60.79 2.25 -36.02
N GLU A 116 59.90 2.68 -35.12
CA GLU A 116 60.07 2.37 -33.69
C GLU A 116 60.13 0.86 -33.45
N VAL A 117 59.19 0.11 -34.01
CA VAL A 117 59.22 -1.34 -33.85
C VAL A 117 60.48 -1.91 -34.51
N ALA A 118 60.84 -1.38 -35.67
CA ALA A 118 62.03 -1.86 -36.37
C ALA A 118 63.27 -1.82 -35.49
N ALA A 119 63.51 -0.67 -34.83
CA ALA A 119 64.70 -0.52 -34.01
C ALA A 119 64.55 -1.14 -32.63
N THR A 120 63.36 -1.00 -32.01
CA THR A 120 63.16 -1.39 -30.62
C THR A 120 62.32 -2.64 -30.42
N GLY A 121 61.59 -3.10 -31.44
CA GLY A 121 60.69 -4.22 -31.26
C GLY A 121 59.39 -3.88 -30.57
N THR A 122 59.06 -2.59 -30.48
CA THR A 122 57.84 -2.12 -29.83
C THR A 122 57.70 -0.63 -30.17
N TYR A 123 56.77 0.04 -29.51
CA TYR A 123 56.57 1.45 -29.79
C TYR A 123 55.91 2.11 -28.60
N GLN A 124 56.03 3.42 -28.55
CA GLN A 124 55.38 4.24 -27.52
C GLN A 124 54.17 4.92 -28.14
N LEU A 125 53.07 4.92 -27.41
CA LEU A 125 51.89 5.67 -27.85
C LEU A 125 52.10 7.16 -27.61
N ARG A 126 51.72 7.97 -28.61
CA ARG A 126 51.54 9.39 -28.37
C ARG A 126 50.45 9.60 -27.33
N GLU A 127 50.58 10.70 -26.59
CA GLU A 127 49.64 11.02 -25.51
C GLU A 127 48.20 10.98 -26.00
N SER A 128 47.93 11.65 -27.13
CA SER A 128 46.57 11.68 -27.65
C SER A 128 46.09 10.29 -28.06
N GLU A 129 47.00 9.45 -28.53
CA GLU A 129 46.65 8.08 -28.89
C GLU A 129 46.31 7.27 -27.66
N LEU A 130 47.10 7.41 -26.60
CA LEU A 130 46.79 6.71 -25.35
C LEU A 130 45.41 7.11 -24.85
N VAL A 131 45.15 8.41 -24.82
CA VAL A 131 43.81 8.92 -24.48
C VAL A 131 42.76 8.26 -25.37
N PHE A 132 43.00 8.28 -26.67
CA PHE A 132 42.04 7.69 -27.60
C PHE A 132 41.84 6.21 -27.32
N GLY A 133 42.95 5.48 -27.14
CA GLY A 133 42.87 4.04 -26.94
C GLY A 133 42.15 3.66 -25.65
N ALA A 134 42.35 4.43 -24.58
CA ALA A 134 41.66 4.13 -23.33
C ALA A 134 40.16 4.36 -23.47
N LYS A 135 39.77 5.47 -24.09
CA LYS A 135 38.37 5.73 -24.35
C LYS A 135 37.75 4.66 -25.24
N GLN A 136 38.51 4.21 -26.25
CA GLN A 136 37.99 3.19 -27.17
C GLN A 136 37.85 1.84 -26.48
N ALA A 137 38.83 1.48 -25.66
CA ALA A 137 38.74 0.23 -24.91
C ALA A 137 37.50 0.21 -24.04
N TRP A 138 37.20 1.31 -23.34
CA TRP A 138 35.94 1.40 -22.60
C TRP A 138 34.76 1.26 -23.54
N ARG A 139 34.77 2.04 -24.63
CA ARG A 139 33.69 2.01 -25.61
C ARG A 139 33.47 0.60 -26.15
N ASN A 140 34.53 -0.18 -26.25
CA ASN A 140 34.46 -1.53 -26.78
C ASN A 140 34.16 -2.60 -25.73
N ALA A 141 34.01 -2.24 -24.46
CA ALA A 141 33.76 -3.22 -23.40
C ALA A 141 32.33 -3.76 -23.45
N PRO A 142 32.11 -4.97 -23.96
CA PRO A 142 30.71 -5.41 -24.17
C PRO A 142 29.91 -5.54 -22.90
N ARG A 143 30.56 -5.75 -21.77
CA ARG A 143 29.87 -5.96 -20.52
C ARG A 143 29.57 -4.68 -19.76
N CYS A 144 29.94 -3.53 -20.30
CA CYS A 144 29.78 -2.27 -19.59
C CYS A 144 28.46 -1.62 -20.01
N VAL A 145 27.57 -1.40 -19.04
CA VAL A 145 26.28 -0.78 -19.33
C VAL A 145 26.38 0.74 -19.33
N GLY A 146 27.45 1.31 -18.77
CA GLY A 146 27.57 2.74 -18.64
C GLY A 146 28.36 3.40 -19.76
N ARG A 147 28.39 2.76 -20.94
CA ARG A 147 29.22 3.26 -22.02
C ARG A 147 28.67 4.51 -22.70
N ILE A 148 27.49 5.00 -22.32
CA ILE A 148 27.07 6.31 -22.81
C ILE A 148 28.07 7.37 -22.38
N GLN A 149 28.85 7.09 -21.33
CA GLN A 149 29.85 8.00 -20.78
C GLN A 149 31.22 7.84 -21.41
N TRP A 150 31.35 6.99 -22.44
CA TRP A 150 32.67 6.57 -22.88
C TRP A 150 33.52 7.74 -23.35
N GLY A 151 32.89 8.80 -23.87
CA GLY A 151 33.65 9.95 -24.34
C GLY A 151 34.25 10.80 -23.24
N LYS A 152 33.74 10.69 -22.02
CA LYS A 152 34.16 11.55 -20.92
C LYS A 152 34.97 10.70 -19.95
N LEU A 153 36.29 10.71 -20.13
CA LEU A 153 37.20 9.85 -19.39
C LEU A 153 38.51 10.60 -19.21
N GLN A 154 38.91 10.79 -17.95
CA GLN A 154 40.17 11.43 -17.63
C GLN A 154 41.26 10.37 -17.61
N VAL A 155 42.29 10.56 -18.44
CA VAL A 155 43.35 9.58 -18.58
C VAL A 155 44.60 10.17 -17.96
N PHE A 156 45.03 9.60 -16.84
CA PHE A 156 46.29 9.96 -16.20
C PHE A 156 47.39 9.08 -16.79
N ASP A 157 48.38 9.70 -17.41
CA ASP A 157 49.46 8.99 -18.07
C ASP A 157 50.56 8.72 -17.03
N ALA A 158 50.70 7.46 -16.64
CA ALA A 158 51.70 7.05 -15.67
C ALA A 158 52.81 6.22 -16.32
N ARG A 159 53.01 6.40 -17.62
CA ARG A 159 54.00 5.59 -18.33
C ARG A 159 55.44 5.90 -17.88
N ASP A 160 55.68 7.04 -17.24
CA ASP A 160 57.02 7.37 -16.76
C ASP A 160 57.26 6.81 -15.35
N CYS A 161 56.60 5.72 -14.99
CA CYS A 161 56.59 5.23 -13.62
C CYS A 161 57.72 4.24 -13.35
N ARG A 162 58.07 4.12 -12.08
CA ARG A 162 58.92 3.05 -11.58
C ARG A 162 58.78 3.02 -10.06
N SER A 163 58.90 1.82 -9.49
CA SER A 163 58.72 1.53 -8.07
C SER A 163 57.26 1.63 -7.64
N ALA A 164 56.89 0.85 -6.62
CA ALA A 164 55.52 0.84 -6.13
C ALA A 164 55.15 2.15 -5.46
N GLN A 165 56.13 2.85 -4.89
CA GLN A 165 55.86 4.14 -4.26
C GLN A 165 55.30 5.13 -5.28
N GLU A 166 55.89 5.19 -6.48
CA GLU A 166 55.32 6.02 -7.53
C GLU A 166 53.91 5.56 -7.90
N MET A 167 53.75 4.24 -8.09
CA MET A 167 52.43 3.69 -8.34
C MET A 167 51.43 4.18 -7.29
N PHE A 168 51.80 4.09 -6.01
CA PHE A 168 50.87 4.47 -4.95
C PHE A 168 50.48 5.94 -5.06
N THR A 169 51.45 6.80 -5.38
CA THR A 169 51.16 8.22 -5.58
C THR A 169 50.18 8.40 -6.73
N TYR A 170 50.48 7.78 -7.88
CA TYR A 170 49.57 7.81 -9.01
C TYR A 170 48.19 7.28 -8.64
N ILE A 171 48.15 6.16 -7.92
CA ILE A 171 46.87 5.61 -7.52
C ILE A 171 46.15 6.60 -6.61
N CYS A 172 46.89 7.24 -5.70
CA CYS A 172 46.26 8.17 -4.78
C CYS A 172 45.74 9.40 -5.52
N ASN A 173 46.49 9.91 -6.49
CA ASN A 173 46.00 11.03 -7.29
C ASN A 173 44.71 10.65 -8.01
N HIS A 174 44.69 9.42 -8.56
CA HIS A 174 43.50 8.92 -9.24
C HIS A 174 42.29 8.90 -8.29
N ILE A 175 42.44 8.20 -7.16
CA ILE A 175 41.31 8.03 -6.23
C ILE A 175 40.75 9.38 -5.83
N LYS A 176 41.62 10.34 -5.52
CA LYS A 176 41.13 11.64 -5.04
C LYS A 176 40.46 12.42 -6.17
N TYR A 177 41.06 12.42 -7.36
CA TYR A 177 40.43 13.05 -8.51
C TYR A 177 39.12 12.35 -8.83
N ALA A 178 39.16 11.02 -8.92
CA ALA A 178 37.96 10.28 -9.30
C ALA A 178 36.87 10.48 -8.26
N THR A 179 37.22 10.45 -6.97
CA THR A 179 36.22 10.59 -5.92
C THR A 179 35.64 12.00 -5.90
N ASN A 180 36.49 13.02 -5.84
CA ASN A 180 36.04 14.39 -6.02
C ASN A 180 34.90 14.70 -5.06
N ARG A 181 35.09 14.31 -3.81
CA ARG A 181 34.14 14.59 -2.72
C ARG A 181 32.75 14.05 -3.03
N GLY A 182 32.70 12.91 -3.71
CA GLY A 182 31.45 12.27 -4.04
C GLY A 182 30.93 12.57 -5.44
N ASN A 183 31.41 13.65 -6.08
CA ASN A 183 31.00 13.93 -7.45
C ASN A 183 31.95 13.17 -8.38
N LEU A 184 31.70 11.86 -8.48
CA LEU A 184 32.66 10.96 -9.09
C LEU A 184 32.90 11.30 -10.56
N ARG A 185 34.13 11.10 -10.98
CA ARG A 185 34.58 11.41 -12.34
C ARG A 185 35.35 10.22 -12.88
N SER A 186 34.94 9.75 -14.05
CA SER A 186 35.56 8.59 -14.66
C SER A 186 37.03 8.86 -14.92
N ALA A 187 37.87 7.87 -14.59
CA ALA A 187 39.30 8.10 -14.70
C ALA A 187 39.99 6.77 -14.89
N ILE A 188 41.10 6.81 -15.64
CA ILE A 188 41.99 5.67 -15.80
C ILE A 188 43.41 6.17 -15.61
N THR A 189 44.24 5.38 -14.95
CA THR A 189 45.65 5.67 -14.79
C THR A 189 46.42 4.55 -15.47
N VAL A 190 47.24 4.91 -16.44
CA VAL A 190 47.88 3.94 -17.32
C VAL A 190 49.35 3.88 -16.94
N PHE A 191 49.73 2.80 -16.25
CA PHE A 191 51.11 2.56 -15.87
C PHE A 191 51.87 2.00 -17.06
N PRO A 192 53.21 1.94 -16.99
CA PRO A 192 54.00 1.62 -18.19
C PRO A 192 53.60 0.30 -18.82
N GLN A 193 53.75 0.25 -20.14
CA GLN A 193 53.35 -0.91 -20.92
C GLN A 193 54.27 -2.09 -20.63
N ARG A 194 53.83 -3.26 -21.06
CA ARG A 194 54.64 -4.46 -20.93
C ARG A 194 55.72 -4.50 -22.01
N CYS A 195 56.89 -4.98 -21.63
CA CYS A 195 57.98 -5.22 -22.57
C CYS A 195 58.72 -6.45 -22.11
N PRO A 196 59.28 -7.24 -23.04
CA PRO A 196 59.91 -8.50 -22.65
C PRO A 196 61.10 -8.27 -21.73
N GLY A 197 61.37 -9.28 -20.91
CA GLY A 197 62.47 -9.20 -19.98
C GLY A 197 62.12 -8.48 -18.68
N ARG A 198 61.41 -7.36 -18.81
CA ARG A 198 61.00 -6.57 -17.67
C ARG A 198 59.72 -7.15 -17.08
N GLY A 199 59.70 -7.37 -15.76
CA GLY A 199 58.49 -7.82 -15.11
C GLY A 199 57.38 -6.79 -15.19
N ASP A 200 56.16 -7.23 -14.90
CA ASP A 200 54.99 -6.39 -15.10
C ASP A 200 54.80 -5.41 -13.95
N PHE A 201 54.23 -4.25 -14.28
CA PHE A 201 53.50 -3.46 -13.30
C PHE A 201 52.14 -4.12 -13.07
N ARG A 202 51.82 -4.39 -11.80
CA ARG A 202 50.56 -5.04 -11.45
C ARG A 202 50.05 -4.46 -10.14
N ILE A 203 48.75 -4.12 -10.11
CA ILE A 203 48.02 -3.97 -8.87
C ILE A 203 47.42 -5.32 -8.52
N TRP A 204 47.77 -5.86 -7.35
CA TRP A 204 47.32 -7.20 -7.00
C TRP A 204 45.85 -7.23 -6.61
N ASN A 205 45.35 -6.18 -5.96
CA ASN A 205 43.95 -6.09 -5.61
C ASN A 205 43.09 -6.03 -6.89
N SER A 206 41.96 -6.72 -6.85
CA SER A 206 41.02 -6.67 -7.96
C SER A 206 40.42 -5.28 -8.13
N GLN A 207 40.25 -4.55 -7.03
CA GLN A 207 39.80 -3.17 -7.05
C GLN A 207 40.70 -2.35 -6.13
N LEU A 208 40.67 -1.03 -6.32
CA LEU A 208 41.47 -0.17 -5.45
C LEU A 208 40.88 -0.08 -4.05
N VAL A 209 39.57 -0.26 -3.93
CA VAL A 209 38.90 -0.33 -2.63
C VAL A 209 38.18 -1.66 -2.55
N ARG A 210 38.59 -2.49 -1.58
CA ARG A 210 37.99 -3.80 -1.33
C ARG A 210 37.94 -4.03 0.16
N TYR A 211 36.85 -4.64 0.64
CA TYR A 211 36.72 -4.97 2.04
C TYR A 211 37.27 -6.37 2.34
N ALA A 212 37.94 -6.48 3.48
CA ALA A 212 38.62 -7.71 3.85
C ALA A 212 37.65 -8.88 4.04
N GLY A 213 38.19 -10.08 3.93
CA GLY A 213 37.45 -11.31 4.20
C GLY A 213 38.23 -12.24 5.11
N TYR A 214 37.67 -12.54 6.28
CA TYR A 214 38.39 -13.23 7.35
C TYR A 214 37.73 -14.57 7.66
N ARG A 215 38.52 -15.65 7.61
CA ARG A 215 38.03 -16.95 8.05
C ARG A 215 37.77 -16.95 9.55
N GLN A 216 37.22 -18.07 10.04
CA GLN A 216 36.80 -18.18 11.44
C GLN A 216 37.20 -19.52 12.01
N GLN A 217 36.89 -19.70 13.31
CA GLN A 217 36.98 -21.00 13.97
C GLN A 217 36.02 -22.00 13.34
N ASP A 218 35.31 -21.55 12.30
CA ASP A 218 34.38 -22.37 11.53
C ASP A 218 34.57 -22.18 10.03
N GLY A 219 35.74 -21.71 9.61
CA GLY A 219 36.04 -21.57 8.19
C GLY A 219 35.32 -20.44 7.48
N SER A 220 34.10 -20.13 7.90
CA SER A 220 33.29 -19.12 7.24
C SER A 220 33.95 -17.74 7.35
N VAL A 221 33.45 -16.81 6.53
CA VAL A 221 34.15 -15.54 6.27
C VAL A 221 33.49 -14.42 7.05
N ARG A 222 34.31 -13.56 7.65
CA ARG A 222 33.89 -12.28 8.18
C ARG A 222 34.30 -11.19 7.19
N GLY A 223 33.32 -10.37 6.78
CA GLY A 223 33.58 -9.39 5.74
C GLY A 223 33.17 -9.87 4.35
N ASP A 224 33.98 -9.57 3.34
CA ASP A 224 33.62 -9.87 1.97
C ASP A 224 34.26 -11.19 1.55
N PRO A 225 33.48 -12.23 1.26
CA PRO A 225 34.09 -13.48 0.80
C PRO A 225 34.74 -13.37 -0.57
N ALA A 226 34.41 -12.32 -1.34
CA ALA A 226 35.06 -12.11 -2.64
C ALA A 226 36.54 -11.77 -2.53
N ASN A 227 37.04 -11.40 -1.36
CA ASN A 227 38.40 -10.89 -1.25
C ASN A 227 39.23 -11.69 -0.25
N VAL A 228 38.80 -12.91 0.10
CA VAL A 228 39.53 -13.72 1.07
C VAL A 228 40.94 -14.01 0.57
N GLU A 229 41.10 -14.21 -0.73
CA GLU A 229 42.42 -14.46 -1.29
C GLU A 229 43.34 -13.27 -1.10
N ILE A 230 42.89 -12.08 -1.51
CA ILE A 230 43.76 -10.91 -1.39
C ILE A 230 43.84 -10.47 0.07
N THR A 231 42.81 -10.75 0.87
CA THR A 231 42.88 -10.47 2.30
C THR A 231 43.97 -11.31 2.96
N GLU A 232 44.07 -12.58 2.60
CA GLU A 232 45.11 -13.43 3.17
C GLU A 232 46.49 -13.07 2.60
N LEU A 233 46.54 -12.52 1.39
CA LEU A 233 47.82 -12.09 0.84
C LEU A 233 48.33 -10.83 1.53
N CYS A 234 47.45 -9.85 1.75
CA CYS A 234 47.85 -8.66 2.49
C CYS A 234 48.27 -9.01 3.91
N ILE A 235 47.45 -9.82 4.59
CA ILE A 235 47.81 -10.32 5.93
C ILE A 235 49.17 -11.01 5.89
N GLN A 236 49.43 -11.75 4.81
CA GLN A 236 50.72 -12.42 4.68
C GLN A 236 51.86 -11.43 4.56
N HIS A 237 51.61 -10.26 3.96
CA HIS A 237 52.65 -9.26 3.72
C HIS A 237 52.77 -8.24 4.83
N GLY A 238 52.44 -8.62 6.06
CA GLY A 238 52.67 -7.75 7.20
C GLY A 238 51.54 -6.81 7.56
N TRP A 239 50.33 -7.03 7.04
CA TRP A 239 49.19 -6.22 7.45
C TRP A 239 48.52 -6.86 8.66
N THR A 240 48.19 -6.03 9.64
CA THR A 240 47.46 -6.50 10.80
C THR A 240 45.96 -6.48 10.49
N PRO A 241 45.27 -7.61 10.49
CA PRO A 241 43.85 -7.60 10.15
C PRO A 241 43.02 -6.90 11.21
N GLY A 242 41.94 -6.28 10.76
CA GLY A 242 40.95 -5.75 11.67
C GLY A 242 40.00 -6.85 12.13
N ASN A 243 38.98 -6.42 12.88
CA ASN A 243 37.94 -7.33 13.34
C ASN A 243 36.64 -7.12 12.58
N GLY A 244 36.59 -6.16 11.65
CA GLY A 244 35.33 -5.69 11.12
C GLY A 244 34.88 -6.42 9.86
N ARG A 245 33.63 -6.17 9.49
CA ARG A 245 33.05 -6.65 8.25
C ARG A 245 33.27 -5.69 7.10
N PHE A 246 33.83 -4.51 7.36
CA PHE A 246 34.05 -3.51 6.32
C PHE A 246 35.40 -2.83 6.49
N ASP A 247 36.45 -3.62 6.76
CA ASP A 247 37.81 -3.11 6.75
C ASP A 247 38.26 -2.91 5.31
N VAL A 248 38.59 -1.67 4.96
CA VAL A 248 39.19 -1.38 3.67
C VAL A 248 40.55 -2.06 3.60
N LEU A 249 40.74 -2.91 2.61
CA LEU A 249 41.99 -3.65 2.50
C LEU A 249 43.15 -2.71 2.17
N PRO A 250 44.38 -3.12 2.49
CA PRO A 250 45.55 -2.40 1.99
C PRO A 250 45.88 -2.83 0.56
N LEU A 251 46.58 -1.94 -0.13
CA LEU A 251 46.96 -2.18 -1.52
C LEU A 251 48.25 -2.99 -1.58
N LEU A 252 48.33 -3.90 -2.56
CA LEU A 252 49.55 -4.63 -2.86
C LEU A 252 50.00 -4.22 -4.25
N LEU A 253 51.07 -3.43 -4.31
CA LEU A 253 51.54 -2.83 -5.55
C LEU A 253 52.88 -3.45 -5.96
N GLN A 254 52.93 -3.94 -7.18
CA GLN A 254 54.04 -4.76 -7.67
C GLN A 254 54.84 -3.96 -8.69
N ALA A 255 56.04 -3.55 -8.29
CA ALA A 255 56.99 -2.98 -9.24
C ALA A 255 57.59 -4.10 -10.09
N PRO A 256 58.00 -3.79 -11.33
CA PRO A 256 58.56 -4.81 -12.21
C PRO A 256 59.70 -5.60 -11.57
N ASP A 257 59.57 -6.92 -11.58
CA ASP A 257 60.57 -7.86 -11.08
C ASP A 257 60.86 -7.68 -9.60
N GLU A 258 60.10 -6.83 -8.91
CA GLU A 258 60.21 -6.62 -7.48
C GLU A 258 58.98 -7.21 -6.79
N PRO A 259 59.10 -7.65 -5.53
CA PRO A 259 57.95 -8.23 -4.84
C PRO A 259 56.90 -7.17 -4.57
N PRO A 260 55.67 -7.57 -4.25
CA PRO A 260 54.65 -6.58 -3.93
C PRO A 260 55.00 -5.83 -2.65
N GLU A 261 54.38 -4.67 -2.50
CA GLU A 261 54.62 -3.81 -1.34
C GLU A 261 53.28 -3.34 -0.79
N LEU A 262 53.04 -3.58 0.50
CA LEU A 262 51.83 -3.10 1.14
C LEU A 262 51.80 -1.57 1.17
N PHE A 263 50.60 -1.02 1.06
CA PHE A 263 50.35 0.40 1.25
C PHE A 263 48.99 0.57 1.92
N LEU A 264 48.97 1.24 3.07
CA LEU A 264 47.69 1.61 3.67
C LEU A 264 47.11 2.76 2.86
N LEU A 265 45.89 2.59 2.39
CA LEU A 265 45.21 3.69 1.72
C LEU A 265 44.90 4.77 2.75
N PRO A 266 45.17 6.03 2.46
CA PRO A 266 44.80 7.09 3.40
C PRO A 266 43.30 7.07 3.66
N PRO A 267 42.89 6.98 4.93
CA PRO A 267 41.46 6.79 5.22
C PRO A 267 40.58 7.92 4.71
N GLU A 268 41.09 9.15 4.72
CA GLU A 268 40.29 10.27 4.21
C GLU A 268 40.18 10.27 2.69
N LEU A 269 40.93 9.41 2.00
CA LEU A 269 40.80 9.30 0.55
C LEU A 269 39.85 8.19 0.13
N VAL A 270 39.44 7.33 1.05
CA VAL A 270 38.50 6.25 0.74
C VAL A 270 37.13 6.73 1.20
N LEU A 271 36.35 7.26 0.27
CA LEU A 271 35.03 7.76 0.60
C LEU A 271 34.07 6.58 0.71
N GLU A 272 33.41 6.45 1.86
CA GLU A 272 32.46 5.37 2.06
C GLU A 272 31.09 5.96 2.36
N VAL A 273 30.08 5.11 2.16
CA VAL A 273 28.71 5.53 2.38
C VAL A 273 28.07 4.57 3.38
N PRO A 274 27.72 5.05 4.57
CA PRO A 274 26.91 4.22 5.47
C PRO A 274 25.55 3.99 4.84
N LEU A 275 25.04 2.77 4.97
CA LEU A 275 23.79 2.43 4.31
C LEU A 275 22.64 2.63 5.29
N GLU A 276 21.69 3.43 4.90
CA GLU A 276 20.46 3.62 5.65
C GLU A 276 19.31 3.53 4.67
N HIS A 277 18.11 3.30 5.20
CA HIS A 277 16.96 3.19 4.32
C HIS A 277 16.04 4.38 4.55
N PRO A 278 15.40 4.91 3.50
CA PRO A 278 14.58 6.13 3.70
C PRO A 278 13.49 5.99 4.75
N THR A 279 12.87 4.82 4.90
CA THR A 279 11.76 4.68 5.83
C THR A 279 11.90 3.49 6.77
N LEU A 280 12.87 2.62 6.55
CA LEU A 280 13.11 1.47 7.42
C LEU A 280 14.19 1.91 8.41
N GLU A 281 13.73 2.49 9.52
CA GLU A 281 14.61 3.11 10.49
C GLU A 281 15.72 2.16 10.95
N TRP A 282 15.40 0.87 11.09
CA TRP A 282 16.37 -0.10 11.60
C TRP A 282 17.46 -0.46 10.59
N PHE A 283 17.36 -0.02 9.33
CA PHE A 283 18.34 -0.47 8.35
C PHE A 283 19.74 0.03 8.68
N ALA A 284 19.84 1.30 9.12
CA ALA A 284 21.13 1.85 9.50
C ALA A 284 21.84 0.98 10.52
N ALA A 285 21.07 0.38 11.45
CA ALA A 285 21.62 -0.38 12.55
C ALA A 285 22.24 -1.69 12.12
N LEU A 286 22.02 -2.10 10.86
CA LEU A 286 22.72 -3.26 10.31
C LEU A 286 24.20 -2.98 10.07
N GLY A 287 24.63 -1.73 10.24
CA GLY A 287 26.04 -1.39 10.07
C GLY A 287 26.59 -1.55 8.67
N LEU A 288 25.74 -1.62 7.66
CA LEU A 288 26.22 -1.82 6.31
C LEU A 288 26.80 -0.53 5.76
N ARG A 289 27.85 -0.68 4.95
CA ARG A 289 28.55 0.42 4.29
C ARG A 289 28.99 -0.08 2.93
N TRP A 290 29.20 0.86 2.00
CA TRP A 290 29.93 0.56 0.79
C TRP A 290 30.76 1.80 0.40
N TYR A 291 31.81 1.56 -0.38
CA TYR A 291 32.68 2.65 -0.77
C TYR A 291 32.17 3.33 -2.03
N ALA A 292 32.64 4.56 -2.22
CA ALA A 292 32.12 5.41 -3.29
C ALA A 292 32.62 4.96 -4.65
N LEU A 293 33.87 4.54 -4.73
CA LEU A 293 34.57 4.49 -6.01
C LEU A 293 34.78 3.07 -6.48
N PRO A 294 34.06 2.61 -7.54
CA PRO A 294 34.39 1.32 -8.15
C PRO A 294 35.59 1.51 -9.08
N ALA A 295 36.73 1.00 -8.66
CA ALA A 295 37.99 1.21 -9.37
C ALA A 295 38.64 -0.16 -9.60
N VAL A 296 38.51 -0.66 -10.83
CA VAL A 296 38.98 -2.00 -11.17
C VAL A 296 40.47 -1.94 -11.48
N SER A 297 41.24 -2.79 -10.80
CA SER A 297 42.68 -2.67 -10.83
C SER A 297 43.34 -4.00 -11.17
N ASN A 298 42.65 -4.86 -11.90
CA ASN A 298 43.20 -6.15 -12.26
C ASN A 298 43.11 -6.46 -13.75
N MET A 299 42.56 -5.56 -14.56
CA MET A 299 42.38 -5.82 -15.98
C MET A 299 43.50 -5.20 -16.81
N LEU A 300 43.81 -5.84 -17.92
CA LEU A 300 44.91 -5.45 -18.78
C LEU A 300 44.36 -4.62 -19.95
N LEU A 301 44.89 -3.41 -20.10
CA LEU A 301 44.50 -2.53 -21.18
C LEU A 301 45.39 -2.80 -22.39
N GLU A 302 44.75 -3.16 -23.50
CA GLU A 302 45.45 -3.44 -24.75
C GLU A 302 45.09 -2.35 -25.75
N ILE A 303 46.10 -1.69 -26.28
CA ILE A 303 45.90 -0.63 -27.26
C ILE A 303 46.91 -0.81 -28.38
N GLY A 304 46.41 -1.07 -29.59
CA GLY A 304 47.29 -1.18 -30.75
C GLY A 304 48.40 -2.18 -30.59
N GLY A 305 48.12 -3.31 -29.94
CA GLY A 305 49.12 -4.33 -29.71
C GLY A 305 49.96 -4.15 -28.48
N LEU A 306 49.89 -3.00 -27.82
CA LEU A 306 50.62 -2.78 -26.58
C LEU A 306 49.73 -3.16 -25.41
N GLU A 307 50.35 -3.73 -24.37
CA GLU A 307 49.61 -4.29 -23.25
C GLU A 307 49.99 -3.55 -21.96
N PHE A 308 48.97 -3.18 -21.19
CA PHE A 308 49.14 -2.40 -19.98
C PHE A 308 48.54 -3.19 -18.83
N PRO A 309 49.31 -4.09 -18.20
CA PRO A 309 48.75 -4.93 -17.13
C PRO A 309 48.37 -4.15 -15.89
N ALA A 310 48.92 -2.95 -15.70
CA ALA A 310 48.52 -2.05 -14.61
C ALA A 310 47.90 -0.82 -15.24
N ALA A 311 46.58 -0.70 -15.12
CA ALA A 311 45.81 0.40 -15.69
C ALA A 311 44.46 0.52 -15.01
N PRO A 312 44.43 0.94 -13.74
CA PRO A 312 43.16 0.95 -13.00
C PRO A 312 42.19 1.99 -13.55
N PHE A 313 40.95 1.58 -13.79
CA PHE A 313 39.92 2.50 -14.22
C PHE A 313 38.77 2.54 -13.22
N SER A 314 38.10 3.68 -13.17
CA SER A 314 37.02 3.88 -12.23
C SER A 314 35.93 4.72 -12.88
N GLY A 315 34.73 4.60 -12.33
CA GLY A 315 33.61 5.38 -12.80
C GLY A 315 32.70 5.71 -11.63
N TRP A 316 31.46 5.27 -11.69
CA TRP A 316 30.59 5.32 -10.53
C TRP A 316 29.71 4.08 -10.56
N TYR A 317 29.20 3.73 -9.38
CA TYR A 317 28.46 2.50 -9.25
C TYR A 317 27.09 2.60 -9.93
N MET A 318 26.65 1.48 -10.48
CA MET A 318 25.23 1.26 -10.68
C MET A 318 24.71 0.62 -9.39
N SER A 319 23.56 1.10 -8.92
CA SER A 319 23.11 0.70 -7.59
C SER A 319 22.97 -0.81 -7.44
N THR A 320 22.59 -1.55 -8.50
CA THR A 320 22.42 -2.99 -8.35
C THR A 320 23.73 -3.69 -8.04
N GLU A 321 24.86 -3.13 -8.48
CA GLU A 321 26.14 -3.75 -8.18
C GLU A 321 26.34 -3.89 -6.68
N ILE A 322 26.03 -2.83 -5.93
CA ILE A 322 26.15 -2.87 -4.48
C ILE A 322 24.96 -3.58 -3.86
N GLY A 323 23.76 -3.07 -4.15
CA GLY A 323 22.56 -3.53 -3.47
C GLY A 323 22.16 -4.94 -3.84
N THR A 324 22.40 -5.34 -5.08
CA THR A 324 22.01 -6.69 -5.43
C THR A 324 23.15 -7.69 -5.36
N ARG A 325 24.27 -7.42 -6.06
CA ARG A 325 25.31 -8.44 -6.12
C ARG A 325 26.18 -8.45 -4.86
N ASN A 326 26.74 -7.30 -4.49
CA ASN A 326 27.69 -7.27 -3.37
C ASN A 326 27.02 -7.62 -2.06
N LEU A 327 25.82 -7.12 -1.83
CA LEU A 327 25.16 -7.35 -0.56
C LEU A 327 24.29 -8.59 -0.54
N CYS A 328 23.71 -9.01 -1.68
CA CYS A 328 22.73 -10.10 -1.65
C CYS A 328 23.18 -11.41 -2.30
N ASP A 329 24.27 -11.44 -3.06
CA ASP A 329 24.79 -12.72 -3.54
C ASP A 329 25.02 -13.66 -2.36
N PRO A 330 24.73 -14.95 -2.51
CA PRO A 330 24.97 -15.88 -1.41
C PRO A 330 26.43 -16.04 -1.06
N HIS A 331 27.33 -15.84 -2.04
CA HIS A 331 28.76 -15.94 -1.83
C HIS A 331 29.40 -14.59 -1.56
N ARG A 332 28.60 -13.55 -1.39
CA ARG A 332 29.08 -12.22 -1.05
C ARG A 332 28.59 -11.89 0.36
N TYR A 333 28.13 -10.67 0.65
CA TYR A 333 27.71 -10.36 2.01
C TYR A 333 26.44 -11.10 2.40
N ASN A 334 25.64 -11.57 1.43
CA ASN A 334 24.57 -12.53 1.68
C ASN A 334 23.61 -12.04 2.76
N ILE A 335 23.21 -10.78 2.68
CA ILE A 335 22.43 -10.16 3.74
C ILE A 335 20.93 -10.38 3.57
N LEU A 336 20.49 -10.97 2.46
CA LEU A 336 19.09 -10.93 2.06
C LEU A 336 18.16 -11.37 3.20
N GLU A 337 18.44 -12.53 3.80
CA GLU A 337 17.54 -13.05 4.82
C GLU A 337 17.56 -12.16 6.06
N ASP A 338 18.72 -11.63 6.41
CA ASP A 338 18.79 -10.76 7.57
C ASP A 338 17.88 -9.55 7.41
N VAL A 339 17.89 -8.93 6.23
CA VAL A 339 16.99 -7.83 5.95
C VAL A 339 15.54 -8.28 5.97
N ALA A 340 15.26 -9.45 5.37
CA ALA A 340 13.87 -9.92 5.35
C ALA A 340 13.37 -10.20 6.77
N VAL A 341 14.23 -10.74 7.63
CA VAL A 341 13.81 -10.95 9.01
C VAL A 341 13.44 -9.61 9.64
N CYS A 342 14.23 -8.58 9.37
CA CYS A 342 13.98 -7.25 9.91
C CYS A 342 12.71 -6.64 9.36
N MET A 343 12.35 -7.00 8.12
CA MET A 343 11.11 -6.50 7.53
C MET A 343 9.90 -7.32 7.94
N ASP A 344 10.11 -8.33 8.78
CA ASP A 344 9.04 -9.22 9.23
C ASP A 344 8.37 -9.94 8.05
N LEU A 345 9.17 -10.33 7.06
CA LEU A 345 8.68 -11.04 5.90
C LEU A 345 8.63 -12.53 6.18
N ASP A 346 7.82 -13.24 5.40
CA ASP A 346 7.63 -14.68 5.58
C ASP A 346 8.73 -15.40 4.82
N THR A 347 9.84 -15.68 5.51
CA THR A 347 10.94 -16.40 4.89
C THR A 347 10.71 -17.90 4.82
N ARG A 348 9.53 -18.37 5.20
CA ARG A 348 9.28 -19.81 5.26
C ARG A 348 8.79 -20.36 3.93
N THR A 349 8.29 -19.51 3.04
CA THR A 349 7.84 -19.92 1.72
C THR A 349 8.49 -19.03 0.66
N THR A 350 9.01 -19.65 -0.41
CA THR A 350 9.61 -18.87 -1.49
C THR A 350 8.56 -18.00 -2.17
N SER A 351 7.30 -18.44 -2.18
CA SER A 351 6.29 -17.78 -2.99
C SER A 351 5.76 -16.52 -2.34
N SER A 352 6.17 -16.21 -1.11
CA SER A 352 5.93 -14.87 -0.59
C SER A 352 6.77 -13.82 -1.30
N LEU A 353 7.76 -14.25 -2.08
CA LEU A 353 8.73 -13.35 -2.72
C LEU A 353 9.45 -12.47 -1.69
N TRP A 354 9.63 -12.97 -0.48
CA TRP A 354 10.38 -12.22 0.51
C TRP A 354 11.78 -11.85 0.01
N LYS A 355 12.43 -12.76 -0.71
CA LYS A 355 13.74 -12.44 -1.27
C LYS A 355 13.66 -11.22 -2.17
N ASP A 356 12.68 -11.21 -3.07
CA ASP A 356 12.51 -10.10 -3.99
C ASP A 356 12.25 -8.80 -3.27
N LYS A 357 11.38 -8.83 -2.26
CA LYS A 357 11.03 -7.61 -1.53
C LYS A 357 12.24 -7.09 -0.77
N ALA A 358 12.97 -7.97 -0.08
CA ALA A 358 14.16 -7.55 0.66
C ALA A 358 15.20 -6.97 -0.27
N ALA A 359 15.42 -7.63 -1.40
CA ALA A 359 16.38 -7.13 -2.35
C ALA A 359 16.04 -5.73 -2.81
N VAL A 360 14.77 -5.49 -3.17
CA VAL A 360 14.40 -4.16 -3.66
C VAL A 360 14.67 -3.09 -2.60
N GLU A 361 14.42 -3.41 -1.32
CA GLU A 361 14.62 -2.38 -0.30
C GLU A 361 16.10 -2.15 -0.02
N ILE A 362 16.91 -3.19 -0.11
CA ILE A 362 18.35 -2.99 -0.05
C ILE A 362 18.81 -2.09 -1.18
N ASN A 363 18.31 -2.31 -2.40
CA ASN A 363 18.64 -1.41 -3.51
C ASN A 363 18.11 -0.01 -3.28
N VAL A 364 16.92 0.11 -2.69
CA VAL A 364 16.44 1.45 -2.35
C VAL A 364 17.40 2.11 -1.36
N ALA A 365 17.88 1.35 -0.39
CA ALA A 365 18.76 1.92 0.63
C ALA A 365 20.10 2.32 0.05
N VAL A 366 20.59 1.59 -0.95
CA VAL A 366 21.84 2.00 -1.57
C VAL A 366 21.67 3.33 -2.29
N LEU A 367 20.66 3.41 -3.16
CA LEU A 367 20.40 4.65 -3.88
C LEU A 367 20.18 5.82 -2.95
N HIS A 368 19.34 5.61 -1.92
CA HIS A 368 19.06 6.68 -0.98
C HIS A 368 20.32 7.12 -0.24
N SER A 369 21.12 6.15 0.21
CA SER A 369 22.31 6.48 1.00
C SER A 369 23.33 7.24 0.17
N TYR A 370 23.60 6.76 -1.05
CA TYR A 370 24.54 7.47 -1.92
C TYR A 370 24.03 8.85 -2.29
N GLN A 371 22.73 8.97 -2.58
CA GLN A 371 22.17 10.28 -2.91
C GLN A 371 22.24 11.22 -1.71
N LEU A 372 22.04 10.69 -0.51
CA LEU A 372 22.16 11.54 0.69
C LEU A 372 23.61 11.92 0.94
N ALA A 373 24.53 10.97 0.79
CA ALA A 373 25.95 11.25 0.87
C ALA A 373 26.44 12.09 -0.30
N LYS A 374 25.57 12.41 -1.27
CA LYS A 374 25.93 13.15 -2.47
C LYS A 374 27.09 12.49 -3.21
N VAL A 375 27.04 11.16 -3.33
CA VAL A 375 28.01 10.40 -4.09
C VAL A 375 27.31 9.91 -5.34
N THR A 376 27.94 10.12 -6.48
CA THR A 376 27.31 9.77 -7.75
C THR A 376 26.93 8.29 -7.75
N ILE A 377 25.70 8.01 -8.16
CA ILE A 377 25.26 6.63 -8.38
C ILE A 377 24.13 6.69 -9.39
N VAL A 378 23.90 5.56 -10.06
CA VAL A 378 22.89 5.49 -11.09
C VAL A 378 22.10 4.18 -10.90
N ASP A 379 20.77 4.31 -10.88
CA ASP A 379 19.94 3.13 -10.74
C ASP A 379 19.92 2.35 -12.06
N HIS A 380 19.52 1.08 -11.96
CA HIS A 380 19.55 0.22 -13.14
C HIS A 380 18.55 0.63 -14.22
N HIS A 381 17.48 1.33 -13.86
CA HIS A 381 16.58 1.84 -14.90
C HIS A 381 17.24 2.95 -15.68
N ALA A 382 17.82 3.93 -14.99
CA ALA A 382 18.47 5.04 -15.67
C ALA A 382 19.64 4.53 -16.50
N ALA A 383 20.44 3.61 -15.94
CA ALA A 383 21.62 3.15 -16.64
C ALA A 383 21.25 2.40 -17.92
N THR A 384 20.25 1.51 -17.84
CA THR A 384 19.87 0.76 -19.04
C THR A 384 19.22 1.67 -20.07
N ALA A 385 18.42 2.64 -19.63
CA ALA A 385 17.83 3.59 -20.55
C ALA A 385 18.92 4.36 -21.30
N SER A 386 19.95 4.82 -20.58
CA SER A 386 21.08 5.46 -21.25
CA SER A 386 21.07 5.47 -21.24
C SER A 386 21.81 4.49 -22.15
N PHE A 387 21.87 3.21 -21.77
CA PHE A 387 22.56 2.27 -22.63
C PHE A 387 21.82 2.10 -23.95
N MET A 388 20.49 2.10 -23.91
CA MET A 388 19.73 2.06 -25.16
C MET A 388 20.05 3.29 -26.01
N LYS A 389 20.11 4.46 -25.39
CA LYS A 389 20.58 5.63 -26.09
C LYS A 389 21.98 5.39 -26.66
N HIS A 390 22.85 4.76 -25.86
CA HIS A 390 24.19 4.45 -26.34
C HIS A 390 24.13 3.55 -27.55
N LEU A 391 23.27 2.53 -27.54
CA LEU A 391 23.19 1.63 -28.68
C LEU A 391 22.78 2.38 -29.94
N GLU A 392 21.78 3.26 -29.83
CA GLU A 392 21.35 4.01 -31.01
C GLU A 392 22.48 4.91 -31.52
N ASN A 393 23.17 5.60 -30.61
CA ASN A 393 24.35 6.39 -30.99
C ASN A 393 25.38 5.52 -31.71
N GLU A 394 25.74 4.39 -31.10
CA GLU A 394 26.77 3.54 -31.72
C GLU A 394 26.30 2.98 -33.04
N GLN A 395 25.00 2.70 -33.17
CA GLN A 395 24.46 2.29 -34.47
C GLN A 395 24.78 3.32 -35.54
N LYS A 396 24.50 4.60 -35.25
CA LYS A 396 24.75 5.65 -36.22
C LYS A 396 26.24 5.88 -36.42
N ALA A 397 27.01 5.87 -35.33
CA ALA A 397 28.44 6.18 -35.42
C ALA A 397 29.20 5.06 -36.12
N ARG A 398 29.04 3.82 -35.65
CA ARG A 398 29.94 2.74 -36.03
C ARG A 398 29.22 1.52 -36.60
N GLY A 399 27.90 1.56 -36.76
CA GLY A 399 27.20 0.43 -37.33
C GLY A 399 26.98 -0.73 -36.39
N GLY A 400 26.91 -0.48 -35.08
CA GLY A 400 26.60 -1.53 -34.14
C GLY A 400 27.29 -1.28 -32.83
N CYS A 401 27.26 -2.29 -31.96
CA CYS A 401 27.84 -2.12 -30.63
C CYS A 401 27.99 -3.47 -29.95
N PRO A 402 29.20 -3.87 -29.57
CA PRO A 402 29.37 -5.14 -28.86
C PRO A 402 28.75 -5.04 -27.48
N ALA A 403 27.83 -5.94 -27.21
CA ALA A 403 27.12 -5.91 -25.95
C ALA A 403 26.90 -7.35 -25.53
N ASP A 404 27.22 -7.62 -24.27
CA ASP A 404 27.06 -8.93 -23.66
C ASP A 404 25.73 -8.89 -22.90
N TRP A 405 24.70 -9.47 -23.51
CA TRP A 405 23.35 -9.40 -22.97
C TRP A 405 23.29 -9.76 -21.49
N ALA A 406 23.96 -10.84 -21.10
CA ALA A 406 23.86 -11.36 -19.74
C ALA A 406 24.43 -10.38 -18.72
N TRP A 407 25.33 -9.50 -19.13
CA TRP A 407 25.96 -8.53 -18.25
C TRP A 407 25.32 -7.17 -18.33
N ILE A 408 24.68 -6.84 -19.45
CA ILE A 408 24.00 -5.56 -19.61
C ILE A 408 22.68 -5.55 -18.86
N VAL A 409 21.91 -6.62 -18.99
CA VAL A 409 20.65 -6.77 -18.27
C VAL A 409 20.94 -6.83 -16.78
N PRO A 410 20.34 -5.95 -16.00
CA PRO A 410 20.67 -5.87 -14.57
C PRO A 410 20.22 -7.12 -13.83
N PRO A 411 20.75 -7.36 -12.63
CA PRO A 411 20.45 -8.60 -11.91
C PRO A 411 19.15 -8.58 -11.10
N ILE A 412 18.47 -7.46 -11.02
CA ILE A 412 17.07 -7.44 -10.57
C ILE A 412 16.26 -6.78 -11.66
N SER A 413 14.98 -7.16 -11.73
CA SER A 413 14.03 -6.50 -12.62
C SER A 413 14.52 -6.43 -14.06
N GLY A 414 15.22 -7.47 -14.50
CA GLY A 414 15.72 -7.54 -15.86
C GLY A 414 14.73 -7.09 -16.93
N SER A 415 13.56 -7.74 -16.99
CA SER A 415 12.64 -7.43 -18.09
C SER A 415 11.92 -6.11 -17.89
N LEU A 416 12.12 -5.44 -16.76
CA LEU A 416 11.60 -4.09 -16.54
C LEU A 416 12.50 -3.03 -17.15
N THR A 417 13.65 -3.42 -17.62
CA THR A 417 14.52 -2.48 -18.31
C THR A 417 14.45 -2.73 -19.81
N PRO A 418 14.71 -1.72 -20.64
CA PRO A 418 14.60 -1.92 -22.10
C PRO A 418 15.67 -2.82 -22.67
N VAL A 419 16.83 -2.95 -22.01
CA VAL A 419 17.86 -3.79 -22.59
C VAL A 419 17.44 -5.25 -22.65
N PHE A 420 16.56 -5.67 -21.74
CA PHE A 420 16.09 -7.06 -21.75
C PHE A 420 15.48 -7.43 -23.08
N HIS A 421 14.72 -6.51 -23.66
CA HIS A 421 13.97 -6.81 -24.88
C HIS A 421 14.76 -6.47 -26.13
N GLN A 422 16.01 -6.07 -25.95
CA GLN A 422 16.90 -5.70 -27.05
C GLN A 422 17.83 -6.87 -27.33
N GLU A 423 17.78 -7.38 -28.55
CA GLU A 423 18.78 -8.35 -28.97
C GLU A 423 20.13 -7.68 -29.12
N MET A 424 21.18 -8.44 -28.84
CA MET A 424 22.52 -7.89 -28.81
C MET A 424 23.49 -8.84 -29.46
N VAL A 425 24.58 -8.28 -29.96
CA VAL A 425 25.66 -9.03 -30.58
C VAL A 425 26.92 -8.79 -29.75
N ASN A 426 27.61 -9.87 -29.41
CA ASN A 426 28.78 -9.83 -28.56
C ASN A 426 30.00 -10.27 -29.36
N TYR A 427 31.07 -9.49 -29.28
CA TYR A 427 32.28 -9.75 -30.04
C TYR A 427 33.39 -8.85 -29.52
N PHE A 428 34.63 -9.20 -29.86
CA PHE A 428 35.81 -8.54 -29.34
C PHE A 428 36.30 -7.52 -30.36
N LEU A 429 36.37 -6.25 -29.94
CA LEU A 429 37.03 -5.21 -30.71
C LEU A 429 38.24 -4.71 -29.95
N SER A 430 39.18 -4.13 -30.70
CA SER A 430 40.34 -3.50 -30.09
C SER A 430 40.33 -2.00 -30.36
N PRO A 431 40.88 -1.16 -29.46
CA PRO A 431 41.48 -1.53 -28.17
C PRO A 431 40.48 -2.09 -27.17
N ALA A 432 40.99 -2.75 -26.14
CA ALA A 432 40.10 -3.48 -25.24
C ALA A 432 40.66 -3.51 -23.83
N PHE A 433 39.75 -3.71 -22.88
CA PHE A 433 40.09 -4.21 -21.57
C PHE A 433 39.98 -5.73 -21.59
N ARG A 434 41.04 -6.41 -21.19
CA ARG A 434 41.13 -7.86 -21.20
C ARG A 434 41.36 -8.35 -19.77
N TYR A 435 40.73 -9.48 -19.43
CA TYR A 435 41.11 -10.17 -18.21
C TYR A 435 42.53 -10.70 -18.31
N GLN A 436 43.12 -11.00 -17.17
CA GLN A 436 44.48 -11.49 -17.15
C GLN A 436 44.67 -12.33 -15.89
N PRO A 437 45.67 -13.22 -15.88
CA PRO A 437 45.88 -14.08 -14.71
C PRO A 437 46.27 -13.27 -13.49
N ASP A 438 45.94 -13.81 -12.33
CA ASP A 438 46.44 -13.23 -11.10
C ASP A 438 47.97 -13.36 -11.08
N PRO A 439 48.69 -12.32 -10.65
CA PRO A 439 50.15 -12.37 -10.67
C PRO A 439 50.73 -13.24 -9.56
N TRP A 440 50.13 -14.41 -9.33
CA TRP A 440 50.67 -15.39 -8.40
C TRP A 440 50.18 -16.79 -8.76
N PHE B 28 35.95 -29.90 -24.61
CA PHE B 28 34.78 -29.89 -23.73
C PHE B 28 34.73 -28.64 -22.87
N PRO B 29 33.66 -27.86 -23.02
CA PRO B 29 33.58 -26.60 -22.28
C PRO B 29 33.55 -26.82 -20.78
N ARG B 30 34.44 -26.14 -20.07
CA ARG B 30 34.35 -26.08 -18.62
C ARG B 30 33.24 -25.13 -18.22
N VAL B 31 32.45 -25.55 -17.23
CA VAL B 31 31.28 -24.82 -16.80
C VAL B 31 31.39 -24.63 -15.30
N LYS B 32 31.32 -23.38 -14.87
CA LYS B 32 31.47 -23.05 -13.46
C LYS B 32 30.16 -22.55 -12.88
N ASN B 33 29.90 -22.93 -11.64
CA ASN B 33 28.88 -22.30 -10.82
C ASN B 33 29.58 -21.31 -9.88
N TRP B 34 29.17 -20.05 -9.93
CA TRP B 34 29.95 -19.03 -9.21
C TRP B 34 29.47 -18.82 -7.78
N GLU B 35 28.26 -19.27 -7.45
CA GLU B 35 27.80 -19.24 -6.07
C GLU B 35 28.55 -20.26 -5.22
N VAL B 36 28.82 -21.44 -5.77
CA VAL B 36 29.36 -22.56 -5.01
C VAL B 36 30.82 -22.76 -5.37
N GLY B 37 31.19 -22.41 -6.59
CA GLY B 37 32.52 -22.61 -7.08
C GLY B 37 32.76 -23.93 -7.79
N SER B 38 31.73 -24.76 -7.94
CA SER B 38 31.86 -26.08 -8.53
C SER B 38 32.04 -26.00 -10.04
N ILE B 39 32.65 -27.05 -10.61
CA ILE B 39 33.07 -27.06 -12.00
C ILE B 39 32.69 -28.40 -12.64
N THR B 40 32.03 -28.35 -13.78
CA THR B 40 31.72 -29.51 -14.58
C THR B 40 32.15 -29.26 -16.02
N TYR B 41 32.15 -30.31 -16.83
CA TYR B 41 32.47 -30.20 -18.25
C TYR B 41 31.29 -30.72 -19.04
N ASP B 42 30.76 -29.89 -19.93
CA ASP B 42 29.57 -30.25 -20.71
C ASP B 42 30.03 -31.09 -21.90
N THR B 43 30.15 -32.40 -21.67
CA THR B 43 30.53 -33.32 -22.74
C THR B 43 29.37 -33.59 -23.70
N LEU B 44 28.13 -33.42 -23.25
CA LEU B 44 26.99 -33.66 -24.14
C LEU B 44 26.98 -32.68 -25.31
N SER B 45 27.57 -31.49 -25.15
CA SER B 45 27.54 -30.50 -26.22
C SER B 45 28.23 -31.00 -27.47
N ALA B 46 29.24 -31.87 -27.34
CA ALA B 46 29.93 -32.41 -28.50
C ALA B 46 29.00 -33.22 -29.41
N GLN B 47 27.79 -33.54 -28.96
CA GLN B 47 26.84 -34.26 -29.79
C GLN B 47 25.82 -33.35 -30.46
N ALA B 48 25.81 -32.06 -30.12
CA ALA B 48 24.89 -31.08 -30.70
C ALA B 48 24.85 -31.18 -32.22
N GLN B 49 23.71 -31.62 -32.74
CA GLN B 49 23.54 -31.84 -34.18
C GLN B 49 23.44 -30.51 -34.93
N GLN B 50 22.24 -29.94 -35.01
CA GLN B 50 22.04 -28.74 -35.81
C GLN B 50 22.80 -27.56 -35.21
N ASP B 51 23.07 -26.58 -36.06
CA ASP B 51 23.99 -25.50 -35.71
C ASP B 51 23.21 -24.28 -35.25
N GLY B 52 23.69 -23.67 -34.17
CA GLY B 52 23.13 -22.44 -33.68
C GLY B 52 23.66 -21.24 -34.44
N PRO B 53 23.43 -20.03 -33.91
CA PRO B 53 23.78 -18.81 -34.65
C PRO B 53 25.12 -18.20 -34.33
N CYS B 54 25.84 -18.71 -33.33
CA CYS B 54 27.10 -18.09 -32.91
C CYS B 54 28.28 -18.62 -33.70
N THR B 55 29.31 -17.78 -33.81
CA THR B 55 30.59 -18.14 -34.37
C THR B 55 31.68 -17.66 -33.42
N PRO B 56 32.93 -18.06 -33.65
CA PRO B 56 34.02 -17.49 -32.84
C PRO B 56 34.13 -15.99 -33.00
N ARG B 57 33.66 -15.45 -34.12
CA ARG B 57 33.73 -14.01 -34.34
C ARG B 57 32.73 -13.26 -33.47
N ARG B 58 31.54 -13.82 -33.27
CA ARG B 58 30.49 -13.10 -32.57
C ARG B 58 29.47 -14.08 -32.00
N CYS B 59 28.99 -13.77 -30.80
CA CYS B 59 27.95 -14.52 -30.14
C CYS B 59 26.59 -13.91 -30.45
N LEU B 60 25.64 -14.74 -30.89
CA LEU B 60 24.27 -14.29 -31.10
C LEU B 60 23.31 -15.00 -30.15
N GLY B 61 23.80 -15.35 -28.95
CA GLY B 61 22.99 -16.06 -27.99
C GLY B 61 21.69 -15.34 -27.64
N SER B 62 21.70 -14.02 -27.61
CA SER B 62 20.51 -13.27 -27.19
C SER B 62 19.42 -13.22 -28.26
N LEU B 63 19.68 -13.70 -29.47
CA LEU B 63 18.64 -13.64 -30.50
C LEU B 63 17.50 -14.58 -30.15
N VAL B 64 16.27 -14.08 -30.31
CA VAL B 64 15.09 -14.88 -30.01
C VAL B 64 14.96 -16.04 -30.99
N PHE B 65 15.09 -15.75 -32.27
CA PHE B 65 15.04 -16.82 -33.26
C PHE B 65 16.45 -17.01 -33.79
N PRO B 66 17.18 -18.03 -33.30
CA PRO B 66 18.59 -18.34 -33.60
C PRO B 66 18.77 -19.16 -34.90
N ALA B 79 15.73 -35.78 -50.10
CA ALA B 79 16.80 -35.94 -49.12
C ALA B 79 16.55 -37.10 -48.16
N PRO B 80 16.60 -38.35 -48.68
CA PRO B 80 16.33 -39.51 -47.83
C PRO B 80 17.49 -39.87 -46.90
N GLU B 81 18.72 -39.72 -47.38
CA GLU B 81 19.89 -40.13 -46.60
C GLU B 81 19.98 -39.37 -45.29
N GLN B 82 19.59 -38.09 -45.28
CA GLN B 82 19.67 -37.28 -44.08
C GLN B 82 18.52 -37.60 -43.14
N LEU B 83 17.33 -37.84 -43.69
CA LEU B 83 16.26 -38.38 -42.87
C LEU B 83 16.72 -39.69 -42.23
N LEU B 84 17.35 -40.57 -43.01
CA LEU B 84 17.88 -41.82 -42.49
C LEU B 84 18.78 -41.59 -41.27
N SER B 85 19.81 -40.74 -41.44
CA SER B 85 20.80 -40.59 -40.37
C SER B 85 20.20 -39.96 -39.12
N GLN B 86 19.24 -39.05 -39.28
CA GLN B 86 18.51 -38.54 -38.11
C GLN B 86 17.69 -39.65 -37.46
N ALA B 87 16.93 -40.39 -38.26
CA ALA B 87 16.15 -41.51 -37.73
C ALA B 87 17.07 -42.50 -37.03
N ARG B 88 18.18 -42.83 -37.67
CA ARG B 88 19.12 -43.80 -37.11
C ARG B 88 19.60 -43.34 -35.74
N ASP B 89 19.94 -42.06 -35.62
CA ASP B 89 20.40 -41.53 -34.34
C ASP B 89 19.31 -41.60 -33.27
N PHE B 90 18.08 -41.25 -33.64
CA PHE B 90 17.00 -41.27 -32.67
C PHE B 90 16.70 -42.71 -32.23
N ILE B 91 16.62 -43.65 -33.19
CA ILE B 91 16.40 -45.04 -32.84
C ILE B 91 17.48 -45.51 -31.86
N ASN B 92 18.74 -45.18 -32.16
CA ASN B 92 19.83 -45.40 -31.22
C ASN B 92 19.51 -44.84 -29.84
N GLN B 93 19.09 -43.57 -29.79
CA GLN B 93 18.72 -42.98 -28.50
C GLN B 93 17.67 -43.83 -27.81
N TYR B 94 16.58 -44.14 -28.52
CA TYR B 94 15.48 -44.88 -27.91
C TYR B 94 15.95 -46.22 -27.37
N TYR B 95 16.74 -46.96 -28.16
CA TYR B 95 17.19 -48.26 -27.69
C TYR B 95 18.25 -48.15 -26.59
N SER B 96 18.98 -47.03 -26.53
CA SER B 96 19.81 -46.77 -25.36
C SER B 96 18.96 -46.60 -24.11
N SER B 97 17.84 -45.88 -24.24
CA SER B 97 16.99 -45.62 -23.09
C SER B 97 16.38 -46.90 -22.52
N ILE B 98 16.07 -47.89 -23.36
CA ILE B 98 15.40 -49.10 -22.88
C ILE B 98 16.45 -50.19 -22.64
N LYS B 99 17.72 -49.80 -22.63
CA LYS B 99 18.82 -50.72 -22.34
C LYS B 99 18.85 -51.87 -23.33
N ARG B 100 18.71 -51.54 -24.61
CA ARG B 100 18.72 -52.56 -25.66
C ARG B 100 19.63 -52.16 -26.83
N SER B 101 20.65 -51.35 -26.56
CA SER B 101 21.55 -50.89 -27.60
CA SER B 101 21.56 -50.88 -27.60
C SER B 101 22.32 -52.05 -28.21
N GLY B 102 22.34 -52.10 -29.55
CA GLY B 102 23.03 -53.18 -30.25
C GLY B 102 22.37 -54.53 -30.13
N SER B 103 21.05 -54.57 -30.00
CA SER B 103 20.30 -55.80 -29.82
C SER B 103 19.55 -56.16 -31.10
N GLN B 104 18.92 -57.35 -31.07
CA GLN B 104 18.07 -57.80 -32.16
C GLN B 104 17.03 -56.75 -32.51
N ALA B 105 16.18 -56.40 -31.54
CA ALA B 105 15.11 -55.44 -31.79
C ALA B 105 15.66 -54.14 -32.34
N HIS B 106 16.87 -53.76 -31.91
CA HIS B 106 17.45 -52.49 -32.32
C HIS B 106 17.84 -52.51 -33.79
N GLU B 107 18.65 -53.49 -34.20
CA GLU B 107 19.03 -53.55 -35.61
C GLU B 107 17.83 -53.80 -36.49
N GLN B 108 16.91 -54.66 -36.04
CA GLN B 108 15.66 -54.88 -36.75
C GLN B 108 14.94 -53.57 -37.01
N ARG B 109 14.87 -52.71 -35.99
CA ARG B 109 14.19 -51.42 -36.15
C ARG B 109 14.95 -50.53 -37.13
N LEU B 110 16.27 -50.41 -36.94
CA LEU B 110 17.10 -49.74 -37.94
C LEU B 110 16.81 -50.27 -39.33
N GLN B 111 16.81 -51.59 -39.48
CA GLN B 111 16.45 -52.19 -40.77
C GLN B 111 15.08 -51.74 -41.22
N GLU B 112 14.08 -51.86 -40.34
CA GLU B 112 12.72 -51.48 -40.67
C GLU B 112 12.65 -50.05 -41.21
N VAL B 113 13.34 -49.13 -40.54
CA VAL B 113 13.22 -47.72 -40.87
C VAL B 113 13.85 -47.42 -42.23
N GLU B 114 15.01 -48.02 -42.53
CA GLU B 114 15.61 -47.83 -43.84
C GLU B 114 14.69 -48.33 -44.95
N ALA B 115 14.18 -49.56 -44.82
CA ALA B 115 13.29 -50.11 -45.83
C ALA B 115 12.01 -49.30 -45.97
N GLU B 116 11.50 -48.72 -44.88
CA GLU B 116 10.36 -47.83 -45.00
C GLU B 116 10.72 -46.55 -45.75
N VAL B 117 11.89 -45.99 -45.45
CA VAL B 117 12.27 -44.74 -46.11
C VAL B 117 12.50 -44.97 -47.60
N ALA B 118 13.12 -46.10 -47.95
CA ALA B 118 13.31 -46.44 -49.36
C ALA B 118 11.98 -46.68 -50.07
N ALA B 119 11.02 -47.28 -49.38
CA ALA B 119 9.75 -47.63 -50.00
C ALA B 119 8.72 -46.51 -49.95
N THR B 120 8.74 -45.66 -48.91
CA THR B 120 7.77 -44.60 -48.76
C THR B 120 8.35 -43.20 -48.71
N GLY B 121 9.67 -43.04 -48.65
CA GLY B 121 10.24 -41.73 -48.43
C GLY B 121 10.15 -41.24 -47.00
N THR B 122 9.55 -42.02 -46.11
CA THR B 122 9.43 -41.66 -44.70
C THR B 122 9.22 -42.94 -43.91
N TYR B 123 8.87 -42.79 -42.63
CA TYR B 123 8.66 -43.94 -41.76
C TYR B 123 7.76 -43.48 -40.63
N GLN B 124 7.32 -44.45 -39.83
CA GLN B 124 6.36 -44.21 -38.76
C GLN B 124 6.95 -44.62 -37.43
N LEU B 125 6.77 -43.76 -36.43
CA LEU B 125 7.21 -44.06 -35.08
C LEU B 125 6.31 -45.10 -34.44
N ARG B 126 6.92 -46.08 -33.78
CA ARG B 126 6.19 -46.88 -32.82
C ARG B 126 5.71 -45.99 -31.69
N GLU B 127 4.64 -46.42 -31.02
CA GLU B 127 4.04 -45.59 -29.98
C GLU B 127 5.02 -45.28 -28.87
N SER B 128 5.79 -46.27 -28.41
CA SER B 128 6.74 -46.03 -27.34
CA SER B 128 6.75 -46.03 -27.34
C SER B 128 7.88 -45.12 -27.81
N GLU B 129 8.26 -45.20 -29.08
CA GLU B 129 9.25 -44.27 -29.60
C GLU B 129 8.70 -42.85 -29.62
N LEU B 130 7.41 -42.71 -29.95
CA LEU B 130 6.80 -41.38 -29.93
C LEU B 130 6.79 -40.82 -28.53
N VAL B 131 6.41 -41.62 -27.55
CA VAL B 131 6.39 -41.13 -26.16
C VAL B 131 7.79 -40.72 -25.74
N PHE B 132 8.77 -41.59 -25.98
CA PHE B 132 10.14 -41.27 -25.63
C PHE B 132 10.63 -40.04 -26.37
N GLY B 133 10.28 -39.91 -27.65
CA GLY B 133 10.73 -38.77 -28.44
C GLY B 133 10.15 -37.45 -27.96
N ALA B 134 8.90 -37.47 -27.50
CA ALA B 134 8.29 -36.24 -27.01
C ALA B 134 8.90 -35.83 -25.67
N LYS B 135 9.16 -36.78 -24.78
CA LYS B 135 9.84 -36.47 -23.53
C LYS B 135 11.24 -35.97 -23.77
N GLN B 136 11.96 -36.59 -24.70
CA GLN B 136 13.31 -36.13 -25.02
C GLN B 136 13.28 -34.72 -25.59
N ALA B 137 12.27 -34.41 -26.41
CA ALA B 137 12.17 -33.06 -26.97
C ALA B 137 12.08 -32.03 -25.85
N TRP B 138 11.21 -32.29 -24.88
CA TRP B 138 11.13 -31.42 -23.71
C TRP B 138 12.44 -31.37 -22.94
N ARG B 139 13.00 -32.55 -22.65
CA ARG B 139 14.28 -32.64 -21.95
C ARG B 139 15.38 -31.84 -22.66
N ASN B 140 15.37 -31.82 -24.00
CA ASN B 140 16.39 -31.14 -24.79
C ASN B 140 16.14 -29.64 -24.97
N ALA B 141 15.00 -29.11 -24.53
CA ALA B 141 14.59 -27.75 -24.84
C ALA B 141 15.43 -26.78 -24.00
N PRO B 142 16.36 -26.04 -24.60
CA PRO B 142 17.32 -25.27 -23.77
C PRO B 142 16.68 -24.12 -23.01
N ARG B 143 15.58 -23.56 -23.50
CA ARG B 143 14.95 -22.41 -22.87
C ARG B 143 13.89 -22.79 -21.84
N CYS B 144 13.66 -24.09 -21.58
CA CYS B 144 12.66 -24.49 -20.60
C CYS B 144 13.32 -24.65 -19.24
N VAL B 145 12.91 -23.82 -18.27
CA VAL B 145 13.36 -23.98 -16.88
C VAL B 145 12.61 -25.07 -16.14
N GLY B 146 11.48 -25.54 -16.68
CA GLY B 146 10.65 -26.52 -16.00
C GLY B 146 11.05 -27.97 -16.24
N ARG B 147 12.23 -28.16 -16.82
CA ARG B 147 12.64 -29.48 -17.30
C ARG B 147 12.93 -30.51 -16.22
N ILE B 148 12.91 -30.19 -14.91
CA ILE B 148 13.01 -31.25 -13.90
C ILE B 148 11.90 -32.29 -14.10
N GLN B 149 10.75 -31.84 -14.62
CA GLN B 149 9.56 -32.66 -14.83
C GLN B 149 9.55 -33.43 -16.14
N TRP B 150 10.66 -33.43 -16.89
CA TRP B 150 10.59 -33.82 -18.29
C TRP B 150 10.09 -35.25 -18.45
N GLY B 151 10.49 -36.15 -17.56
CA GLY B 151 10.03 -37.53 -17.56
C GLY B 151 8.55 -37.71 -17.30
N LYS B 152 7.90 -36.71 -16.70
CA LYS B 152 6.48 -36.78 -16.36
C LYS B 152 5.73 -35.97 -17.43
N LEU B 153 5.37 -36.64 -18.52
CA LEU B 153 4.66 -35.98 -19.60
C LEU B 153 3.63 -36.97 -20.12
N GLN B 154 2.38 -36.56 -20.20
CA GLN B 154 1.35 -37.40 -20.77
C GLN B 154 1.31 -37.18 -22.28
N VAL B 155 1.56 -38.24 -23.04
CA VAL B 155 1.65 -38.14 -24.50
C VAL B 155 0.36 -38.70 -25.08
N PHE B 156 -0.41 -37.84 -25.74
CA PHE B 156 -1.63 -38.24 -26.43
C PHE B 156 -1.31 -38.43 -27.91
N ASP B 157 -1.45 -39.65 -28.38
CA ASP B 157 -1.15 -40.00 -29.75
C ASP B 157 -2.38 -39.70 -30.60
N ALA B 158 -2.39 -38.53 -31.24
CA ALA B 158 -3.46 -38.19 -32.18
C ALA B 158 -3.01 -38.34 -33.63
N ARG B 159 -2.06 -39.24 -33.88
CA ARG B 159 -1.54 -39.37 -35.23
C ARG B 159 -2.54 -39.95 -36.21
N ASP B 160 -3.65 -40.51 -35.74
CA ASP B 160 -4.72 -40.96 -36.61
C ASP B 160 -5.70 -39.85 -36.96
N CYS B 161 -5.50 -38.64 -36.44
CA CYS B 161 -6.43 -37.54 -36.63
C CYS B 161 -6.70 -37.32 -38.11
N ARG B 162 -7.98 -37.19 -38.44
CA ARG B 162 -8.42 -37.21 -39.83
C ARG B 162 -8.91 -35.87 -40.35
N SER B 163 -9.25 -34.94 -39.47
CA SER B 163 -9.86 -33.68 -39.87
C SER B 163 -9.61 -32.63 -38.80
N ALA B 164 -9.99 -31.39 -39.11
CA ALA B 164 -9.89 -30.33 -38.11
C ALA B 164 -10.92 -30.51 -37.00
N GLN B 165 -12.07 -31.10 -37.34
CA GLN B 165 -13.07 -31.42 -36.33
C GLN B 165 -12.52 -32.41 -35.31
N GLU B 166 -11.88 -33.48 -35.79
CA GLU B 166 -11.29 -34.45 -34.88
C GLU B 166 -10.13 -33.82 -34.11
N MET B 167 -9.31 -33.03 -34.81
CA MET B 167 -8.27 -32.25 -34.16
C MET B 167 -8.83 -31.45 -32.99
N PHE B 168 -9.96 -30.77 -33.21
CA PHE B 168 -10.59 -30.00 -32.14
C PHE B 168 -10.91 -30.86 -30.93
N THR B 169 -11.45 -32.08 -31.13
CA THR B 169 -11.83 -32.91 -30.00
C THR B 169 -10.61 -33.38 -29.22
N TYR B 170 -9.55 -33.77 -29.92
CA TYR B 170 -8.29 -34.11 -29.29
C TYR B 170 -7.77 -32.97 -28.44
N ILE B 171 -7.94 -31.74 -28.92
CA ILE B 171 -7.42 -30.58 -28.21
C ILE B 171 -8.25 -30.32 -26.95
N CYS B 172 -9.57 -30.34 -27.08
CA CYS B 172 -10.44 -30.24 -25.92
C CYS B 172 -10.11 -31.27 -24.87
N ASN B 173 -9.87 -32.52 -25.29
CA ASN B 173 -9.53 -33.52 -24.29
CA ASN B 173 -9.50 -33.55 -24.33
C ASN B 173 -8.14 -33.27 -23.70
N HIS B 174 -7.20 -32.74 -24.50
CA HIS B 174 -5.92 -32.35 -23.94
C HIS B 174 -6.12 -31.26 -22.88
N ILE B 175 -6.85 -30.19 -23.23
CA ILE B 175 -7.07 -29.09 -22.28
C ILE B 175 -7.74 -29.61 -21.01
N LYS B 176 -8.74 -30.49 -21.17
CA LYS B 176 -9.45 -31.03 -20.01
C LYS B 176 -8.51 -31.86 -19.14
N TYR B 177 -7.73 -32.75 -19.76
CA TYR B 177 -6.81 -33.59 -18.99
C TYR B 177 -5.74 -32.75 -18.31
N ALA B 178 -5.10 -31.87 -19.08
CA ALA B 178 -3.99 -31.09 -18.53
C ALA B 178 -4.47 -30.16 -17.41
N THR B 179 -5.64 -29.54 -17.60
CA THR B 179 -6.10 -28.59 -16.60
C THR B 179 -6.46 -29.29 -15.31
N ASN B 180 -7.23 -30.39 -15.42
CA ASN B 180 -7.51 -31.29 -14.30
C ASN B 180 -7.99 -30.50 -13.09
N ARG B 181 -8.92 -29.58 -13.34
CA ARG B 181 -9.57 -28.75 -12.30
C ARG B 181 -8.56 -27.92 -11.51
N GLY B 182 -7.46 -27.54 -12.14
CA GLY B 182 -6.45 -26.74 -11.51
C GLY B 182 -5.25 -27.51 -11.02
N ASN B 183 -5.37 -28.82 -10.84
CA ASN B 183 -4.21 -29.66 -10.55
C ASN B 183 -3.57 -30.04 -11.88
N LEU B 184 -2.79 -29.12 -12.43
CA LEU B 184 -2.35 -29.22 -13.81
C LEU B 184 -1.41 -30.41 -14.02
N ARG B 185 -1.55 -31.08 -15.17
CA ARG B 185 -0.67 -32.16 -15.54
C ARG B 185 -0.03 -31.87 -16.89
N SER B 186 1.25 -32.21 -17.03
CA SER B 186 1.94 -31.89 -18.27
C SER B 186 1.49 -32.85 -19.36
N ALA B 187 1.23 -32.33 -20.55
CA ALA B 187 0.73 -33.19 -21.60
C ALA B 187 1.19 -32.67 -22.95
N ILE B 188 1.22 -33.57 -23.91
CA ILE B 188 1.42 -33.21 -25.31
C ILE B 188 0.46 -34.07 -26.13
N THR B 189 -0.17 -33.47 -27.13
CA THR B 189 -0.98 -34.19 -28.10
C THR B 189 -0.26 -34.11 -29.44
N VAL B 190 0.04 -35.26 -30.05
CA VAL B 190 0.88 -35.32 -31.24
C VAL B 190 -0.04 -35.60 -32.43
N PHE B 191 -0.18 -34.63 -33.32
CA PHE B 191 -1.03 -34.81 -34.49
C PHE B 191 -0.22 -35.41 -35.64
N PRO B 192 -0.87 -35.81 -36.75
CA PRO B 192 -0.14 -36.51 -37.79
C PRO B 192 1.10 -35.76 -38.25
N GLN B 193 2.15 -36.52 -38.54
CA GLN B 193 3.41 -35.94 -38.98
C GLN B 193 3.30 -35.40 -40.41
N ARG B 194 4.16 -34.42 -40.69
CA ARG B 194 4.39 -33.97 -42.05
C ARG B 194 4.74 -35.18 -42.92
N CYS B 195 4.16 -35.21 -44.12
CA CYS B 195 4.34 -36.37 -44.98
C CYS B 195 4.20 -35.91 -46.41
N PRO B 196 4.88 -36.57 -47.35
CA PRO B 196 4.77 -36.17 -48.76
C PRO B 196 3.37 -36.40 -49.28
N GLY B 197 2.86 -35.41 -50.02
CA GLY B 197 1.62 -35.51 -50.74
C GLY B 197 0.46 -34.79 -50.10
N ARG B 198 0.53 -34.57 -48.79
CA ARG B 198 -0.54 -33.92 -48.05
C ARG B 198 0.02 -32.69 -47.35
N GLY B 199 -0.85 -31.73 -47.11
CA GLY B 199 -0.45 -30.56 -46.35
C GLY B 199 -0.23 -30.92 -44.88
N ASP B 200 0.09 -29.90 -44.10
CA ASP B 200 0.32 -30.08 -42.67
C ASP B 200 -0.97 -29.91 -41.88
N PHE B 201 -1.06 -30.62 -40.76
CA PHE B 201 -1.90 -30.16 -39.68
C PHE B 201 -1.20 -28.98 -39.02
N ARG B 202 -1.95 -27.91 -38.78
CA ARG B 202 -1.42 -26.77 -38.05
C ARG B 202 -2.49 -26.23 -37.11
N ILE B 203 -2.08 -25.85 -35.91
CA ILE B 203 -2.86 -24.97 -35.06
C ILE B 203 -2.32 -23.58 -35.30
N TRP B 204 -3.17 -22.67 -35.79
CA TRP B 204 -2.69 -21.32 -36.10
C TRP B 204 -2.41 -20.50 -34.85
N ASN B 205 -3.12 -20.78 -33.76
CA ASN B 205 -2.91 -20.09 -32.48
C ASN B 205 -1.55 -20.45 -31.91
N SER B 206 -0.88 -19.46 -31.28
CA SER B 206 0.42 -19.72 -30.68
C SER B 206 0.28 -20.52 -29.39
N GLN B 207 -0.83 -20.35 -28.68
CA GLN B 207 -1.19 -21.20 -27.57
C GLN B 207 -2.66 -21.57 -27.66
N LEU B 208 -3.01 -22.70 -27.06
CA LEU B 208 -4.42 -23.12 -27.04
C LEU B 208 -5.30 -22.07 -26.36
N VAL B 209 -4.81 -21.47 -25.27
CA VAL B 209 -5.54 -20.42 -24.59
C VAL B 209 -4.77 -19.12 -24.75
N ARG B 210 -5.41 -18.12 -25.36
CA ARG B 210 -4.83 -16.84 -25.65
C ARG B 210 -5.94 -15.82 -25.58
N TYR B 211 -5.60 -14.61 -25.16
CA TYR B 211 -6.58 -13.54 -25.11
C TYR B 211 -6.49 -12.66 -26.34
N ALA B 212 -7.65 -12.25 -26.82
CA ALA B 212 -7.76 -11.38 -27.98
C ALA B 212 -7.00 -10.07 -27.76
N GLY B 213 -6.46 -9.55 -28.85
CA GLY B 213 -5.94 -8.19 -28.91
C GLY B 213 -6.64 -7.42 -30.00
N TYR B 214 -7.46 -6.45 -29.62
CA TYR B 214 -8.23 -5.64 -30.56
C TYR B 214 -7.54 -4.29 -30.76
N ARG B 215 -7.15 -3.99 -32.00
CA ARG B 215 -6.69 -2.65 -32.34
C ARG B 215 -7.81 -1.64 -32.09
N GLN B 216 -7.43 -0.43 -31.69
CA GLN B 216 -8.39 0.51 -31.14
C GLN B 216 -8.67 1.65 -32.10
N GLN B 217 -9.47 2.60 -31.61
CA GLN B 217 -9.82 3.82 -32.33
C GLN B 217 -8.73 4.87 -32.27
N ASP B 218 -7.81 4.78 -31.31
CA ASP B 218 -6.67 5.68 -31.20
C ASP B 218 -5.36 4.91 -31.31
N GLY B 219 -5.35 3.87 -32.15
CA GLY B 219 -4.16 3.08 -32.40
C GLY B 219 -3.78 2.08 -31.32
N SER B 220 -4.38 2.16 -30.14
CA SER B 220 -4.01 1.29 -29.03
C SER B 220 -4.57 -0.12 -29.25
N VAL B 221 -4.25 -1.02 -28.33
CA VAL B 221 -4.74 -2.39 -28.36
C VAL B 221 -5.54 -2.62 -27.09
N ARG B 222 -6.73 -3.21 -27.23
CA ARG B 222 -7.52 -3.66 -26.11
C ARG B 222 -7.30 -5.16 -25.96
N GLY B 223 -6.98 -5.60 -24.75
CA GLY B 223 -6.59 -6.98 -24.56
C GLY B 223 -5.11 -7.18 -24.75
N ASP B 224 -4.71 -8.30 -25.34
CA ASP B 224 -3.31 -8.68 -25.34
C ASP B 224 -2.67 -8.30 -26.67
N PRO B 225 -1.74 -7.34 -26.69
CA PRO B 225 -1.13 -6.92 -27.97
C PRO B 225 -0.32 -8.00 -28.66
N ALA B 226 0.12 -9.04 -27.94
CA ALA B 226 0.85 -10.12 -28.59
C ALA B 226 -0.02 -10.90 -29.58
N ASN B 227 -1.34 -10.79 -29.45
CA ASN B 227 -2.30 -11.64 -30.15
C ASN B 227 -3.15 -10.85 -31.16
N VAL B 228 -2.70 -9.65 -31.55
CA VAL B 228 -3.46 -8.86 -32.52
C VAL B 228 -3.54 -9.59 -33.85
N GLU B 229 -2.46 -10.25 -34.26
CA GLU B 229 -2.39 -10.90 -35.57
C GLU B 229 -3.35 -12.08 -35.63
N ILE B 230 -3.27 -12.97 -34.65
CA ILE B 230 -4.17 -14.13 -34.60
C ILE B 230 -5.61 -13.67 -34.41
N THR B 231 -5.81 -12.60 -33.64
CA THR B 231 -7.15 -12.02 -33.48
C THR B 231 -7.73 -11.59 -34.83
N GLU B 232 -6.93 -10.86 -35.63
CA GLU B 232 -7.41 -10.41 -36.94
C GLU B 232 -7.71 -11.60 -37.85
N LEU B 233 -6.89 -12.65 -37.77
CA LEU B 233 -7.15 -13.86 -38.53
C LEU B 233 -8.46 -14.52 -38.10
N CYS B 234 -8.72 -14.55 -36.80
CA CYS B 234 -9.96 -15.14 -36.32
C CYS B 234 -11.16 -14.38 -36.85
N ILE B 235 -11.12 -13.05 -36.75
CA ILE B 235 -12.24 -12.23 -37.22
C ILE B 235 -12.40 -12.39 -38.73
N GLN B 236 -11.30 -12.39 -39.46
CA GLN B 236 -11.33 -12.63 -40.90
C GLN B 236 -11.97 -13.98 -41.22
N HIS B 237 -11.78 -14.98 -40.35
CA HIS B 237 -12.30 -16.32 -40.57
C HIS B 237 -13.65 -16.55 -39.90
N GLY B 238 -14.43 -15.48 -39.72
CA GLY B 238 -15.80 -15.63 -39.28
C GLY B 238 -16.04 -15.54 -37.80
N TRP B 239 -15.02 -15.28 -36.99
CA TRP B 239 -15.23 -15.13 -35.56
C TRP B 239 -15.90 -13.80 -35.29
N THR B 240 -16.93 -13.82 -34.45
CA THR B 240 -17.55 -12.58 -34.00
C THR B 240 -16.76 -12.09 -32.80
N PRO B 241 -16.03 -10.98 -32.89
CA PRO B 241 -15.16 -10.57 -31.78
C PRO B 241 -15.95 -10.03 -30.62
N GLY B 242 -15.36 -10.15 -29.44
CA GLY B 242 -15.80 -9.39 -28.29
C GLY B 242 -15.14 -8.03 -28.31
N ASN B 243 -15.01 -7.44 -27.12
CA ASN B 243 -14.29 -6.19 -27.00
C ASN B 243 -13.82 -6.02 -25.55
N GLY B 244 -13.62 -7.14 -24.86
CA GLY B 244 -13.02 -7.13 -23.54
C GLY B 244 -11.50 -7.24 -23.60
N ARG B 245 -10.88 -7.19 -22.42
CA ARG B 245 -9.44 -7.32 -22.34
C ARG B 245 -8.98 -8.76 -22.19
N PHE B 246 -9.88 -9.66 -21.83
CA PHE B 246 -9.53 -11.05 -21.56
C PHE B 246 -10.49 -11.99 -22.29
N ASP B 247 -10.71 -11.72 -23.57
CA ASP B 247 -11.57 -12.55 -24.38
C ASP B 247 -10.77 -13.73 -24.91
N VAL B 248 -11.16 -14.94 -24.53
CA VAL B 248 -10.43 -16.13 -24.98
C VAL B 248 -10.65 -16.32 -26.47
N LEU B 249 -9.55 -16.50 -27.21
CA LEU B 249 -9.63 -16.63 -28.66
C LEU B 249 -10.20 -17.98 -29.06
N PRO B 250 -10.87 -18.04 -30.20
CA PRO B 250 -11.19 -19.35 -30.79
C PRO B 250 -9.94 -19.96 -31.40
N LEU B 251 -9.98 -21.28 -31.54
CA LEU B 251 -8.95 -22.00 -32.26
C LEU B 251 -9.18 -21.93 -33.77
N LEU B 252 -8.11 -21.63 -34.52
CA LEU B 252 -8.08 -21.77 -35.98
C LEU B 252 -7.27 -23.01 -36.30
N LEU B 253 -7.96 -24.06 -36.74
CA LEU B 253 -7.36 -25.37 -36.87
C LEU B 253 -7.31 -25.76 -38.34
N GLN B 254 -6.14 -26.19 -38.79
CA GLN B 254 -5.87 -26.41 -40.21
C GLN B 254 -5.60 -27.89 -40.38
N ALA B 255 -6.50 -28.56 -41.11
CA ALA B 255 -6.29 -29.89 -41.65
C ALA B 255 -5.49 -29.80 -42.94
N PRO B 256 -4.78 -30.85 -43.33
CA PRO B 256 -3.95 -30.79 -44.53
C PRO B 256 -4.73 -30.31 -45.74
N ASP B 257 -4.13 -29.40 -46.49
CA ASP B 257 -4.66 -28.91 -47.77
C ASP B 257 -6.06 -28.35 -47.62
N GLU B 258 -6.31 -27.74 -46.46
CA GLU B 258 -7.58 -27.20 -46.04
C GLU B 258 -7.40 -25.78 -45.54
N PRO B 259 -8.35 -24.88 -45.81
CA PRO B 259 -8.37 -23.63 -45.05
C PRO B 259 -8.51 -23.91 -43.58
N PRO B 260 -7.97 -23.04 -42.72
CA PRO B 260 -8.15 -23.25 -41.29
C PRO B 260 -9.62 -23.13 -40.93
N GLU B 261 -10.04 -23.89 -39.94
CA GLU B 261 -11.42 -23.95 -39.53
C GLU B 261 -11.52 -23.40 -38.11
N LEU B 262 -12.49 -22.52 -37.90
CA LEU B 262 -12.67 -21.87 -36.61
C LEU B 262 -13.37 -22.80 -35.64
N PHE B 263 -12.89 -22.84 -34.40
CA PHE B 263 -13.52 -23.62 -33.34
C PHE B 263 -13.50 -22.82 -32.06
N LEU B 264 -14.67 -22.61 -31.46
CA LEU B 264 -14.75 -21.96 -30.16
C LEU B 264 -14.48 -22.97 -29.06
N LEU B 265 -13.66 -22.58 -28.11
CA LEU B 265 -13.39 -23.47 -26.99
C LEU B 265 -14.59 -23.44 -26.03
N PRO B 266 -15.11 -24.60 -25.62
CA PRO B 266 -16.17 -24.60 -24.62
C PRO B 266 -15.74 -23.82 -23.39
N PRO B 267 -16.48 -22.78 -23.03
CA PRO B 267 -16.03 -21.90 -21.93
C PRO B 267 -15.72 -22.65 -20.64
N GLU B 268 -16.40 -23.77 -20.38
CA GLU B 268 -16.11 -24.56 -19.19
C GLU B 268 -14.78 -25.31 -19.29
N LEU B 269 -14.19 -25.42 -20.48
CA LEU B 269 -12.90 -26.09 -20.59
C LEU B 269 -11.74 -25.18 -20.19
N VAL B 270 -11.93 -23.87 -20.29
CA VAL B 270 -10.86 -22.88 -20.12
C VAL B 270 -10.91 -22.39 -18.67
N LEU B 271 -10.03 -22.95 -17.84
CA LEU B 271 -9.95 -22.51 -16.44
C LEU B 271 -9.19 -21.20 -16.35
N GLU B 272 -9.77 -20.22 -15.67
CA GLU B 272 -9.11 -18.93 -15.51
C GLU B 272 -8.94 -18.60 -14.04
N VAL B 273 -8.11 -17.59 -13.76
CA VAL B 273 -7.83 -17.18 -12.39
C VAL B 273 -8.00 -15.67 -12.30
N PRO B 274 -9.05 -15.16 -11.67
CA PRO B 274 -9.11 -13.71 -11.44
C PRO B 274 -7.95 -13.35 -10.53
N LEU B 275 -7.33 -12.20 -10.79
CA LEU B 275 -6.14 -11.81 -10.07
C LEU B 275 -6.50 -10.84 -8.96
N GLU B 276 -6.01 -11.13 -7.77
CA GLU B 276 -6.18 -10.28 -6.60
C GLU B 276 -4.87 -10.30 -5.83
N HIS B 277 -4.70 -9.33 -5.01
CA HIS B 277 -3.49 -9.27 -4.23
C HIS B 277 -3.82 -9.55 -2.77
N PRO B 278 -3.00 -10.34 -2.06
CA PRO B 278 -3.37 -10.73 -0.69
C PRO B 278 -3.58 -9.56 0.23
N THR B 279 -2.82 -8.48 0.05
CA THR B 279 -2.99 -7.31 0.89
C THR B 279 -3.37 -6.04 0.16
N LEU B 280 -3.41 -5.99 -1.15
CA LEU B 280 -3.84 -4.74 -1.80
C LEU B 280 -5.22 -4.98 -2.41
N GLU B 281 -6.27 -4.62 -1.66
CA GLU B 281 -7.63 -4.98 -2.06
C GLU B 281 -8.09 -4.25 -3.31
N TRP B 282 -7.52 -3.06 -3.58
CA TRP B 282 -7.85 -2.40 -4.83
C TRP B 282 -7.37 -3.20 -6.05
N PHE B 283 -6.40 -4.10 -5.86
CA PHE B 283 -5.84 -4.82 -6.99
C PHE B 283 -6.91 -5.59 -7.75
N ALA B 284 -7.88 -6.14 -7.02
CA ALA B 284 -8.94 -6.91 -7.67
C ALA B 284 -9.76 -6.06 -8.62
N ALA B 285 -9.87 -4.75 -8.36
CA ALA B 285 -10.64 -3.87 -9.22
C ALA B 285 -9.92 -3.59 -10.54
N LEU B 286 -8.70 -4.09 -10.71
CA LEU B 286 -8.07 -4.04 -12.02
C LEU B 286 -8.82 -4.89 -13.03
N GLY B 287 -9.60 -5.87 -12.56
CA GLY B 287 -10.27 -6.77 -13.49
C GLY B 287 -9.33 -7.70 -14.22
N LEU B 288 -8.16 -7.95 -13.67
CA LEU B 288 -7.17 -8.78 -14.34
C LEU B 288 -7.48 -10.25 -14.15
N ARG B 289 -7.17 -11.02 -15.18
CA ARG B 289 -7.36 -12.46 -15.19
C ARG B 289 -6.17 -13.07 -15.91
N TRP B 290 -5.90 -14.32 -15.61
CA TRP B 290 -5.09 -15.11 -16.50
C TRP B 290 -5.64 -16.52 -16.52
N TYR B 291 -5.22 -17.29 -17.51
CA TYR B 291 -5.73 -18.64 -17.65
C TYR B 291 -4.75 -19.62 -17.03
N ALA B 292 -5.30 -20.77 -16.63
CA ALA B 292 -4.52 -21.77 -15.90
C ALA B 292 -3.48 -22.45 -16.78
N LEU B 293 -3.81 -22.69 -18.04
CA LEU B 293 -3.08 -23.69 -18.80
C LEU B 293 -2.16 -23.04 -19.81
N PRO B 294 -0.84 -23.14 -19.67
CA PRO B 294 0.04 -22.66 -20.74
C PRO B 294 0.24 -23.79 -21.75
N ALA B 295 -0.34 -23.63 -22.93
CA ALA B 295 -0.38 -24.71 -23.91
C ALA B 295 0.16 -24.19 -25.23
N VAL B 296 1.44 -24.38 -25.45
CA VAL B 296 2.08 -23.86 -26.66
C VAL B 296 1.69 -24.76 -27.82
N SER B 297 1.14 -24.15 -28.86
CA SER B 297 0.52 -24.89 -29.95
C SER B 297 1.11 -24.57 -31.31
N ASN B 298 2.12 -23.71 -31.41
CA ASN B 298 2.64 -23.33 -32.72
C ASN B 298 4.05 -23.86 -32.96
N MET B 299 4.55 -24.71 -32.09
CA MET B 299 5.91 -25.22 -32.26
C MET B 299 5.90 -26.56 -32.98
N LEU B 300 7.03 -26.86 -33.62
CA LEU B 300 7.20 -28.09 -34.36
C LEU B 300 7.99 -29.08 -33.53
N LEU B 301 7.45 -30.29 -33.41
CA LEU B 301 8.11 -31.39 -32.74
C LEU B 301 8.86 -32.20 -33.79
N GLU B 302 10.16 -32.37 -33.58
CA GLU B 302 11.01 -33.13 -34.49
C GLU B 302 11.54 -34.34 -33.75
N ILE B 303 11.27 -35.52 -34.28
CA ILE B 303 11.73 -36.76 -33.67
C ILE B 303 12.29 -37.61 -34.80
N GLY B 304 13.58 -37.96 -34.71
CA GLY B 304 14.21 -38.81 -35.71
C GLY B 304 14.07 -38.32 -37.13
N GLY B 305 14.10 -37.00 -37.33
CA GLY B 305 13.87 -36.44 -38.64
C GLY B 305 12.42 -36.34 -39.06
N LEU B 306 11.51 -36.99 -38.34
CA LEU B 306 10.10 -36.76 -38.61
C LEU B 306 9.69 -35.45 -37.99
N GLU B 307 8.74 -34.77 -38.62
CA GLU B 307 8.31 -33.45 -38.18
C GLU B 307 6.81 -33.46 -37.93
N PHE B 308 6.41 -33.02 -36.74
CA PHE B 308 5.01 -32.89 -36.35
C PHE B 308 4.73 -31.40 -36.18
N PRO B 309 4.34 -30.71 -37.26
CA PRO B 309 4.02 -29.28 -37.18
C PRO B 309 2.89 -28.94 -36.23
N ALA B 310 2.13 -29.92 -35.76
CA ALA B 310 1.01 -29.69 -34.87
C ALA B 310 1.15 -30.69 -33.73
N ALA B 311 1.64 -30.21 -32.57
CA ALA B 311 1.84 -31.07 -31.43
C ALA B 311 1.82 -30.19 -30.19
N PRO B 312 0.66 -29.62 -29.85
CA PRO B 312 0.63 -28.68 -28.72
C PRO B 312 1.03 -29.38 -27.44
N PHE B 313 1.76 -28.64 -26.59
CA PHE B 313 2.17 -29.14 -25.29
C PHE B 313 1.84 -28.10 -24.21
N SER B 314 1.63 -28.60 -23.01
CA SER B 314 1.25 -27.74 -21.90
C SER B 314 1.90 -28.24 -20.63
N GLY B 315 2.18 -27.31 -19.72
CA GLY B 315 2.61 -27.70 -18.40
C GLY B 315 1.86 -26.86 -17.39
N TRP B 316 2.59 -26.13 -16.56
CA TRP B 316 1.96 -25.12 -15.72
C TRP B 316 2.88 -23.92 -15.67
N TYR B 317 2.29 -22.78 -15.29
CA TYR B 317 3.00 -21.52 -15.41
C TYR B 317 4.06 -21.38 -14.33
N MET B 318 5.13 -20.67 -14.67
CA MET B 318 5.94 -19.98 -13.68
C MET B 318 5.39 -18.58 -13.54
N SER B 319 5.26 -18.10 -12.29
CA SER B 319 4.48 -16.88 -12.06
C SER B 319 5.06 -15.67 -12.78
N THR B 320 6.38 -15.63 -13.01
CA THR B 320 6.94 -14.47 -13.69
C THR B 320 6.44 -14.38 -15.12
N GLU B 321 6.12 -15.51 -15.74
CA GLU B 321 5.63 -15.45 -17.10
C GLU B 321 4.41 -14.55 -17.16
N ILE B 322 3.53 -14.70 -16.17
CA ILE B 322 2.31 -13.93 -16.09
C ILE B 322 2.56 -12.58 -15.46
N GLY B 323 3.11 -12.60 -14.24
CA GLY B 323 3.19 -11.37 -13.48
C GLY B 323 4.19 -10.39 -14.06
N THR B 324 5.33 -10.89 -14.52
CA THR B 324 6.34 -9.98 -15.05
C THR B 324 6.14 -9.76 -16.55
N ARG B 325 6.23 -10.83 -17.35
CA ARG B 325 6.22 -10.63 -18.79
C ARG B 325 4.82 -10.25 -19.28
N ASN B 326 3.82 -11.12 -19.06
CA ASN B 326 2.53 -10.88 -19.71
C ASN B 326 1.88 -9.61 -19.20
N LEU B 327 2.07 -9.29 -17.92
CA LEU B 327 1.36 -8.16 -17.36
C LEU B 327 2.18 -6.88 -17.38
N CYS B 328 3.50 -6.98 -17.21
CA CYS B 328 4.33 -5.79 -17.09
C CYS B 328 5.13 -5.42 -18.34
N ASP B 329 5.31 -6.31 -19.32
CA ASP B 329 6.01 -5.90 -20.54
C ASP B 329 5.35 -4.66 -21.12
N PRO B 330 6.10 -3.64 -21.52
CA PRO B 330 5.48 -2.45 -22.12
C PRO B 330 4.64 -2.79 -23.32
N HIS B 331 5.03 -3.80 -24.07
CA HIS B 331 4.32 -4.21 -25.28
C HIS B 331 3.28 -5.30 -25.02
N ARG B 332 2.99 -5.60 -23.76
CA ARG B 332 1.92 -6.53 -23.40
C ARG B 332 0.86 -5.74 -22.62
N TYR B 333 0.28 -6.30 -21.56
CA TYR B 333 -0.80 -5.59 -20.87
C TYR B 333 -0.32 -4.28 -20.25
N ASN B 334 0.96 -4.20 -19.88
CA ASN B 334 1.59 -2.92 -19.53
C ASN B 334 0.91 -2.25 -18.34
N ILE B 335 0.71 -3.02 -17.27
CA ILE B 335 0.00 -2.50 -16.10
C ILE B 335 0.92 -1.89 -15.06
N LEU B 336 2.23 -1.91 -15.29
CA LEU B 336 3.21 -1.64 -14.23
C LEU B 336 2.99 -0.25 -13.66
N GLU B 337 2.94 0.77 -14.51
CA GLU B 337 2.79 2.13 -14.00
C GLU B 337 1.48 2.30 -13.27
N ASP B 338 0.40 1.74 -13.81
CA ASP B 338 -0.90 1.90 -13.16
C ASP B 338 -0.91 1.25 -11.78
N VAL B 339 -0.29 0.07 -11.65
CA VAL B 339 -0.16 -0.56 -10.35
C VAL B 339 0.66 0.32 -9.41
N ALA B 340 1.77 0.88 -9.91
CA ALA B 340 2.63 1.73 -9.08
C ALA B 340 1.91 2.98 -8.60
N VAL B 341 1.16 3.64 -9.49
CA VAL B 341 0.35 4.78 -9.10
C VAL B 341 -0.63 4.38 -8.00
N CYS B 342 -1.26 3.21 -8.15
CA CYS B 342 -2.23 2.75 -7.16
C CYS B 342 -1.55 2.43 -5.84
N MET B 343 -0.34 1.88 -5.87
CA MET B 343 0.44 1.63 -4.66
C MET B 343 0.96 2.91 -4.02
N ASP B 344 0.62 4.07 -4.61
CA ASP B 344 1.14 5.38 -4.22
C ASP B 344 2.67 5.43 -4.22
N LEU B 345 3.28 4.75 -5.17
CA LEU B 345 4.72 4.90 -5.34
C LEU B 345 5.04 6.21 -6.07
N ASP B 346 6.28 6.65 -5.93
CA ASP B 346 6.73 7.87 -6.62
C ASP B 346 7.23 7.46 -7.99
N THR B 347 6.39 7.66 -9.01
CA THR B 347 6.69 7.24 -10.37
C THR B 347 7.42 8.29 -11.19
N ARG B 348 7.78 9.42 -10.58
CA ARG B 348 8.43 10.48 -11.34
C ARG B 348 9.94 10.39 -11.30
N THR B 349 10.50 9.49 -10.50
CA THR B 349 11.94 9.23 -10.47
C THR B 349 12.17 7.73 -10.52
N THR B 350 13.17 7.31 -11.30
CA THR B 350 13.45 5.88 -11.40
C THR B 350 14.09 5.36 -10.12
N SER B 351 14.79 6.22 -9.40
CA SER B 351 15.55 5.78 -8.24
C SER B 351 14.67 5.38 -7.07
N SER B 352 13.37 5.68 -7.12
CA SER B 352 12.44 5.14 -6.13
C SER B 352 12.24 3.65 -6.29
N LEU B 353 12.70 3.08 -7.41
CA LEU B 353 12.48 1.68 -7.76
C LEU B 353 10.99 1.36 -7.75
N TRP B 354 10.17 2.32 -8.21
CA TRP B 354 8.73 2.08 -8.27
C TRP B 354 8.40 0.92 -9.19
N LYS B 355 9.12 0.80 -10.31
CA LYS B 355 8.88 -0.32 -11.22
C LYS B 355 9.16 -1.64 -10.51
N ASP B 356 10.31 -1.73 -9.85
CA ASP B 356 10.68 -2.98 -9.17
C ASP B 356 9.66 -3.34 -8.10
N LYS B 357 9.22 -2.36 -7.32
CA LYS B 357 8.26 -2.65 -6.24
C LYS B 357 6.90 -3.04 -6.78
N ALA B 358 6.43 -2.35 -7.82
CA ALA B 358 5.12 -2.67 -8.38
C ALA B 358 5.14 -4.04 -9.04
N ALA B 359 6.24 -4.36 -9.71
CA ALA B 359 6.38 -5.68 -10.34
C ALA B 359 6.38 -6.79 -9.30
N VAL B 360 7.09 -6.62 -8.19
CA VAL B 360 7.08 -7.69 -7.20
C VAL B 360 5.67 -7.94 -6.69
N GLU B 361 4.92 -6.87 -6.42
CA GLU B 361 3.57 -7.07 -5.91
C GLU B 361 2.66 -7.69 -6.98
N ILE B 362 2.88 -7.39 -8.25
CA ILE B 362 2.09 -8.05 -9.30
C ILE B 362 2.38 -9.55 -9.30
N ASN B 363 3.66 -9.92 -9.18
CA ASN B 363 4.01 -11.34 -9.08
C ASN B 363 3.43 -12.00 -7.82
N VAL B 364 3.45 -11.30 -6.68
CA VAL B 364 2.76 -11.78 -5.49
C VAL B 364 1.29 -12.02 -5.78
N ALA B 365 0.63 -11.05 -6.43
CA ALA B 365 -0.78 -11.22 -6.73
C ALA B 365 -1.03 -12.47 -7.57
N VAL B 366 -0.19 -12.68 -8.57
CA VAL B 366 -0.33 -13.86 -9.42
C VAL B 366 -0.21 -15.13 -8.59
N LEU B 367 0.84 -15.23 -7.77
CA LEU B 367 1.06 -16.43 -6.98
C LEU B 367 -0.07 -16.64 -5.99
N HIS B 368 -0.43 -15.59 -5.25
CA HIS B 368 -1.56 -15.66 -4.34
C HIS B 368 -2.84 -16.10 -5.07
N SER B 369 -3.09 -15.51 -6.24
CA SER B 369 -4.35 -15.77 -6.90
C SER B 369 -4.42 -17.23 -7.38
N TYR B 370 -3.36 -17.70 -8.04
CA TYR B 370 -3.34 -19.10 -8.46
C TYR B 370 -3.41 -20.05 -7.27
N GLN B 371 -2.71 -19.73 -6.17
CA GLN B 371 -2.80 -20.61 -5.03
C GLN B 371 -4.20 -20.59 -4.44
N LEU B 372 -4.82 -19.41 -4.39
CA LEU B 372 -6.19 -19.28 -3.88
C LEU B 372 -7.17 -20.05 -4.76
N ALA B 373 -6.95 -20.04 -6.06
CA ALA B 373 -7.79 -20.78 -7.00
C ALA B 373 -7.45 -22.27 -7.02
N LYS B 374 -6.38 -22.67 -6.32
CA LYS B 374 -5.90 -24.05 -6.35
C LYS B 374 -5.53 -24.46 -7.78
N VAL B 375 -4.86 -23.54 -8.48
CA VAL B 375 -4.30 -23.80 -9.79
C VAL B 375 -2.80 -23.85 -9.66
N THR B 376 -2.22 -24.99 -10.04
CA THR B 376 -0.78 -25.17 -10.05
C THR B 376 -0.04 -23.98 -10.64
N ILE B 377 0.96 -23.52 -9.89
CA ILE B 377 1.83 -22.44 -10.32
C ILE B 377 3.14 -22.62 -9.56
N VAL B 378 4.25 -22.22 -10.16
CA VAL B 378 5.54 -22.30 -9.50
C VAL B 378 6.18 -20.91 -9.55
N ASP B 379 6.72 -20.46 -8.41
CA ASP B 379 7.39 -19.17 -8.40
C ASP B 379 8.81 -19.31 -8.94
N HIS B 380 9.47 -18.19 -9.24
CA HIS B 380 10.75 -18.28 -9.94
C HIS B 380 11.86 -18.82 -9.06
N HIS B 381 11.71 -18.75 -7.74
CA HIS B 381 12.73 -19.29 -6.86
C HIS B 381 12.68 -20.80 -6.83
N ALA B 382 11.48 -21.35 -6.66
CA ALA B 382 11.31 -22.80 -6.67
C ALA B 382 11.68 -23.37 -8.03
N ALA B 383 11.25 -22.72 -9.10
CA ALA B 383 11.51 -23.24 -10.43
C ALA B 383 13.00 -23.27 -10.73
N THR B 384 13.72 -22.18 -10.44
CA THR B 384 15.16 -22.21 -10.70
C THR B 384 15.86 -23.18 -9.78
N ALA B 385 15.34 -23.38 -8.55
CA ALA B 385 15.94 -24.35 -7.65
C ALA B 385 15.76 -25.76 -8.21
N SER B 386 14.60 -26.04 -8.79
CA SER B 386 14.44 -27.36 -9.38
C SER B 386 15.29 -27.49 -10.64
N PHE B 387 15.45 -26.38 -11.38
CA PHE B 387 16.30 -26.46 -12.57
C PHE B 387 17.74 -26.76 -12.21
N MET B 388 18.20 -26.29 -11.05
CA MET B 388 19.56 -26.64 -10.62
C MET B 388 19.68 -28.14 -10.37
N LYS B 389 18.68 -28.73 -9.74
CA LYS B 389 18.68 -30.19 -9.59
C LYS B 389 18.65 -30.87 -10.95
N HIS B 390 17.87 -30.32 -11.88
CA HIS B 390 17.85 -30.85 -13.24
C HIS B 390 19.25 -30.88 -13.85
N LEU B 391 19.97 -29.75 -13.78
CA LEU B 391 21.33 -29.67 -14.33
C LEU B 391 22.23 -30.72 -13.71
N GLU B 392 22.11 -30.92 -12.40
CA GLU B 392 22.85 -31.97 -11.72
C GLU B 392 22.40 -33.35 -12.17
N ASN B 393 21.08 -33.60 -12.20
CA ASN B 393 20.62 -34.88 -12.74
C ASN B 393 21.17 -35.08 -14.15
N GLU B 394 21.13 -34.02 -14.96
CA GLU B 394 21.53 -34.16 -16.36
C GLU B 394 23.03 -34.32 -16.51
N GLN B 395 23.82 -33.70 -15.61
CA GLN B 395 25.26 -33.90 -15.65
C GLN B 395 25.62 -35.36 -15.40
N LYS B 396 24.95 -36.00 -14.43
CA LYS B 396 25.21 -37.40 -14.16
C LYS B 396 24.65 -38.29 -15.26
N ALA B 397 23.49 -37.92 -15.82
CA ALA B 397 22.80 -38.76 -16.78
C ALA B 397 23.44 -38.72 -18.16
N ARG B 398 23.74 -37.52 -18.66
CA ARG B 398 24.13 -37.35 -20.05
C ARG B 398 25.47 -36.63 -20.24
N GLY B 399 26.09 -36.17 -19.17
CA GLY B 399 27.31 -35.40 -19.31
C GLY B 399 27.08 -33.94 -19.65
N GLY B 400 25.97 -33.37 -19.19
CA GLY B 400 25.68 -31.98 -19.48
C GLY B 400 24.21 -31.68 -19.70
N CYS B 401 23.89 -30.44 -20.01
CA CYS B 401 22.50 -30.02 -20.19
C CYS B 401 22.43 -28.76 -21.05
N PRO B 402 21.83 -28.82 -22.22
CA PRO B 402 21.66 -27.62 -23.05
C PRO B 402 20.74 -26.63 -22.37
N ALA B 403 21.24 -25.41 -22.15
CA ALA B 403 20.46 -24.40 -21.44
C ALA B 403 20.79 -23.03 -21.98
N ASP B 404 19.75 -22.21 -22.13
CA ASP B 404 19.87 -20.86 -22.67
C ASP B 404 19.79 -19.92 -21.47
N TRP B 405 20.96 -19.48 -20.99
CA TRP B 405 21.04 -18.69 -19.77
C TRP B 405 20.04 -17.54 -19.76
N ALA B 406 19.97 -16.80 -20.88
CA ALA B 406 19.10 -15.65 -20.95
C ALA B 406 17.62 -15.99 -20.82
N TRP B 407 17.22 -17.23 -21.17
CA TRP B 407 15.82 -17.59 -20.97
C TRP B 407 15.59 -18.28 -19.63
N ILE B 408 16.61 -18.93 -19.10
CA ILE B 408 16.49 -19.66 -17.85
C ILE B 408 16.42 -18.68 -16.67
N VAL B 409 17.28 -17.67 -16.68
CA VAL B 409 17.23 -16.66 -15.63
C VAL B 409 15.94 -15.89 -15.70
N PRO B 410 15.17 -15.85 -14.61
CA PRO B 410 13.86 -15.21 -14.62
C PRO B 410 13.94 -13.72 -14.86
N PRO B 411 12.86 -13.10 -15.32
CA PRO B 411 12.90 -11.69 -15.74
C PRO B 411 12.85 -10.68 -14.60
N ILE B 412 12.53 -11.11 -13.38
CA ILE B 412 12.80 -10.31 -12.18
C ILE B 412 13.72 -11.14 -11.29
N SER B 413 14.45 -10.43 -10.43
CA SER B 413 15.24 -11.06 -9.38
C SER B 413 16.23 -12.08 -9.92
N GLY B 414 16.81 -11.81 -11.10
CA GLY B 414 17.74 -12.76 -11.70
C GLY B 414 18.78 -13.36 -10.78
N SER B 415 19.62 -12.52 -10.15
CA SER B 415 20.72 -12.99 -9.33
C SER B 415 20.28 -13.44 -7.94
N LEU B 416 19.01 -13.25 -7.58
CA LEU B 416 18.48 -13.90 -6.40
C LEU B 416 18.24 -15.38 -6.64
N THR B 417 18.18 -15.81 -7.94
CA THR B 417 17.96 -17.23 -8.20
C THR B 417 19.29 -17.93 -8.48
N PRO B 418 19.39 -19.22 -8.18
CA PRO B 418 20.67 -19.90 -8.33
C PRO B 418 21.14 -20.03 -9.77
N VAL B 419 20.24 -19.95 -10.75
CA VAL B 419 20.66 -20.11 -12.14
C VAL B 419 21.47 -18.94 -12.64
N PHE B 420 21.30 -17.75 -12.04
CA PHE B 420 22.06 -16.60 -12.50
C PHE B 420 23.55 -16.89 -12.45
N HIS B 421 24.00 -17.57 -11.40
CA HIS B 421 25.41 -17.80 -11.13
C HIS B 421 25.91 -19.09 -11.72
N GLN B 422 25.08 -19.75 -12.54
CA GLN B 422 25.44 -20.99 -13.23
C GLN B 422 25.81 -20.65 -14.68
N GLU B 423 27.04 -20.93 -15.05
CA GLU B 423 27.37 -20.91 -16.46
C GLU B 423 26.60 -22.03 -17.14
N MET B 424 26.21 -21.79 -18.39
CA MET B 424 25.43 -22.75 -19.14
C MET B 424 25.95 -22.85 -20.56
N VAL B 425 25.80 -24.04 -21.15
CA VAL B 425 26.17 -24.31 -22.53
C VAL B 425 24.89 -24.47 -23.33
N ASN B 426 24.71 -23.66 -24.37
CA ASN B 426 23.50 -23.69 -25.18
C ASN B 426 23.79 -24.38 -26.50
N TYR B 427 23.01 -25.41 -26.81
CA TYR B 427 23.19 -26.16 -28.04
C TYR B 427 21.89 -26.88 -28.38
N PHE B 428 21.82 -27.37 -29.62
CA PHE B 428 20.58 -27.96 -30.14
C PHE B 428 20.75 -29.48 -30.23
N LEU B 429 19.95 -30.20 -29.44
CA LEU B 429 19.86 -31.64 -29.54
C LEU B 429 18.49 -32.02 -30.09
N SER B 430 18.45 -33.15 -30.82
CA SER B 430 17.22 -33.72 -31.34
C SER B 430 16.95 -35.05 -30.65
N PRO B 431 15.68 -35.39 -30.32
CA PRO B 431 14.40 -34.71 -30.61
C PRO B 431 14.28 -33.31 -30.02
N ALA B 432 13.44 -32.49 -30.62
CA ALA B 432 13.44 -31.07 -30.30
C ALA B 432 12.09 -30.47 -30.62
N PHE B 433 11.76 -29.42 -29.87
CA PHE B 433 10.74 -28.46 -30.27
C PHE B 433 11.44 -27.33 -31.01
N ARG B 434 11.00 -27.06 -32.22
CA ARG B 434 11.57 -26.03 -33.06
C ARG B 434 10.52 -24.97 -33.35
N TYR B 435 10.96 -23.74 -33.49
CA TYR B 435 10.03 -22.78 -34.03
C TYR B 435 9.78 -23.09 -35.51
N GLN B 436 8.70 -22.54 -36.03
CA GLN B 436 8.36 -22.74 -37.43
C GLN B 436 7.55 -21.54 -37.87
N PRO B 437 7.49 -21.26 -39.17
CA PRO B 437 6.76 -20.08 -39.62
C PRO B 437 5.28 -20.18 -39.31
N ASP B 438 4.66 -19.02 -39.19
CA ASP B 438 3.22 -18.94 -39.10
C ASP B 438 2.62 -19.41 -40.42
N PRO B 439 1.62 -20.29 -40.38
CA PRO B 439 1.09 -20.85 -41.64
C PRO B 439 0.42 -19.83 -42.54
N TRP B 440 0.20 -18.60 -42.08
CA TRP B 440 -0.38 -17.58 -42.96
C TRP B 440 0.69 -16.68 -43.60
N PHE C 28 -35.78 19.59 36.23
CA PHE C 28 -36.15 19.08 34.91
C PHE C 28 -35.31 19.75 33.84
N PRO C 29 -34.33 19.02 33.30
CA PRO C 29 -33.39 19.61 32.34
C PRO C 29 -34.10 20.26 31.16
N ARG C 30 -33.62 21.44 30.79
CA ARG C 30 -34.13 22.17 29.63
C ARG C 30 -33.33 21.72 28.40
N VAL C 31 -34.04 21.30 27.36
CA VAL C 31 -33.43 20.74 26.17
C VAL C 31 -33.87 21.56 24.97
N LYS C 32 -32.89 22.02 24.20
CA LYS C 32 -33.10 22.95 23.11
C LYS C 32 -32.74 22.29 21.80
N ASN C 33 -33.54 22.55 20.77
CA ASN C 33 -33.15 22.27 19.41
C ASN C 33 -32.57 23.56 18.84
N TRP C 34 -31.35 23.48 18.33
CA TRP C 34 -30.60 24.65 17.91
C TRP C 34 -30.84 25.03 16.46
N GLU C 35 -31.38 24.11 15.67
CA GLU C 35 -31.81 24.42 14.32
C GLU C 35 -33.13 25.17 14.33
N VAL C 36 -34.01 24.81 15.26
CA VAL C 36 -35.36 25.34 15.30
C VAL C 36 -35.57 26.33 16.43
N GLY C 37 -34.77 26.26 17.50
CA GLY C 37 -35.00 27.08 18.66
C GLY C 37 -36.09 26.57 19.57
N SER C 38 -36.66 25.40 19.29
CA SER C 38 -37.70 24.88 20.15
C SER C 38 -37.10 24.34 21.45
N ILE C 39 -37.90 24.39 22.51
CA ILE C 39 -37.49 24.01 23.86
C ILE C 39 -38.45 22.98 24.40
N THR C 40 -37.92 21.93 25.02
CA THR C 40 -38.70 21.02 25.86
C THR C 40 -37.98 20.83 27.18
N TYR C 41 -38.68 20.22 28.13
CA TYR C 41 -38.13 19.86 29.43
C TYR C 41 -38.29 18.36 29.62
N ASP C 42 -37.20 17.67 29.94
CA ASP C 42 -37.23 16.23 30.13
C ASP C 42 -37.62 15.98 31.58
N THR C 43 -38.89 15.64 31.80
CA THR C 43 -39.35 15.27 33.12
C THR C 43 -39.18 13.78 33.38
N LEU C 44 -38.96 13.01 32.33
CA LEU C 44 -38.76 11.56 32.47
C LEU C 44 -37.43 11.23 33.11
N SER C 45 -36.38 12.01 32.84
CA SER C 45 -35.08 11.76 33.45
C SER C 45 -35.16 11.71 34.97
N ALA C 46 -36.17 12.35 35.57
CA ALA C 46 -36.36 12.22 37.02
C ALA C 46 -36.64 10.77 37.41
N GLN C 47 -37.34 10.03 36.57
CA GLN C 47 -37.61 8.63 36.83
C GLN C 47 -36.40 7.73 36.62
N ALA C 48 -35.26 8.26 36.18
CA ALA C 48 -34.13 7.40 35.87
C ALA C 48 -33.71 6.58 37.08
N GLN C 49 -33.57 5.28 36.87
CA GLN C 49 -33.30 4.36 37.98
C GLN C 49 -31.81 4.25 38.25
N GLN C 50 -31.16 3.27 37.63
CA GLN C 50 -29.75 3.00 37.94
C GLN C 50 -28.85 4.12 37.44
N ASP C 51 -27.75 4.33 38.15
CA ASP C 51 -26.91 5.51 37.97
C ASP C 51 -25.87 5.33 36.88
N GLY C 52 -25.67 6.37 36.09
CA GLY C 52 -24.69 6.37 35.02
C GLY C 52 -23.31 6.75 35.51
N PRO C 53 -22.41 7.08 34.58
CA PRO C 53 -21.00 7.28 34.94
C PRO C 53 -20.60 8.72 35.24
N CYS C 54 -21.47 9.68 34.99
CA CYS C 54 -21.13 11.09 35.08
C CYS C 54 -21.31 11.61 36.51
N THR C 55 -20.56 12.65 36.84
CA THR C 55 -20.70 13.38 38.09
C THR C 55 -20.58 14.86 37.76
N PRO C 56 -21.00 15.75 38.67
CA PRO C 56 -20.85 17.17 38.38
C PRO C 56 -19.41 17.55 38.12
N ARG C 57 -18.46 16.72 38.54
CA ARG C 57 -17.05 17.05 38.34
C ARG C 57 -16.58 16.71 36.93
N ARG C 58 -17.04 15.60 36.36
CA ARG C 58 -16.62 15.29 35.00
C ARG C 58 -17.71 14.48 34.32
N CYS C 59 -17.81 14.66 33.00
CA CYS C 59 -18.77 13.94 32.18
C CYS C 59 -18.04 12.82 31.46
N LEU C 60 -18.55 11.59 31.65
CA LEU C 60 -18.05 10.41 30.96
C LEU C 60 -19.06 9.91 29.94
N GLY C 61 -19.88 10.81 29.40
CA GLY C 61 -20.89 10.44 28.43
C GLY C 61 -20.35 9.79 27.17
N SER C 62 -19.07 9.99 26.86
CA SER C 62 -18.49 9.38 25.67
C SER C 62 -17.91 7.99 25.93
N LEU C 63 -17.96 7.47 27.16
CA LEU C 63 -17.43 6.14 27.41
C LEU C 63 -18.37 5.09 26.81
N VAL C 64 -17.81 4.11 26.12
CA VAL C 64 -18.65 3.08 25.49
C VAL C 64 -19.29 2.21 26.56
N PHE C 65 -18.49 1.72 27.52
CA PHE C 65 -18.97 0.97 28.67
C PHE C 65 -18.83 1.84 29.90
N PRO C 66 -19.90 2.53 30.34
CA PRO C 66 -19.95 3.45 31.49
C PRO C 66 -19.20 2.97 32.74
N ALA C 79 -30.49 -11.41 47.49
CA ALA C 79 -31.32 -10.24 47.74
C ALA C 79 -32.72 -10.40 47.16
N PRO C 80 -33.62 -11.04 47.93
CA PRO C 80 -35.02 -11.10 47.48
C PRO C 80 -35.75 -9.76 47.57
N GLU C 81 -35.38 -8.91 48.54
CA GLU C 81 -36.00 -7.59 48.62
C GLU C 81 -35.57 -6.70 47.45
N GLN C 82 -34.33 -6.84 46.98
CA GLN C 82 -33.90 -6.14 45.79
C GLN C 82 -34.74 -6.54 44.58
N LEU C 83 -34.83 -7.85 44.33
CA LEU C 83 -35.62 -8.37 43.22
C LEU C 83 -37.06 -7.88 43.29
N LEU C 84 -37.66 -7.94 44.48
CA LEU C 84 -39.06 -7.56 44.66
C LEU C 84 -39.31 -6.12 44.24
N SER C 85 -38.46 -5.19 44.70
CA SER C 85 -38.70 -3.78 44.44
C SER C 85 -38.61 -3.46 42.95
N GLN C 86 -37.67 -4.09 42.24
CA GLN C 86 -37.64 -3.95 40.80
C GLN C 86 -38.86 -4.61 40.18
N ALA C 87 -39.20 -5.82 40.65
CA ALA C 87 -40.37 -6.52 40.12
C ALA C 87 -41.62 -5.69 40.31
N ARG C 88 -41.77 -5.08 41.49
CA ARG C 88 -42.98 -4.34 41.79
C ARG C 88 -43.14 -3.14 40.86
N ASP C 89 -42.13 -2.28 40.78
CA ASP C 89 -42.28 -1.06 40.00
C ASP C 89 -42.46 -1.35 38.52
N PHE C 90 -41.90 -2.45 38.02
CA PHE C 90 -42.19 -2.85 36.65
C PHE C 90 -43.66 -3.22 36.47
N ILE C 91 -44.20 -4.03 37.39
CA ILE C 91 -45.61 -4.39 37.30
C ILE C 91 -46.47 -3.13 37.33
N ASN C 92 -46.05 -2.15 38.13
CA ASN C 92 -46.79 -0.89 38.21
C ASN C 92 -46.72 -0.14 36.89
N GLN C 93 -45.51 -0.02 36.32
CA GLN C 93 -45.34 0.42 34.95
C GLN C 93 -46.33 -0.26 34.01
N TYR C 94 -46.25 -1.60 33.95
CA TYR C 94 -47.09 -2.35 33.02
C TYR C 94 -48.56 -2.03 33.20
N TYR C 95 -49.06 -2.06 34.44
CA TYR C 95 -50.48 -1.87 34.61
C TYR C 95 -50.87 -0.41 34.38
N SER C 96 -49.94 0.52 34.62
CA SER C 96 -50.17 1.90 34.25
C SER C 96 -50.35 2.04 32.75
N SER C 97 -49.56 1.29 31.98
CA SER C 97 -49.52 1.45 30.53
C SER C 97 -50.75 0.85 29.85
N ILE C 98 -51.44 -0.07 30.52
CA ILE C 98 -52.65 -0.67 29.95
C ILE C 98 -53.91 0.01 30.49
N LYS C 99 -53.76 1.19 31.09
CA LYS C 99 -54.85 1.93 31.74
C LYS C 99 -55.50 1.14 32.87
N ARG C 100 -54.89 0.03 33.30
CA ARG C 100 -55.47 -0.84 34.32
C ARG C 100 -54.65 -0.81 35.61
N SER C 101 -54.32 0.38 36.09
CA SER C 101 -53.54 0.51 37.33
C SER C 101 -54.49 0.65 38.52
N GLY C 102 -54.05 0.12 39.67
CA GLY C 102 -54.88 0.05 40.85
C GLY C 102 -55.99 -0.98 40.78
N SER C 103 -56.20 -1.61 39.64
CA SER C 103 -57.26 -2.59 39.46
C SER C 103 -56.97 -3.85 40.27
N GLN C 104 -57.87 -4.82 40.16
CA GLN C 104 -57.72 -6.07 40.91
C GLN C 104 -56.68 -6.98 40.27
N ALA C 105 -56.58 -7.00 38.94
CA ALA C 105 -55.50 -7.75 38.30
C ALA C 105 -54.14 -7.21 38.71
N HIS C 106 -54.07 -5.90 38.95
CA HIS C 106 -52.85 -5.28 39.46
C HIS C 106 -52.43 -5.93 40.77
N GLU C 107 -53.38 -6.10 41.69
CA GLU C 107 -53.03 -6.62 43.00
C GLU C 107 -52.73 -8.12 42.95
N GLN C 108 -53.53 -8.88 42.22
CA GLN C 108 -53.27 -10.32 42.09
C GLN C 108 -51.88 -10.56 41.54
N ARG C 109 -51.50 -9.79 40.51
CA ARG C 109 -50.16 -9.91 39.96
C ARG C 109 -49.11 -9.60 41.02
N LEU C 110 -49.30 -8.51 41.75
CA LEU C 110 -48.33 -8.12 42.79
C LEU C 110 -48.15 -9.22 43.82
N GLN C 111 -49.25 -9.71 44.41
CA GLN C 111 -49.17 -10.82 45.35
C GLN C 111 -48.53 -12.04 44.73
N GLU C 112 -48.83 -12.31 43.45
CA GLU C 112 -48.30 -13.51 42.82
C GLU C 112 -46.78 -13.50 42.78
N VAL C 113 -46.20 -12.37 42.33
CA VAL C 113 -44.76 -12.23 42.32
C VAL C 113 -44.19 -12.37 43.73
N GLU C 114 -44.83 -11.74 44.72
CA GLU C 114 -44.43 -11.89 46.11
C GLU C 114 -44.30 -13.35 46.52
N ALA C 115 -45.38 -14.13 46.36
CA ALA C 115 -45.36 -15.52 46.79
C ALA C 115 -44.37 -16.35 45.99
N GLU C 116 -44.18 -16.01 44.72
CA GLU C 116 -43.28 -16.78 43.85
C GLU C 116 -41.83 -16.58 44.26
N VAL C 117 -41.43 -15.37 44.61
CA VAL C 117 -40.06 -15.16 45.06
C VAL C 117 -39.87 -15.74 46.47
N ALA C 118 -40.94 -15.80 47.28
CA ALA C 118 -40.82 -16.36 48.61
C ALA C 118 -40.60 -17.86 48.57
N ALA C 119 -41.16 -18.54 47.58
CA ALA C 119 -41.02 -19.99 47.44
C ALA C 119 -39.79 -20.40 46.65
N THR C 120 -39.37 -19.62 45.66
CA THR C 120 -38.35 -20.09 44.74
C THR C 120 -37.19 -19.12 44.52
N GLY C 121 -37.24 -17.91 45.04
CA GLY C 121 -36.17 -16.95 44.89
C GLY C 121 -36.26 -16.07 43.65
N THR C 122 -37.19 -16.37 42.74
CA THR C 122 -37.40 -15.60 41.52
C THR C 122 -38.88 -15.68 41.18
N TYR C 123 -39.26 -15.12 40.03
CA TYR C 123 -40.65 -15.21 39.59
C TYR C 123 -40.73 -15.26 38.08
N GLN C 124 -41.89 -15.72 37.58
CA GLN C 124 -42.14 -15.80 36.15
C GLN C 124 -42.95 -14.60 35.67
N LEU C 125 -42.53 -14.04 34.55
CA LEU C 125 -43.32 -13.04 33.84
C LEU C 125 -44.47 -13.70 33.11
N ARG C 126 -45.63 -13.04 33.11
CA ARG C 126 -46.67 -13.39 32.14
C ARG C 126 -46.18 -13.04 30.74
N GLU C 127 -46.85 -13.63 29.74
CA GLU C 127 -46.37 -13.48 28.37
C GLU C 127 -46.55 -12.04 27.88
N SER C 128 -47.63 -11.37 28.31
CA SER C 128 -47.81 -9.98 27.92
C SER C 128 -46.81 -9.08 28.64
N GLU C 129 -46.56 -9.36 29.93
CA GLU C 129 -45.49 -8.66 30.64
C GLU C 129 -44.17 -8.81 29.91
N LEU C 130 -43.84 -10.02 29.46
CA LEU C 130 -42.60 -10.23 28.72
C LEU C 130 -42.56 -9.37 27.47
N VAL C 131 -43.68 -9.28 26.73
CA VAL C 131 -43.71 -8.53 25.49
C VAL C 131 -43.58 -7.03 25.76
N PHE C 132 -44.36 -6.51 26.71
CA PHE C 132 -44.28 -5.09 27.05
C PHE C 132 -42.91 -4.72 27.59
N GLY C 133 -42.28 -5.63 28.35
CA GLY C 133 -40.95 -5.36 28.87
C GLY C 133 -39.88 -5.42 27.80
N ALA C 134 -40.04 -6.31 26.84
CA ALA C 134 -39.10 -6.36 25.72
C ALA C 134 -39.21 -5.10 24.87
N LYS C 135 -40.42 -4.60 24.65
CA LYS C 135 -40.58 -3.37 23.87
C LYS C 135 -40.08 -2.15 24.63
N GLN C 136 -40.40 -2.05 25.92
CA GLN C 136 -39.94 -0.92 26.72
C GLN C 136 -38.42 -0.88 26.83
N ALA C 137 -37.77 -2.04 26.84
CA ALA C 137 -36.31 -2.04 26.91
C ALA C 137 -35.71 -1.52 25.62
N TRP C 138 -36.30 -1.87 24.47
CA TRP C 138 -35.94 -1.23 23.22
C TRP C 138 -36.22 0.26 23.28
N ARG C 139 -37.44 0.62 23.72
CA ARG C 139 -37.86 2.01 23.79
C ARG C 139 -36.94 2.83 24.69
N ASN C 140 -36.37 2.20 25.71
CA ASN C 140 -35.52 2.89 26.67
C ASN C 140 -34.05 2.95 26.25
N ALA C 141 -33.67 2.25 25.20
CA ALA C 141 -32.28 2.12 24.83
C ALA C 141 -31.73 3.44 24.32
N PRO C 142 -30.90 4.17 25.08
CA PRO C 142 -30.55 5.53 24.67
C PRO C 142 -29.74 5.61 23.39
N ARG C 143 -28.96 4.59 23.05
CA ARG C 143 -28.09 4.69 21.89
C ARG C 143 -28.77 4.25 20.59
N CYS C 144 -30.05 3.91 20.63
CA CYS C 144 -30.74 3.35 19.48
C CYS C 144 -31.51 4.43 18.73
N VAL C 145 -31.10 4.69 17.49
CA VAL C 145 -31.76 5.68 16.63
C VAL C 145 -33.02 5.14 15.99
N GLY C 146 -33.30 3.83 16.08
CA GLY C 146 -34.38 3.24 15.33
C GLY C 146 -35.65 3.11 16.14
N ARG C 147 -35.72 3.84 17.25
CA ARG C 147 -36.77 3.59 18.23
C ARG C 147 -38.15 4.05 17.80
N ILE C 148 -38.28 4.79 16.70
CA ILE C 148 -39.61 5.09 16.18
C ILE C 148 -40.40 3.80 16.00
N GLN C 149 -39.72 2.69 15.74
CA GLN C 149 -40.29 1.37 15.49
C GLN C 149 -40.59 0.59 16.76
N TRP C 150 -40.43 1.18 17.94
CA TRP C 150 -40.37 0.37 19.16
C TRP C 150 -41.66 -0.37 19.46
N GLY C 151 -42.81 0.15 19.00
CA GLY C 151 -44.05 -0.57 19.22
C GLY C 151 -44.23 -1.78 18.32
N LYS C 152 -43.43 -1.90 17.27
CA LYS C 152 -43.52 -2.97 16.29
C LYS C 152 -42.33 -3.89 16.54
N LEU C 153 -42.53 -4.90 17.39
CA LEU C 153 -41.50 -5.86 17.73
C LEU C 153 -42.15 -7.22 17.93
N GLN C 154 -41.64 -8.23 17.23
CA GLN C 154 -42.10 -9.60 17.38
C GLN C 154 -41.31 -10.28 18.48
N VAL C 155 -41.99 -10.74 19.53
CA VAL C 155 -41.34 -11.31 20.71
C VAL C 155 -41.54 -12.81 20.68
N PHE C 156 -40.44 -13.54 20.54
CA PHE C 156 -40.46 -15.00 20.59
C PHE C 156 -40.09 -15.43 22.01
N ASP C 157 -40.99 -16.15 22.66
CA ASP C 157 -40.77 -16.62 24.02
C ASP C 157 -40.06 -17.97 23.94
N ALA C 158 -38.75 -17.97 24.22
CA ALA C 158 -37.95 -19.18 24.27
C ALA C 158 -37.67 -19.62 25.70
N ARG C 159 -38.43 -19.13 26.68
CA ARG C 159 -38.20 -19.49 28.08
C ARG C 159 -38.40 -20.96 28.35
N ASP C 160 -38.97 -21.70 27.41
CA ASP C 160 -39.09 -23.15 27.53
C ASP C 160 -37.80 -23.87 27.14
N CYS C 161 -36.78 -23.14 26.68
CA CYS C 161 -35.60 -23.79 26.11
C CYS C 161 -34.82 -24.53 27.19
N ARG C 162 -34.16 -25.61 26.77
CA ARG C 162 -33.41 -26.43 27.72
C ARG C 162 -32.13 -27.03 27.17
N SER C 163 -31.79 -26.80 25.91
CA SER C 163 -30.54 -27.32 25.37
C SER C 163 -29.98 -26.37 24.35
N ALA C 164 -28.69 -26.54 24.04
CA ALA C 164 -28.07 -25.76 22.96
C ALA C 164 -28.67 -26.09 21.61
N GLN C 165 -29.27 -27.27 21.46
CA GLN C 165 -29.90 -27.65 20.20
C GLN C 165 -31.26 -26.98 20.04
N GLU C 166 -32.03 -26.89 21.12
CA GLU C 166 -33.27 -26.12 21.09
C GLU C 166 -32.97 -24.64 20.91
N MET C 167 -31.98 -24.12 21.66
CA MET C 167 -31.55 -22.75 21.46
C MET C 167 -31.25 -22.48 19.98
N PHE C 168 -30.61 -23.43 19.30
CA PHE C 168 -30.30 -23.25 17.89
C PHE C 168 -31.55 -23.24 17.02
N THR C 169 -32.55 -24.06 17.36
CA THR C 169 -33.79 -24.02 16.61
C THR C 169 -34.56 -22.72 16.88
N TYR C 170 -34.52 -22.26 18.14
CA TYR C 170 -35.13 -20.98 18.45
C TYR C 170 -34.47 -19.85 17.66
N ILE C 171 -33.14 -19.89 17.53
CA ILE C 171 -32.44 -18.83 16.81
C ILE C 171 -32.78 -18.89 15.33
N CYS C 172 -32.85 -20.10 14.77
CA CYS C 172 -33.10 -20.24 13.34
C CYS C 172 -34.50 -19.78 12.97
N ASN C 173 -35.47 -19.98 13.87
CA ASN C 173 -36.80 -19.45 13.61
C ASN C 173 -36.79 -17.93 13.69
N HIS C 174 -36.01 -17.39 14.62
CA HIS C 174 -35.81 -15.94 14.68
C HIS C 174 -35.21 -15.43 13.37
N ILE C 175 -34.05 -15.98 12.99
CA ILE C 175 -33.37 -15.52 11.79
C ILE C 175 -34.28 -15.64 10.58
N LYS C 176 -35.01 -16.76 10.47
CA LYS C 176 -35.95 -16.95 9.37
C LYS C 176 -37.05 -15.91 9.40
N TYR C 177 -37.69 -15.73 10.57
CA TYR C 177 -38.78 -14.77 10.66
C TYR C 177 -38.28 -13.35 10.44
N ALA C 178 -37.20 -12.97 11.11
CA ALA C 178 -36.73 -11.60 11.02
C ALA C 178 -36.31 -11.24 9.60
N THR C 179 -35.69 -12.18 8.89
CA THR C 179 -35.19 -11.87 7.55
C THR C 179 -36.33 -11.70 6.55
N ASN C 180 -37.27 -12.65 6.54
CA ASN C 180 -38.53 -12.49 5.79
C ASN C 180 -38.25 -12.14 4.32
N ARG C 181 -37.27 -12.80 3.73
CA ARG C 181 -36.92 -12.65 2.32
C ARG C 181 -36.45 -11.24 2.01
N GLY C 182 -35.84 -10.58 3.00
CA GLY C 182 -35.33 -9.24 2.82
C GLY C 182 -36.27 -8.15 3.26
N ASN C 183 -37.51 -8.47 3.61
CA ASN C 183 -38.42 -7.49 4.18
C ASN C 183 -38.36 -7.64 5.69
N LEU C 184 -37.31 -7.05 6.28
CA LEU C 184 -36.95 -7.33 7.66
C LEU C 184 -38.05 -6.88 8.61
N ARG C 185 -38.21 -7.66 9.67
CA ARG C 185 -39.17 -7.42 10.73
C ARG C 185 -38.44 -7.51 12.06
N SER C 186 -38.66 -6.53 12.91
CA SER C 186 -37.92 -6.53 14.17
C SER C 186 -38.40 -7.67 15.04
N ALA C 187 -37.48 -8.28 15.79
CA ALA C 187 -37.77 -9.49 16.54
C ALA C 187 -36.81 -9.64 17.71
N ILE C 188 -37.32 -10.21 18.80
CA ILE C 188 -36.48 -10.67 19.89
C ILE C 188 -36.93 -12.06 20.31
N THR C 189 -35.97 -12.92 20.64
CA THR C 189 -36.21 -14.24 21.19
C THR C 189 -35.67 -14.25 22.62
N VAL C 190 -36.54 -14.48 23.59
CA VAL C 190 -36.18 -14.38 25.01
C VAL C 190 -35.92 -15.79 25.55
N PHE C 191 -34.67 -16.08 25.86
CA PHE C 191 -34.29 -17.38 26.41
C PHE C 191 -34.49 -17.37 27.92
N PRO C 192 -34.39 -18.53 28.58
CA PRO C 192 -34.69 -18.57 30.02
C PRO C 192 -33.80 -17.63 30.82
N GLN C 193 -34.42 -17.01 31.81
CA GLN C 193 -33.71 -16.09 32.68
C GLN C 193 -32.70 -16.84 33.55
N ARG C 194 -31.67 -16.11 33.98
CA ARG C 194 -30.82 -16.62 35.04
C ARG C 194 -31.63 -16.80 36.32
N CYS C 195 -31.10 -17.61 37.23
CA CYS C 195 -31.70 -17.78 38.54
C CYS C 195 -30.65 -18.39 39.46
N PRO C 196 -30.84 -18.29 40.78
CA PRO C 196 -29.81 -18.82 41.70
C PRO C 196 -29.67 -20.33 41.58
N GLY C 197 -28.47 -20.81 41.92
CA GLY C 197 -28.18 -22.23 41.85
C GLY C 197 -28.34 -22.82 40.48
N ARG C 198 -28.08 -22.03 39.44
CA ARG C 198 -28.34 -22.44 38.07
C ARG C 198 -27.54 -21.55 37.14
N GLY C 199 -26.98 -22.15 36.10
CA GLY C 199 -26.26 -21.39 35.11
C GLY C 199 -27.18 -20.50 34.29
N ASP C 200 -26.61 -19.96 33.22
CA ASP C 200 -27.32 -19.08 32.30
C ASP C 200 -27.22 -19.63 30.89
N PHE C 201 -28.18 -19.26 30.06
CA PHE C 201 -28.02 -19.38 28.62
C PHE C 201 -27.26 -18.15 28.12
N ARG C 202 -26.17 -18.39 27.39
CA ARG C 202 -25.33 -17.32 26.86
C ARG C 202 -25.01 -17.62 25.41
N ILE C 203 -25.41 -16.72 24.52
CA ILE C 203 -24.98 -16.79 23.13
C ILE C 203 -23.60 -16.15 23.07
N TRP C 204 -22.57 -16.96 22.86
CA TRP C 204 -21.20 -16.44 22.91
C TRP C 204 -20.95 -15.43 21.81
N ASN C 205 -21.54 -15.63 20.65
CA ASN C 205 -21.39 -14.69 19.54
C ASN C 205 -21.99 -13.33 19.90
N SER C 206 -21.32 -12.26 19.48
CA SER C 206 -21.86 -10.93 19.71
C SER C 206 -23.07 -10.66 18.83
N GLN C 207 -23.12 -11.27 17.65
CA GLN C 207 -24.26 -11.20 16.76
C GLN C 207 -24.56 -12.58 16.20
N LEU C 208 -25.81 -12.80 15.82
CA LEU C 208 -26.17 -14.06 15.18
C LEU C 208 -25.41 -14.24 13.89
N VAL C 209 -25.25 -13.17 13.12
CA VAL C 209 -24.48 -13.20 11.88
C VAL C 209 -23.24 -12.36 12.11
N ARG C 210 -22.08 -13.00 12.05
CA ARG C 210 -20.79 -12.35 12.17
C ARG C 210 -19.83 -12.98 11.17
N TYR C 211 -19.03 -12.16 10.52
CA TYR C 211 -17.95 -12.67 9.71
C TYR C 211 -16.74 -13.00 10.57
N ALA C 212 -16.03 -14.06 10.18
CA ALA C 212 -14.83 -14.46 10.90
C ALA C 212 -13.70 -13.46 10.70
N GLY C 213 -12.81 -13.42 11.68
CA GLY C 213 -11.59 -12.66 11.55
C GLY C 213 -10.40 -13.52 11.94
N TYR C 214 -9.50 -13.77 11.01
CA TYR C 214 -8.40 -14.71 11.21
C TYR C 214 -7.09 -13.94 11.38
N ARG C 215 -6.40 -14.21 12.49
CA ARG C 215 -5.05 -13.69 12.65
C ARG C 215 -4.13 -14.28 11.58
N GLN C 216 -3.29 -13.43 11.00
CA GLN C 216 -2.36 -13.83 9.96
C GLN C 216 -0.94 -13.88 10.51
N GLN C 217 -0.12 -14.76 9.93
CA GLN C 217 1.32 -14.73 10.18
C GLN C 217 1.91 -13.39 9.73
N ASP C 218 1.24 -12.71 8.81
CA ASP C 218 1.54 -11.32 8.48
C ASP C 218 1.37 -10.40 9.69
N GLY C 219 0.67 -10.86 10.72
CA GLY C 219 0.33 -10.04 11.86
C GLY C 219 -1.02 -9.37 11.75
N SER C 220 -1.64 -9.39 10.57
CA SER C 220 -2.91 -8.72 10.34
C SER C 220 -4.07 -9.66 10.66
N VAL C 221 -5.27 -9.26 10.26
CA VAL C 221 -6.48 -10.06 10.43
C VAL C 221 -7.24 -10.04 9.11
N ARG C 222 -7.41 -11.21 8.50
CA ARG C 222 -8.24 -11.34 7.31
C ARG C 222 -9.68 -11.59 7.74
N GLY C 223 -10.60 -10.80 7.22
CA GLY C 223 -11.97 -10.84 7.68
C GLY C 223 -12.27 -9.65 8.56
N ASP C 224 -13.08 -9.86 9.59
CA ASP C 224 -13.47 -8.79 10.48
C ASP C 224 -12.60 -8.82 11.73
N PRO C 225 -11.78 -7.80 11.99
CA PRO C 225 -10.97 -7.81 13.22
C PRO C 225 -11.82 -7.78 14.47
N ALA C 226 -13.07 -7.33 14.38
CA ALA C 226 -13.94 -7.30 15.54
C ALA C 226 -14.17 -8.68 16.13
N ASN C 227 -13.97 -9.74 15.35
CA ASN C 227 -14.41 -11.07 15.75
C ASN C 227 -13.26 -12.06 15.86
N VAL C 228 -12.03 -11.58 16.05
CA VAL C 228 -10.90 -12.49 16.23
C VAL C 228 -11.10 -13.36 17.46
N GLU C 229 -11.64 -12.77 18.52
CA GLU C 229 -11.90 -13.52 19.75
C GLU C 229 -12.85 -14.69 19.50
N ILE C 230 -14.04 -14.39 18.99
CA ILE C 230 -15.05 -15.42 18.80
C ILE C 230 -14.63 -16.39 17.69
N THR C 231 -13.84 -15.92 16.73
CA THR C 231 -13.36 -16.81 15.68
C THR C 231 -12.37 -17.83 16.22
N GLU C 232 -11.49 -17.41 17.13
CA GLU C 232 -10.61 -18.36 17.80
C GLU C 232 -11.41 -19.35 18.63
N LEU C 233 -12.47 -18.87 19.29
CA LEU C 233 -13.28 -19.74 20.14
C LEU C 233 -14.04 -20.76 19.30
N CYS C 234 -14.70 -20.30 18.25
CA CYS C 234 -15.35 -21.22 17.32
C CYS C 234 -14.36 -22.24 16.79
N ILE C 235 -13.12 -21.81 16.52
CA ILE C 235 -12.11 -22.72 15.99
C ILE C 235 -11.78 -23.80 17.01
N GLN C 236 -11.66 -23.42 18.29
CA GLN C 236 -11.36 -24.41 19.33
C GLN C 236 -12.53 -25.36 19.52
N HIS C 237 -13.72 -24.82 19.79
CA HIS C 237 -14.92 -25.62 20.06
C HIS C 237 -15.46 -26.29 18.79
N GLY C 238 -14.60 -26.83 17.94
CA GLY C 238 -15.08 -27.57 16.78
C GLY C 238 -14.68 -26.97 15.43
N TRP C 239 -15.16 -25.76 15.14
CA TRP C 239 -15.20 -25.25 13.77
C TRP C 239 -13.87 -25.36 13.07
N THR C 240 -13.87 -26.01 11.91
CA THR C 240 -12.70 -25.73 11.09
C THR C 240 -12.97 -24.50 10.24
N PRO C 241 -12.01 -23.57 10.16
CA PRO C 241 -12.31 -22.24 9.62
C PRO C 241 -12.26 -22.20 8.10
N GLY C 242 -12.77 -21.10 7.56
CA GLY C 242 -12.56 -20.75 6.17
C GLY C 242 -11.27 -19.97 6.00
N ASN C 243 -11.14 -19.35 4.82
CA ASN C 243 -9.99 -18.47 4.58
C ASN C 243 -10.39 -17.27 3.73
N GLY C 244 -11.67 -16.89 3.80
CA GLY C 244 -12.15 -15.71 3.11
C GLY C 244 -12.33 -14.54 4.06
N ARG C 245 -12.68 -13.40 3.47
CA ARG C 245 -12.92 -12.19 4.24
C ARG C 245 -14.34 -12.13 4.80
N PHE C 246 -15.26 -12.95 4.31
CA PHE C 246 -16.65 -12.89 4.75
C PHE C 246 -17.18 -14.27 5.10
N ASP C 247 -16.35 -15.13 5.68
CA ASP C 247 -16.81 -16.40 6.20
C ASP C 247 -17.73 -16.17 7.38
N VAL C 248 -19.00 -16.57 7.25
CA VAL C 248 -19.96 -16.42 8.34
C VAL C 248 -19.62 -17.38 9.46
N LEU C 249 -19.57 -16.86 10.68
CA LEU C 249 -19.13 -17.64 11.82
C LEU C 249 -20.22 -18.61 12.28
N PRO C 250 -19.84 -19.71 12.91
CA PRO C 250 -20.83 -20.56 13.57
C PRO C 250 -21.31 -19.92 14.87
N LEU C 251 -22.50 -20.35 15.30
CA LEU C 251 -23.04 -19.90 16.57
C LEU C 251 -22.50 -20.77 17.70
N LEU C 252 -21.88 -20.14 18.69
CA LEU C 252 -21.44 -20.81 19.92
C LEU C 252 -22.52 -20.55 20.97
N LEU C 253 -23.34 -21.56 21.21
CA LEU C 253 -24.48 -21.47 22.11
C LEU C 253 -24.19 -22.31 23.35
N GLN C 254 -24.56 -21.79 24.52
CA GLN C 254 -24.21 -22.41 25.78
C GLN C 254 -25.46 -22.64 26.62
N ALA C 255 -25.84 -23.90 26.77
CA ALA C 255 -26.86 -24.26 27.75
C ALA C 255 -26.29 -24.06 29.16
N PRO C 256 -27.15 -23.79 30.14
CA PRO C 256 -26.65 -23.47 31.48
C PRO C 256 -25.94 -24.65 32.12
N ASP C 257 -24.81 -24.35 32.76
CA ASP C 257 -23.94 -25.33 33.41
C ASP C 257 -23.36 -26.33 32.41
N GLU C 258 -23.53 -26.09 31.11
CA GLU C 258 -22.98 -26.90 30.06
C GLU C 258 -21.99 -26.08 29.23
N PRO C 259 -20.85 -26.64 28.87
CA PRO C 259 -19.96 -25.97 27.92
C PRO C 259 -20.69 -25.73 26.61
N PRO C 260 -20.28 -24.73 25.84
CA PRO C 260 -21.03 -24.37 24.63
C PRO C 260 -20.82 -25.38 23.52
N GLU C 261 -21.78 -25.42 22.61
CA GLU C 261 -21.73 -26.28 21.44
C GLU C 261 -21.75 -25.44 20.17
N LEU C 262 -20.99 -25.90 19.16
CA LEU C 262 -20.82 -25.17 17.92
C LEU C 262 -21.91 -25.59 16.93
N PHE C 263 -22.66 -24.61 16.43
CA PHE C 263 -23.72 -24.85 15.46
C PHE C 263 -23.48 -23.98 14.22
N LEU C 264 -23.64 -24.58 13.05
CA LEU C 264 -23.44 -23.87 11.79
C LEU C 264 -24.78 -23.34 11.29
N LEU C 265 -24.75 -22.14 10.76
CA LEU C 265 -25.99 -21.57 10.24
C LEU C 265 -26.24 -22.07 8.82
N PRO C 266 -27.42 -22.59 8.52
CA PRO C 266 -27.73 -22.99 7.15
C PRO C 266 -27.56 -21.82 6.18
N PRO C 267 -26.64 -21.94 5.22
CA PRO C 267 -26.28 -20.77 4.41
C PRO C 267 -27.44 -20.12 3.69
N GLU C 268 -28.54 -20.85 3.46
CA GLU C 268 -29.72 -20.24 2.87
C GLU C 268 -30.54 -19.47 3.89
N LEU C 269 -30.25 -19.62 5.18
CA LEU C 269 -30.90 -18.80 6.19
C LEU C 269 -30.21 -17.46 6.40
N VAL C 270 -28.96 -17.33 5.97
CA VAL C 270 -28.17 -16.12 6.20
C VAL C 270 -28.21 -15.32 4.91
N LEU C 271 -29.15 -14.38 4.84
CA LEU C 271 -29.29 -13.57 3.64
C LEU C 271 -28.17 -12.54 3.59
N GLU C 272 -27.41 -12.53 2.50
CA GLU C 272 -26.31 -11.61 2.34
C GLU C 272 -26.51 -10.73 1.12
N VAL C 273 -25.93 -9.54 1.16
CA VAL C 273 -26.01 -8.58 0.07
C VAL C 273 -24.62 -8.33 -0.51
N PRO C 274 -24.33 -8.86 -1.69
CA PRO C 274 -23.08 -8.46 -2.36
C PRO C 274 -23.13 -6.98 -2.70
N LEU C 275 -22.00 -6.30 -2.50
CA LEU C 275 -21.96 -4.85 -2.58
C LEU C 275 -21.50 -4.42 -3.96
N GLU C 276 -22.34 -3.65 -4.65
CA GLU C 276 -21.98 -2.98 -5.89
C GLU C 276 -22.32 -1.50 -5.78
N HIS C 277 -21.81 -0.72 -6.73
CA HIS C 277 -22.06 0.71 -6.76
C HIS C 277 -22.83 1.10 -8.02
N PRO C 278 -23.78 2.03 -7.91
CA PRO C 278 -24.62 2.36 -9.07
C PRO C 278 -23.86 2.79 -10.30
N THR C 279 -22.68 3.40 -10.15
CA THR C 279 -22.02 3.95 -11.32
C THR C 279 -20.56 3.55 -11.40
N LEU C 280 -19.93 3.27 -10.27
CA LEU C 280 -18.55 2.80 -10.22
C LEU C 280 -18.56 1.30 -10.47
N GLU C 281 -18.37 0.92 -11.74
CA GLU C 281 -18.54 -0.47 -12.15
C GLU C 281 -17.50 -1.38 -11.50
N TRP C 282 -16.35 -0.83 -11.10
CA TRP C 282 -15.30 -1.62 -10.48
C TRP C 282 -15.58 -1.93 -9.01
N PHE C 283 -16.61 -1.32 -8.42
CA PHE C 283 -16.82 -1.52 -6.98
C PHE C 283 -17.18 -2.96 -6.67
N ALA C 284 -18.06 -3.56 -7.50
CA ALA C 284 -18.42 -4.95 -7.31
C ALA C 284 -17.20 -5.86 -7.23
N ALA C 285 -16.15 -5.56 -8.00
CA ALA C 285 -14.99 -6.44 -8.03
C ALA C 285 -14.20 -6.43 -6.74
N LEU C 286 -14.49 -5.48 -5.83
CA LEU C 286 -13.85 -5.54 -4.53
C LEU C 286 -14.35 -6.72 -3.69
N GLY C 287 -15.38 -7.43 -4.15
CA GLY C 287 -15.89 -8.58 -3.43
C GLY C 287 -16.50 -8.25 -2.09
N LEU C 288 -16.92 -7.01 -1.89
CA LEU C 288 -17.49 -6.62 -0.62
C LEU C 288 -18.91 -7.17 -0.49
N ARG C 289 -19.24 -7.62 0.71
CA ARG C 289 -20.54 -8.21 1.01
C ARG C 289 -20.92 -7.80 2.42
N TRP C 290 -22.21 -7.82 2.72
CA TRP C 290 -22.66 -7.76 4.10
C TRP C 290 -23.95 -8.52 4.25
N TYR C 291 -24.33 -8.76 5.50
CA TYR C 291 -25.50 -9.58 5.79
C TYR C 291 -26.71 -8.70 6.07
N ALA C 292 -27.89 -9.28 5.83
CA ALA C 292 -29.14 -8.54 5.92
C ALA C 292 -29.50 -8.22 7.37
N LEU C 293 -29.31 -9.16 8.28
CA LEU C 293 -29.96 -9.11 9.58
C LEU C 293 -29.01 -8.61 10.67
N PRO C 294 -29.16 -7.40 11.18
CA PRO C 294 -28.43 -7.02 12.40
C PRO C 294 -29.12 -7.61 13.61
N ALA C 295 -28.50 -8.60 14.22
CA ALA C 295 -29.13 -9.37 15.29
C ALA C 295 -28.13 -9.52 16.42
N VAL C 296 -28.32 -8.73 17.48
CA VAL C 296 -27.36 -8.63 18.58
C VAL C 296 -27.65 -9.70 19.62
N SER C 297 -26.62 -10.47 19.99
CA SER C 297 -26.79 -11.68 20.77
C SER C 297 -25.92 -11.74 22.02
N ASN C 298 -25.33 -10.61 22.42
CA ASN C 298 -24.46 -10.59 23.58
C ASN C 298 -24.94 -9.68 24.69
N MET C 299 -26.05 -8.98 24.51
CA MET C 299 -26.56 -8.11 25.57
C MET C 299 -27.52 -8.87 26.48
N LEU C 300 -27.77 -8.29 27.65
CA LEU C 300 -28.63 -8.88 28.65
C LEU C 300 -29.90 -8.06 28.72
N LEU C 301 -31.04 -8.74 28.64
CA LEU C 301 -32.33 -8.09 28.80
C LEU C 301 -32.74 -8.16 30.27
N GLU C 302 -33.03 -7.00 30.85
CA GLU C 302 -33.47 -6.91 32.25
C GLU C 302 -34.90 -6.42 32.27
N ILE C 303 -35.81 -7.24 32.79
CA ILE C 303 -37.20 -6.87 32.96
C ILE C 303 -37.59 -7.07 34.41
N GLY C 304 -38.02 -5.99 35.07
CA GLY C 304 -38.56 -6.10 36.40
C GLY C 304 -37.70 -6.86 37.38
N GLY C 305 -36.41 -6.56 37.39
CA GLY C 305 -35.47 -7.26 38.25
C GLY C 305 -35.05 -8.62 37.75
N LEU C 306 -35.79 -9.19 36.81
CA LEU C 306 -35.33 -10.40 36.13
C LEU C 306 -34.30 -10.02 35.06
N GLU C 307 -33.40 -10.95 34.80
CA GLU C 307 -32.28 -10.71 33.90
C GLU C 307 -32.16 -11.88 32.94
N PHE C 308 -32.25 -11.57 31.64
CA PHE C 308 -32.22 -12.59 30.59
C PHE C 308 -30.90 -12.53 29.85
N PRO C 309 -29.92 -13.36 30.22
CA PRO C 309 -28.58 -13.22 29.62
C PRO C 309 -28.52 -13.61 28.14
N ALA C 310 -29.51 -14.33 27.65
CA ALA C 310 -29.62 -14.65 26.23
C ALA C 310 -30.99 -14.17 25.77
N ALA C 311 -31.00 -13.12 24.96
CA ALA C 311 -32.24 -12.57 24.43
C ALA C 311 -31.91 -11.82 23.15
N PRO C 312 -31.55 -12.52 22.08
CA PRO C 312 -31.11 -11.82 20.87
C PRO C 312 -32.25 -11.04 20.25
N PHE C 313 -31.92 -9.86 19.74
CA PHE C 313 -32.89 -8.99 19.11
C PHE C 313 -32.32 -8.50 17.78
N SER C 314 -33.21 -8.15 16.86
CA SER C 314 -32.79 -7.78 15.52
C SER C 314 -33.75 -6.73 14.96
N GLY C 315 -33.21 -5.87 14.12
CA GLY C 315 -34.02 -4.90 13.42
C GLY C 315 -33.66 -4.93 11.96
N TRP C 316 -33.33 -3.77 11.43
CA TRP C 316 -32.68 -3.69 10.14
C TRP C 316 -31.61 -2.62 10.23
N TYR C 317 -30.68 -2.69 9.29
CA TYR C 317 -29.50 -1.82 9.34
C TYR C 317 -29.84 -0.39 8.96
N MET C 318 -29.17 0.54 9.63
CA MET C 318 -28.94 1.86 9.06
C MET C 318 -27.68 1.79 8.22
N SER C 319 -27.68 2.43 7.04
CA SER C 319 -26.62 2.19 6.08
C SER C 319 -25.24 2.51 6.62
N THR C 320 -25.13 3.53 7.51
CA THR C 320 -23.82 3.95 7.99
C THR C 320 -23.17 2.89 8.86
N GLU C 321 -23.98 2.02 9.48
CA GLU C 321 -23.40 0.97 10.29
C GLU C 321 -22.51 0.09 9.43
N ILE C 322 -22.99 -0.22 8.24
CA ILE C 322 -22.24 -1.04 7.29
C ILE C 322 -21.22 -0.20 6.55
N GLY C 323 -21.68 0.86 5.89
CA GLY C 323 -20.83 1.57 4.94
C GLY C 323 -19.73 2.36 5.61
N THR C 324 -20.04 2.97 6.76
CA THR C 324 -19.03 3.78 7.43
C THR C 324 -18.29 2.99 8.49
N ARG C 325 -19.01 2.42 9.46
CA ARG C 325 -18.32 1.83 10.61
C ARG C 325 -17.72 0.47 10.26
N ASN C 326 -18.52 -0.46 9.73
CA ASN C 326 -18.00 -1.81 9.53
C ASN C 326 -16.97 -1.84 8.42
N LEU C 327 -17.21 -1.10 7.34
CA LEU C 327 -16.33 -1.15 6.19
C LEU C 327 -15.19 -0.15 6.26
N CYS C 328 -15.38 0.98 6.94
CA CYS C 328 -14.36 2.04 6.95
C CYS C 328 -13.65 2.25 8.27
N ASP C 329 -14.11 1.70 9.39
CA ASP C 329 -13.35 1.91 10.62
C ASP C 329 -11.95 1.35 10.44
N PRO C 330 -10.91 2.05 10.90
CA PRO C 330 -9.55 1.53 10.75
C PRO C 330 -9.35 0.18 11.42
N HIS C 331 -10.10 -0.12 12.48
CA HIS C 331 -10.01 -1.40 13.17
C HIS C 331 -11.06 -2.39 12.69
N ARG C 332 -11.75 -2.08 11.60
CA ARG C 332 -12.71 -2.99 10.99
C ARG C 332 -12.18 -3.41 9.62
N TYR C 333 -12.99 -3.45 8.57
CA TYR C 333 -12.46 -3.86 7.27
C TYR C 333 -11.52 -2.80 6.71
N ASN C 334 -11.68 -1.54 7.11
CA ASN C 334 -10.69 -0.50 6.83
C ASN C 334 -10.44 -0.40 5.32
N ILE C 335 -11.55 -0.33 4.56
CA ILE C 335 -11.46 -0.36 3.10
C ILE C 335 -11.33 1.02 2.48
N LEU C 336 -11.29 2.08 3.29
CA LEU C 336 -11.40 3.44 2.76
C LEU C 336 -10.33 3.73 1.71
N GLU C 337 -9.07 3.39 2.00
CA GLU C 337 -8.02 3.75 1.07
C GLU C 337 -8.13 2.95 -0.22
N ASP C 338 -8.57 1.69 -0.12
CA ASP C 338 -8.80 0.88 -1.30
C ASP C 338 -9.78 1.57 -2.24
N VAL C 339 -10.94 1.96 -1.70
CA VAL C 339 -11.96 2.59 -2.53
C VAL C 339 -11.43 3.90 -3.12
N ALA C 340 -10.73 4.70 -2.32
CA ALA C 340 -10.19 5.96 -2.82
C ALA C 340 -9.19 5.74 -3.97
N VAL C 341 -8.31 4.73 -3.83
CA VAL C 341 -7.39 4.39 -4.92
C VAL C 341 -8.17 4.03 -6.18
N CYS C 342 -9.22 3.21 -6.05
CA CYS C 342 -10.02 2.85 -7.22
C CYS C 342 -10.72 4.06 -7.81
N MET C 343 -11.12 5.00 -6.96
CA MET C 343 -11.72 6.26 -7.38
C MET C 343 -10.71 7.25 -7.92
N ASP C 344 -9.43 6.86 -8.00
CA ASP C 344 -8.37 7.73 -8.48
C ASP C 344 -8.33 9.05 -7.70
N LEU C 345 -8.48 8.96 -6.38
CA LEU C 345 -8.39 10.14 -5.53
C LEU C 345 -6.95 10.38 -5.12
N ASP C 346 -6.63 11.63 -4.84
CA ASP C 346 -5.31 11.99 -4.33
C ASP C 346 -5.27 11.63 -2.85
N THR C 347 -4.65 10.50 -2.53
CA THR C 347 -4.54 10.09 -1.14
C THR C 347 -3.30 10.66 -0.46
N ARG C 348 -2.53 11.52 -1.14
CA ARG C 348 -1.30 12.04 -0.56
C ARG C 348 -1.55 13.13 0.47
N THR C 349 -2.65 13.87 0.34
CA THR C 349 -2.97 14.97 1.24
C THR C 349 -4.37 14.77 1.82
N THR C 350 -4.55 15.14 3.08
CA THR C 350 -5.88 15.06 3.66
C THR C 350 -6.82 16.10 3.05
N SER C 351 -6.30 17.22 2.56
CA SER C 351 -7.19 18.31 2.23
C SER C 351 -8.00 18.05 0.96
N SER C 352 -7.64 17.01 0.18
CA SER C 352 -8.50 16.58 -0.93
C SER C 352 -9.79 15.94 -0.47
N LEU C 353 -9.89 15.58 0.82
CA LEU C 353 -11.06 14.90 1.38
C LEU C 353 -11.32 13.57 0.67
N TRP C 354 -10.25 12.91 0.25
CA TRP C 354 -10.39 11.59 -0.36
C TRP C 354 -11.09 10.62 0.57
N LYS C 355 -10.84 10.73 1.89
CA LYS C 355 -11.51 9.84 2.84
C LYS C 355 -13.01 10.07 2.84
N ASP C 356 -13.43 11.35 2.76
CA ASP C 356 -14.84 11.69 2.79
C ASP C 356 -15.55 11.26 1.52
N LYS C 357 -14.89 11.42 0.37
CA LYS C 357 -15.55 11.06 -0.87
C LYS C 357 -15.64 9.55 -1.02
N ALA C 358 -14.57 8.83 -0.66
CA ALA C 358 -14.64 7.37 -0.66
C ALA C 358 -15.70 6.86 0.31
N ALA C 359 -15.78 7.46 1.51
CA ALA C 359 -16.77 7.00 2.47
C ALA C 359 -18.20 7.17 1.93
N VAL C 360 -18.48 8.32 1.33
CA VAL C 360 -19.83 8.57 0.86
C VAL C 360 -20.20 7.57 -0.22
N GLU C 361 -19.27 7.30 -1.14
CA GLU C 361 -19.56 6.35 -2.21
C GLU C 361 -19.72 4.93 -1.67
N ILE C 362 -18.96 4.57 -0.63
CA ILE C 362 -19.15 3.28 0.02
C ILE C 362 -20.54 3.19 0.63
N ASN C 363 -21.03 4.30 1.19
CA ASN C 363 -22.37 4.30 1.73
C ASN C 363 -23.42 4.30 0.62
N VAL C 364 -23.14 4.98 -0.50
CA VAL C 364 -24.03 4.88 -1.67
C VAL C 364 -24.08 3.44 -2.17
N ALA C 365 -22.93 2.78 -2.22
CA ALA C 365 -22.90 1.38 -2.64
C ALA C 365 -23.75 0.52 -1.73
N VAL C 366 -23.65 0.73 -0.42
CA VAL C 366 -24.45 -0.03 0.52
C VAL C 366 -25.93 0.17 0.25
N LEU C 367 -26.36 1.43 0.17
CA LEU C 367 -27.78 1.72 0.00
C LEU C 367 -28.29 1.13 -1.31
N HIS C 368 -27.58 1.42 -2.40
CA HIS C 368 -27.93 0.88 -3.72
C HIS C 368 -28.04 -0.65 -3.68
N SER C 369 -27.04 -1.30 -3.08
CA SER C 369 -27.01 -2.76 -3.12
C SER C 369 -28.16 -3.38 -2.34
N TYR C 370 -28.41 -2.88 -1.13
CA TYR C 370 -29.54 -3.37 -0.33
C TYR C 370 -30.87 -3.12 -1.03
N GLN C 371 -31.04 -1.93 -1.64
CA GLN C 371 -32.28 -1.62 -2.32
C GLN C 371 -32.47 -2.52 -3.52
N LEU C 372 -31.41 -2.69 -4.31
CA LEU C 372 -31.48 -3.57 -5.46
C LEU C 372 -31.81 -5.00 -5.03
N ALA C 373 -31.28 -5.43 -3.88
CA ALA C 373 -31.56 -6.78 -3.39
C ALA C 373 -32.89 -6.87 -2.64
N LYS C 374 -33.60 -5.75 -2.46
CA LYS C 374 -34.90 -5.73 -1.78
C LYS C 374 -34.76 -6.09 -0.31
N VAL C 375 -33.64 -5.71 0.29
CA VAL C 375 -33.34 -5.94 1.69
C VAL C 375 -33.54 -4.64 2.44
N THR C 376 -34.36 -4.68 3.48
CA THR C 376 -34.67 -3.47 4.24
C THR C 376 -33.39 -2.80 4.72
N ILE C 377 -33.25 -1.52 4.40
CA ILE C 377 -32.15 -0.68 4.88
C ILE C 377 -32.69 0.74 4.99
N VAL C 378 -32.07 1.54 5.87
CA VAL C 378 -32.51 2.91 6.03
C VAL C 378 -31.26 3.80 6.04
N ASP C 379 -31.31 4.88 5.26
CA ASP C 379 -30.15 5.74 5.26
C ASP C 379 -30.17 6.62 6.51
N HIS C 380 -29.02 7.23 6.79
CA HIS C 380 -28.89 7.96 8.04
C HIS C 380 -29.74 9.22 8.07
N HIS C 381 -30.08 9.79 6.90
CA HIS C 381 -30.96 10.94 6.91
C HIS C 381 -32.36 10.55 7.32
N ALA C 382 -32.94 9.53 6.65
CA ALA C 382 -34.27 9.09 7.01
C ALA C 382 -34.33 8.64 8.47
N ALA C 383 -33.29 7.93 8.93
CA ALA C 383 -33.32 7.39 10.28
C ALA C 383 -33.32 8.50 11.32
N THR C 384 -32.46 9.51 11.12
CA THR C 384 -32.41 10.61 12.07
C THR C 384 -33.64 11.50 11.98
N ALA C 385 -34.22 11.64 10.78
CA ALA C 385 -35.50 12.33 10.68
C ALA C 385 -36.60 11.60 11.43
N SER C 386 -36.59 10.26 11.40
CA SER C 386 -37.59 9.49 12.14
CA SER C 386 -37.60 9.50 12.14
C SER C 386 -37.32 9.53 13.64
N PHE C 387 -36.06 9.60 14.04
CA PHE C 387 -35.79 9.68 15.47
C PHE C 387 -36.26 11.02 16.04
N MET C 388 -36.15 12.09 15.24
CA MET C 388 -36.75 13.36 15.65
C MET C 388 -38.25 13.22 15.87
N LYS C 389 -38.94 12.52 14.97
CA LYS C 389 -40.35 12.22 15.19
C LYS C 389 -40.55 11.41 16.47
N HIS C 390 -39.71 10.40 16.67
CA HIS C 390 -39.78 9.62 17.90
C HIS C 390 -39.57 10.50 19.12
N LEU C 391 -38.59 11.42 19.06
CA LEU C 391 -38.37 12.35 20.17
C LEU C 391 -39.63 13.14 20.48
N GLU C 392 -40.30 13.64 19.44
CA GLU C 392 -41.53 14.41 19.63
C GLU C 392 -42.66 13.54 20.17
N ASN C 393 -42.80 12.32 19.65
CA ASN C 393 -43.79 11.38 20.18
C ASN C 393 -43.52 11.07 21.63
N GLU C 394 -42.24 10.86 21.97
CA GLU C 394 -41.91 10.48 23.34
C GLU C 394 -42.12 11.64 24.30
N GLN C 395 -41.83 12.86 23.86
CA GLN C 395 -42.11 14.03 24.68
C GLN C 395 -43.57 14.06 25.12
N LYS C 396 -44.49 13.73 24.21
CA LYS C 396 -45.90 13.65 24.60
C LYS C 396 -46.15 12.42 25.47
N ALA C 397 -45.65 11.26 25.05
CA ALA C 397 -46.00 10.01 25.72
C ALA C 397 -45.47 9.95 27.15
N ARG C 398 -44.21 10.38 27.36
CA ARG C 398 -43.56 10.14 28.63
C ARG C 398 -42.83 11.35 29.21
N GLY C 399 -42.92 12.52 28.58
CA GLY C 399 -42.26 13.70 29.09
C GLY C 399 -40.79 13.82 28.74
N GLY C 400 -40.26 12.92 27.91
CA GLY C 400 -38.87 12.99 27.52
C GLY C 400 -38.47 11.67 26.89
N CYS C 401 -37.19 11.58 26.56
CA CYS C 401 -36.70 10.38 25.91
C CYS C 401 -35.21 10.26 26.13
N PRO C 402 -34.73 9.22 26.83
CA PRO C 402 -33.28 9.09 27.04
C PRO C 402 -32.58 8.84 25.71
N ALA C 403 -31.58 9.66 25.42
CA ALA C 403 -30.89 9.58 24.16
C ALA C 403 -29.42 9.92 24.35
N ASP C 404 -28.58 9.17 23.68
CA ASP C 404 -27.13 9.28 23.74
C ASP C 404 -26.69 9.95 22.45
N TRP C 405 -26.50 11.28 22.52
CA TRP C 405 -26.17 12.10 21.36
C TRP C 405 -25.05 11.51 20.52
N ALA C 406 -23.98 11.06 21.17
CA ALA C 406 -22.79 10.58 20.44
C ALA C 406 -23.09 9.33 19.61
N TRP C 407 -24.07 8.54 20.04
CA TRP C 407 -24.53 7.35 19.33
C TRP C 407 -25.72 7.65 18.43
N ILE C 408 -26.51 8.66 18.74
CA ILE C 408 -27.64 9.00 17.87
C ILE C 408 -27.14 9.66 16.58
N VAL C 409 -26.17 10.57 16.70
CA VAL C 409 -25.66 11.30 15.53
C VAL C 409 -24.86 10.34 14.64
N PRO C 410 -25.16 10.27 13.34
CA PRO C 410 -24.49 9.30 12.44
C PRO C 410 -22.99 9.51 12.39
N PRO C 411 -22.20 8.48 12.04
CA PRO C 411 -20.74 8.65 11.95
C PRO C 411 -20.25 9.31 10.68
N ILE C 412 -21.13 9.70 9.78
CA ILE C 412 -20.77 10.60 8.70
C ILE C 412 -21.83 11.67 8.61
N SER C 413 -21.45 12.83 8.09
CA SER C 413 -22.39 13.92 7.86
C SER C 413 -23.20 14.27 9.12
N GLY C 414 -22.59 14.09 10.29
CA GLY C 414 -23.23 14.45 11.54
C GLY C 414 -24.18 15.63 11.49
N SER C 415 -23.64 16.83 11.21
CA SER C 415 -24.46 18.03 11.26
C SER C 415 -25.42 18.16 10.10
N LEU C 416 -25.33 17.29 9.09
CA LEU C 416 -26.35 17.35 8.05
C LEU C 416 -27.64 16.66 8.46
N THR C 417 -27.65 16.00 9.62
CA THR C 417 -28.84 15.35 10.15
C THR C 417 -29.41 16.16 11.31
N PRO C 418 -30.73 16.15 11.49
CA PRO C 418 -31.33 17.05 12.51
C PRO C 418 -30.97 16.70 13.94
N VAL C 419 -30.54 15.46 14.21
CA VAL C 419 -30.21 15.07 15.58
C VAL C 419 -28.95 15.75 16.06
N PHE C 420 -28.10 16.21 15.14
CA PHE C 420 -26.88 16.88 15.53
C PHE C 420 -27.19 18.13 16.33
N HIS C 421 -28.20 18.87 15.89
CA HIS C 421 -28.63 20.13 16.47
C HIS C 421 -29.57 19.95 17.64
N GLN C 422 -29.87 18.72 18.02
CA GLN C 422 -30.82 18.42 19.08
C GLN C 422 -30.06 18.11 20.36
N GLU C 423 -30.28 18.91 21.39
CA GLU C 423 -29.77 18.54 22.70
C GLU C 423 -30.54 17.34 23.23
N MET C 424 -29.85 16.48 23.97
CA MET C 424 -30.41 15.24 24.44
C MET C 424 -30.00 15.01 25.89
N VAL C 425 -30.88 14.32 26.62
CA VAL C 425 -30.61 13.91 27.99
C VAL C 425 -30.46 12.39 27.97
N ASN C 426 -29.37 11.91 28.55
CA ASN C 426 -29.10 10.48 28.61
C ASN C 426 -29.24 9.99 30.04
N TYR C 427 -30.02 8.92 30.21
CA TYR C 427 -30.27 8.31 31.51
C TYR C 427 -30.78 6.88 31.31
N PHE C 428 -30.69 6.10 32.39
CA PHE C 428 -31.01 4.68 32.36
C PHE C 428 -32.41 4.44 32.92
N LEU C 429 -33.31 3.96 32.07
CA LEU C 429 -34.59 3.44 32.53
C LEU C 429 -34.59 1.92 32.42
N SER C 430 -35.47 1.29 33.20
CA SER C 430 -35.79 -0.12 33.14
C SER C 430 -37.24 -0.29 32.65
N PRO C 431 -37.57 -1.39 31.96
CA PRO C 431 -36.72 -2.45 31.39
C PRO C 431 -35.63 -1.91 30.50
N ALA C 432 -34.54 -2.66 30.35
CA ALA C 432 -33.39 -2.14 29.63
C ALA C 432 -32.64 -3.28 28.97
N PHE C 433 -31.90 -2.92 27.93
CA PHE C 433 -30.83 -3.77 27.42
C PHE C 433 -29.53 -3.26 28.02
N ARG C 434 -28.76 -4.18 28.60
CA ARG C 434 -27.52 -3.85 29.28
C ARG C 434 -26.41 -4.72 28.72
N TYR C 435 -25.22 -4.15 28.62
CA TYR C 435 -24.07 -5.00 28.35
C TYR C 435 -23.85 -5.94 29.52
N GLN C 436 -23.14 -7.02 29.24
CA GLN C 436 -22.82 -8.01 30.26
C GLN C 436 -21.42 -8.51 29.97
N PRO C 437 -20.74 -9.06 30.98
CA PRO C 437 -19.41 -9.61 30.71
C PRO C 437 -19.51 -10.78 29.74
N ASP C 438 -18.44 -10.94 28.95
CA ASP C 438 -18.33 -12.11 28.10
C ASP C 438 -18.47 -13.38 28.93
N PRO C 439 -19.01 -14.46 28.37
CA PRO C 439 -19.13 -15.69 29.15
C PRO C 439 -17.79 -16.21 29.64
N TRP C 440 -16.80 -16.28 28.76
CA TRP C 440 -15.45 -16.69 29.15
C TRP C 440 -14.79 -15.65 30.05
N PHE D 28 -10.21 7.35 39.32
CA PHE D 28 -9.73 7.89 38.05
C PHE D 28 -10.41 7.21 36.87
N PRO D 29 -11.09 7.99 36.03
CA PRO D 29 -11.79 7.41 34.89
C PRO D 29 -10.85 6.69 33.94
N ARG D 30 -11.18 5.44 33.63
CA ARG D 30 -10.52 4.71 32.56
C ARG D 30 -11.03 5.21 31.21
N VAL D 31 -10.11 5.39 30.27
CA VAL D 31 -10.35 6.07 28.99
C VAL D 31 -9.74 5.21 27.89
N LYS D 32 -10.55 4.86 26.89
CA LYS D 32 -10.15 3.89 25.88
C LYS D 32 -10.14 4.51 24.49
N ASN D 33 -9.07 4.25 23.75
CA ASN D 33 -9.08 4.46 22.30
C ASN D 33 -9.55 3.15 21.67
N TRP D 34 -10.68 3.21 20.98
CA TRP D 34 -11.27 2.02 20.37
C TRP D 34 -10.67 1.68 19.02
N GLU D 35 -9.88 2.59 18.44
CA GLU D 35 -9.20 2.32 17.19
C GLU D 35 -7.93 1.52 17.40
N VAL D 36 -7.26 1.77 18.52
CA VAL D 36 -5.98 1.14 18.83
C VAL D 36 -6.08 0.18 20.02
N GLY D 37 -7.12 0.30 20.85
CA GLY D 37 -7.25 -0.51 22.04
C GLY D 37 -6.60 0.06 23.27
N SER D 38 -5.95 1.22 23.16
CA SER D 38 -5.12 1.76 24.22
C SER D 38 -5.98 2.36 25.34
N ILE D 39 -5.42 2.33 26.55
CA ILE D 39 -6.15 2.67 27.76
C ILE D 39 -5.30 3.61 28.60
N THR D 40 -5.88 4.74 28.98
CA THR D 40 -5.27 5.65 29.93
C THR D 40 -6.28 5.95 31.04
N TYR D 41 -5.79 6.60 32.09
CA TYR D 41 -6.63 7.09 33.17
C TYR D 41 -6.50 8.61 33.22
N ASP D 42 -7.63 9.30 33.31
CA ASP D 42 -7.63 10.75 33.35
C ASP D 42 -7.56 11.18 34.82
N THR D 43 -6.34 11.16 35.36
CA THR D 43 -6.15 11.62 36.72
C THR D 43 -6.37 13.12 36.85
N LEU D 44 -6.22 13.87 35.74
CA LEU D 44 -6.39 15.32 35.79
C LEU D 44 -7.81 15.73 36.17
N SER D 45 -8.82 14.95 35.75
CA SER D 45 -10.21 15.32 36.03
C SER D 45 -10.48 15.44 37.52
N ALA D 46 -9.72 14.74 38.36
CA ALA D 46 -9.92 14.84 39.80
C ALA D 46 -9.75 16.27 40.32
N GLN D 47 -9.03 17.11 39.59
CA GLN D 47 -8.79 18.50 39.98
C GLN D 47 -9.87 19.45 39.45
N ALA D 48 -10.92 18.91 38.83
CA ALA D 48 -11.99 19.70 38.23
C ALA D 48 -12.57 20.69 39.23
N GLN D 49 -12.30 21.97 39.03
CA GLN D 49 -12.83 23.03 39.86
C GLN D 49 -14.33 23.14 39.71
N GLN D 50 -14.79 23.98 38.79
CA GLN D 50 -16.21 24.25 38.67
C GLN D 50 -16.97 23.01 38.21
N ASP D 51 -18.24 22.93 38.59
CA ASP D 51 -19.05 21.75 38.36
C ASP D 51 -19.78 21.84 37.03
N GLY D 52 -19.82 20.73 36.31
CA GLY D 52 -20.58 20.65 35.09
C GLY D 52 -22.02 20.23 35.34
N PRO D 53 -22.77 19.98 34.26
CA PRO D 53 -24.22 19.77 34.37
C PRO D 53 -24.66 18.34 34.63
N CYS D 54 -23.75 17.37 34.66
CA CYS D 54 -24.14 15.97 34.70
C CYS D 54 -24.18 15.46 36.13
N THR D 55 -25.02 14.46 36.34
CA THR D 55 -25.12 13.74 37.60
C THR D 55 -25.13 12.25 37.32
N PRO D 56 -24.96 11.41 38.33
CA PRO D 56 -25.15 9.98 38.12
C PRO D 56 -26.53 9.65 37.58
N ARG D 57 -27.49 10.55 37.79
CA ARG D 57 -28.86 10.30 37.36
C ARG D 57 -29.01 10.52 35.85
N ARG D 58 -28.34 11.54 35.31
CA ARG D 58 -28.54 11.92 33.93
C ARG D 58 -27.34 12.70 33.43
N CYS D 59 -26.94 12.40 32.20
CA CYS D 59 -25.85 13.08 31.52
C CYS D 59 -26.42 14.18 30.63
N LEU D 60 -25.90 15.40 30.81
CA LEU D 60 -26.25 16.55 29.98
C LEU D 60 -25.07 16.99 29.15
N GLY D 61 -24.20 16.05 28.80
CA GLY D 61 -23.03 16.41 28.02
C GLY D 61 -23.34 17.06 26.68
N SER D 62 -24.54 16.83 26.13
CA SER D 62 -24.79 17.36 24.81
C SER D 62 -25.29 18.81 24.82
N LEU D 63 -25.54 19.37 25.99
CA LEU D 63 -26.09 20.72 26.04
C LEU D 63 -25.05 21.77 25.65
N VAL D 64 -25.50 22.78 24.91
CA VAL D 64 -24.58 23.79 24.37
C VAL D 64 -24.10 24.72 25.49
N PHE D 65 -25.04 25.22 26.29
CA PHE D 65 -24.76 25.96 27.52
C PHE D 65 -25.32 25.17 28.68
N PRO D 66 -24.50 24.56 29.53
CA PRO D 66 -25.05 24.00 30.79
C PRO D 66 -25.75 25.04 31.66
N ARG D 67 -25.50 26.32 31.43
CA ARG D 67 -25.81 27.36 32.39
C ARG D 67 -26.75 28.43 31.85
N ALA D 79 -16.01 38.03 48.25
CA ALA D 79 -15.51 36.67 48.46
C ALA D 79 -14.00 36.63 48.29
N PRO D 80 -13.27 37.06 49.32
CA PRO D 80 -11.81 37.14 49.21
C PRO D 80 -11.11 35.79 49.34
N GLU D 81 -11.58 34.94 50.24
CA GLU D 81 -10.94 33.63 50.43
C GLU D 81 -11.20 32.71 49.25
N GLN D 82 -12.33 32.86 48.57
CA GLN D 82 -12.54 32.09 47.36
C GLN D 82 -11.63 32.59 46.25
N LEU D 83 -11.53 33.92 46.10
CA LEU D 83 -10.57 34.50 45.16
C LEU D 83 -9.17 34.00 45.45
N LEU D 84 -8.80 33.96 46.75
CA LEU D 84 -7.45 33.62 47.14
C LEU D 84 -7.10 32.18 46.77
N SER D 85 -8.00 31.23 47.03
CA SER D 85 -7.70 29.85 46.68
C SER D 85 -7.59 29.66 45.18
N GLN D 86 -8.40 30.38 44.40
CA GLN D 86 -8.21 30.40 42.95
C GLN D 86 -6.89 31.05 42.59
N ALA D 87 -6.55 32.16 43.24
CA ALA D 87 -5.30 32.84 42.94
C ALA D 87 -4.11 31.94 43.28
N ARG D 88 -4.05 31.43 44.52
CA ARG D 88 -3.00 30.51 44.92
C ARG D 88 -2.86 29.37 43.91
N ASP D 89 -3.96 28.68 43.62
CA ASP D 89 -3.85 27.56 42.70
C ASP D 89 -3.23 27.99 41.38
N PHE D 90 -3.63 29.15 40.86
CA PHE D 90 -3.06 29.62 39.60
C PHE D 90 -1.57 29.89 39.74
N ILE D 91 -1.18 30.67 40.75
CA ILE D 91 0.24 30.92 40.98
C ILE D 91 0.99 29.60 41.07
N ASN D 92 0.40 28.62 41.76
CA ASN D 92 1.00 27.29 41.83
C ASN D 92 1.15 26.69 40.43
N GLN D 93 0.12 26.83 39.60
CA GLN D 93 0.23 26.37 38.22
C GLN D 93 1.38 27.11 37.53
N TYR D 94 1.43 28.43 37.70
CA TYR D 94 2.46 29.20 36.99
C TYR D 94 3.86 28.72 37.37
N TYR D 95 4.12 28.57 38.67
CA TYR D 95 5.47 28.22 39.07
C TYR D 95 5.82 26.78 38.74
N SER D 96 4.82 25.88 38.70
CA SER D 96 5.09 24.54 38.21
C SER D 96 5.50 24.59 36.74
N SER D 97 4.80 25.38 35.93
CA SER D 97 5.06 25.43 34.50
C SER D 97 6.49 25.85 34.19
N ILE D 98 7.10 26.64 35.07
CA ILE D 98 8.47 27.06 34.88
C ILE D 98 9.43 26.26 35.76
N LYS D 99 8.96 25.16 36.36
CA LYS D 99 9.80 24.23 37.12
C LYS D 99 10.46 24.91 38.32
N ARG D 100 9.84 25.95 38.86
CA ARG D 100 10.34 26.62 40.04
C ARG D 100 9.32 26.57 41.17
N SER D 101 8.61 25.45 41.29
CA SER D 101 7.70 25.27 42.42
C SER D 101 8.48 25.23 43.72
N GLY D 102 7.87 25.78 44.77
CA GLY D 102 8.52 25.83 46.07
C GLY D 102 9.70 26.76 46.18
N SER D 103 10.09 27.43 45.09
CA SER D 103 11.18 28.39 45.15
C SER D 103 10.81 29.57 46.05
N GLN D 104 11.81 30.41 46.34
CA GLN D 104 11.53 31.67 47.03
C GLN D 104 10.55 32.52 46.22
N ALA D 105 10.82 32.69 44.92
CA ALA D 105 9.94 33.53 44.10
C ALA D 105 8.51 33.03 44.17
N HIS D 106 8.31 31.71 44.16
CA HIS D 106 6.97 31.14 44.28
C HIS D 106 6.31 31.60 45.58
N GLU D 107 6.98 31.38 46.71
CA GLU D 107 6.43 31.76 48.01
C GLU D 107 6.22 33.27 48.12
N GLN D 108 7.17 34.06 47.64
CA GLN D 108 7.01 35.51 47.69
C GLN D 108 5.84 35.96 46.83
N ARG D 109 5.66 35.35 45.67
CA ARG D 109 4.56 35.80 44.84
C ARG D 109 3.21 35.44 45.46
N LEU D 110 3.10 34.24 46.04
CA LEU D 110 1.89 33.89 46.81
C LEU D 110 1.64 34.92 47.90
N GLN D 111 2.65 35.21 48.72
CA GLN D 111 2.45 36.17 49.79
C GLN D 111 2.08 37.54 49.22
N GLU D 112 2.67 37.91 48.07
CA GLU D 112 2.36 39.18 47.45
C GLU D 112 0.90 39.25 47.02
N VAL D 113 0.41 38.19 46.37
CA VAL D 113 -1.00 38.14 45.97
C VAL D 113 -1.91 38.19 47.19
N GLU D 114 -1.52 37.49 48.27
CA GLU D 114 -2.37 37.47 49.45
C GLU D 114 -2.43 38.85 50.11
N ALA D 115 -1.34 39.63 50.05
CA ALA D 115 -1.38 40.96 50.61
C ALA D 115 -2.13 41.93 49.71
N GLU D 116 -2.06 41.75 48.40
CA GLU D 116 -2.82 42.64 47.54
C GLU D 116 -4.31 42.37 47.68
N VAL D 117 -4.70 41.09 47.71
CA VAL D 117 -6.10 40.74 47.94
C VAL D 117 -6.58 41.29 49.28
N ALA D 118 -5.74 41.20 50.33
CA ALA D 118 -6.18 41.68 51.64
C ALA D 118 -6.32 43.19 51.67
N ALA D 119 -5.49 43.90 50.91
CA ALA D 119 -5.55 45.37 50.92
C ALA D 119 -6.64 45.90 50.01
N THR D 120 -6.89 45.23 48.90
CA THR D 120 -7.71 45.80 47.84
C THR D 120 -8.91 44.95 47.45
N GLY D 121 -9.01 43.72 47.95
CA GLY D 121 -10.04 42.82 47.50
C GLY D 121 -9.79 42.18 46.15
N THR D 122 -8.75 42.59 45.42
CA THR D 122 -8.39 41.97 44.14
C THR D 122 -6.87 42.00 44.00
N TYR D 123 -6.37 41.55 42.86
CA TYR D 123 -4.93 41.57 42.62
C TYR D 123 -4.69 41.71 41.13
N GLN D 124 -3.42 41.90 40.78
CA GLN D 124 -3.02 42.09 39.40
C GLN D 124 -2.08 40.96 39.02
N LEU D 125 -2.30 40.40 37.83
CA LEU D 125 -1.37 39.43 37.32
C LEU D 125 -0.09 40.12 36.89
N ARG D 126 1.03 39.48 37.14
CA ARG D 126 2.23 39.86 36.43
C ARG D 126 2.00 39.61 34.95
N GLU D 127 2.74 40.35 34.11
CA GLU D 127 2.67 40.12 32.68
C GLU D 127 2.87 38.64 32.35
N SER D 128 3.91 38.03 32.91
CA SER D 128 4.22 36.64 32.60
CA SER D 128 4.22 36.63 32.61
C SER D 128 3.08 35.70 33.00
N GLU D 129 2.39 36.01 34.11
CA GLU D 129 1.26 35.20 34.52
C GLU D 129 0.07 35.37 33.57
N LEU D 130 -0.12 36.57 33.02
CA LEU D 130 -1.20 36.76 32.05
C LEU D 130 -0.95 35.95 30.78
N VAL D 131 0.29 35.92 30.30
CA VAL D 131 0.60 35.12 29.13
C VAL D 131 0.33 33.65 29.41
N PHE D 132 0.88 33.15 30.52
CA PHE D 132 0.68 31.75 30.89
C PHE D 132 -0.79 31.44 31.13
N GLY D 133 -1.51 32.37 31.76
CA GLY D 133 -2.91 32.14 32.04
C GLY D 133 -3.76 32.07 30.78
N ALA D 134 -3.47 32.92 29.78
CA ALA D 134 -4.23 32.84 28.54
C ALA D 134 -3.94 31.53 27.79
N LYS D 135 -2.67 31.12 27.76
CA LYS D 135 -2.33 29.85 27.12
C LYS D 135 -2.99 28.70 27.86
N GLN D 136 -3.03 28.77 29.19
CA GLN D 136 -3.68 27.69 29.95
C GLN D 136 -5.17 27.66 29.72
N ALA D 137 -5.81 28.83 29.63
CA ALA D 137 -7.24 28.82 29.34
C ALA D 137 -7.52 28.14 28.00
N TRP D 138 -6.71 28.43 26.99
CA TRP D 138 -6.81 27.72 25.71
C TRP D 138 -6.56 26.22 25.89
N ARG D 139 -5.46 25.87 26.56
CA ARG D 139 -5.14 24.46 26.79
C ARG D 139 -6.25 23.73 27.53
N ASN D 140 -7.01 24.45 28.37
CA ASN D 140 -8.08 23.84 29.14
C ASN D 140 -9.42 23.83 28.39
N ALA D 141 -9.49 24.40 27.19
CA ALA D 141 -10.80 24.56 26.56
C ALA D 141 -11.28 23.21 26.02
N PRO D 142 -12.27 22.57 26.64
CA PRO D 142 -12.62 21.19 26.24
C PRO D 142 -13.16 21.08 24.83
N ARG D 143 -13.78 22.13 24.31
CA ARG D 143 -14.39 22.09 22.99
C ARG D 143 -13.46 22.51 21.86
N CYS D 144 -12.16 22.70 22.11
CA CYS D 144 -11.22 23.19 21.10
C CYS D 144 -10.40 22.02 20.58
N VAL D 145 -10.60 21.68 19.30
CA VAL D 145 -9.78 20.66 18.66
C VAL D 145 -8.40 21.18 18.28
N GLY D 146 -8.19 22.50 18.31
CA GLY D 146 -6.94 23.09 17.84
C GLY D 146 -5.84 23.23 18.89
N ARG D 147 -5.99 22.60 20.05
CA ARG D 147 -5.11 22.81 21.19
C ARG D 147 -3.73 22.20 21.05
N ILE D 148 -3.38 21.51 19.96
CA ILE D 148 -1.97 21.22 19.76
C ILE D 148 -1.16 22.52 19.78
N GLN D 149 -1.78 23.62 19.37
CA GLN D 149 -1.09 24.91 19.24
C GLN D 149 -1.04 25.73 20.53
N TRP D 150 -1.54 25.21 21.66
CA TRP D 150 -1.86 26.07 22.80
C TRP D 150 -0.65 26.85 23.30
N GLY D 151 0.57 26.35 23.09
CA GLY D 151 1.76 27.05 23.54
C GLY D 151 2.22 28.18 22.64
N LYS D 152 1.79 28.19 21.39
CA LYS D 152 2.10 29.28 20.46
C LYS D 152 0.88 30.18 20.42
N LEU D 153 0.88 31.16 21.31
CA LEU D 153 -0.22 32.09 21.41
C LEU D 153 0.40 33.45 21.66
N GLN D 154 0.12 34.40 20.80
CA GLN D 154 0.62 35.76 21.00
C GLN D 154 -0.34 36.47 21.93
N VAL D 155 0.16 36.94 23.06
CA VAL D 155 -0.68 37.56 24.08
C VAL D 155 -0.40 39.05 24.06
N PHE D 156 -1.39 39.82 23.62
CA PHE D 156 -1.32 41.27 23.69
C PHE D 156 -1.94 41.74 25.00
N ASP D 157 -1.13 42.41 25.80
CA ASP D 157 -1.57 42.92 27.10
C ASP D 157 -2.22 44.29 26.86
N ALA D 158 -3.54 44.32 26.89
CA ALA D 158 -4.26 45.59 26.73
C ALA D 158 -4.89 46.05 28.04
N ARG D 159 -4.31 45.66 29.18
CA ARG D 159 -4.93 45.93 30.47
C ARG D 159 -4.87 47.40 30.87
N ASP D 160 -4.04 48.20 30.19
CA ASP D 160 -3.99 49.65 30.39
C ASP D 160 -5.00 50.38 29.51
N CYS D 161 -5.86 49.64 28.83
CA CYS D 161 -6.84 50.21 27.91
C CYS D 161 -7.87 51.04 28.65
N ARG D 162 -8.29 52.15 28.03
CA ARG D 162 -9.08 53.10 28.80
C ARG D 162 -10.28 53.69 28.08
N SER D 163 -10.49 53.44 26.79
CA SER D 163 -11.67 53.94 26.12
C SER D 163 -12.07 52.95 25.03
N ALA D 164 -13.24 53.18 24.44
CA ALA D 164 -13.64 52.36 23.30
C ALA D 164 -12.73 52.60 22.12
N GLN D 165 -12.20 53.82 21.98
CA GLN D 165 -11.29 54.10 20.88
C GLN D 165 -10.01 53.29 21.01
N GLU D 166 -9.41 53.29 22.21
CA GLU D 166 -8.20 52.48 22.43
C GLU D 166 -8.49 51.01 22.20
N MET D 167 -9.67 50.54 22.63
CA MET D 167 -10.10 49.19 22.29
C MET D 167 -10.00 48.92 20.80
N PHE D 168 -10.56 49.82 19.99
CA PHE D 168 -10.55 49.62 18.56
C PHE D 168 -9.13 49.48 18.03
N THR D 169 -8.23 50.35 18.51
CA THR D 169 -6.83 50.29 18.08
C THR D 169 -6.19 48.97 18.46
N TYR D 170 -6.38 48.56 19.72
CA TYR D 170 -5.91 47.24 20.14
C TYR D 170 -6.47 46.14 19.25
N ILE D 171 -7.74 46.23 18.88
CA ILE D 171 -8.35 45.16 18.09
C ILE D 171 -7.77 45.15 16.68
N CYS D 172 -7.61 46.33 16.09
CA CYS D 172 -7.01 46.42 14.77
C CYS D 172 -5.59 45.84 14.75
N ASN D 173 -4.79 46.13 15.78
CA ASN D 173 -3.46 45.55 15.84
C ASN D 173 -3.51 44.05 16.00
N HIS D 174 -4.46 43.55 16.81
CA HIS D 174 -4.71 42.12 16.87
C HIS D 174 -5.02 41.56 15.48
N ILE D 175 -5.98 42.17 14.77
CA ILE D 175 -6.42 41.63 13.49
C ILE D 175 -5.26 41.63 12.50
N LYS D 176 -4.49 42.72 12.47
CA LYS D 176 -3.34 42.81 11.61
C LYS D 176 -2.31 41.73 11.95
N TYR D 177 -1.97 41.58 13.24
CA TYR D 177 -0.96 40.60 13.61
C TYR D 177 -1.45 39.18 13.32
N ALA D 178 -2.69 38.88 13.67
CA ALA D 178 -3.15 37.50 13.59
C ALA D 178 -3.40 37.11 12.14
N THR D 179 -3.88 38.06 11.34
CA THR D 179 -4.12 37.81 9.93
C THR D 179 -2.80 37.60 9.18
N ASN D 180 -1.88 38.55 9.32
CA ASN D 180 -0.53 38.38 8.81
C ASN D 180 -0.57 38.08 7.31
N ARG D 181 -1.46 38.80 6.60
CA ARG D 181 -1.71 38.67 5.16
C ARG D 181 -1.94 37.21 4.74
N GLY D 182 -2.61 36.45 5.59
CA GLY D 182 -2.98 35.08 5.29
C GLY D 182 -2.19 34.03 6.04
N ASN D 183 -0.99 34.34 6.51
CA ASN D 183 -0.21 33.39 7.28
C ASN D 183 -0.61 33.54 8.75
N LEU D 184 -1.74 32.94 9.11
CA LEU D 184 -2.41 33.31 10.36
C LEU D 184 -1.61 32.91 11.59
N ARG D 185 -1.74 33.72 12.64
CA ARG D 185 -1.03 33.55 13.89
C ARG D 185 -2.00 33.65 15.06
N SER D 186 -1.93 32.68 15.96
CA SER D 186 -2.85 32.68 17.09
C SER D 186 -2.52 33.85 18.01
N ALA D 187 -3.55 34.52 18.49
CA ALA D 187 -3.32 35.69 19.30
C ALA D 187 -4.49 35.90 20.24
N ILE D 188 -4.24 36.56 21.36
CA ILE D 188 -5.32 37.00 22.23
C ILE D 188 -4.94 38.40 22.72
N THR D 189 -5.93 39.29 22.79
CA THR D 189 -5.76 40.61 23.37
C THR D 189 -6.58 40.68 24.64
N VAL D 190 -5.94 40.92 25.78
CA VAL D 190 -6.64 40.90 27.05
C VAL D 190 -6.87 42.34 27.50
N PHE D 191 -8.13 42.74 27.52
CA PHE D 191 -8.54 44.06 27.99
C PHE D 191 -8.64 44.03 29.51
N PRO D 192 -8.81 45.20 30.15
CA PRO D 192 -8.73 45.22 31.62
C PRO D 192 -9.70 44.27 32.28
N GLN D 193 -9.27 43.73 33.42
CA GLN D 193 -10.11 42.81 34.17
C GLN D 193 -11.30 43.54 34.80
N ARG D 194 -12.35 42.76 35.03
CA ARG D 194 -13.49 43.21 35.79
C ARG D 194 -13.04 43.66 37.16
N CYS D 195 -13.70 44.68 37.68
CA CYS D 195 -13.38 45.14 39.02
C CYS D 195 -14.59 45.88 39.57
N PRO D 196 -14.82 45.82 40.87
CA PRO D 196 -16.03 46.42 41.42
C PRO D 196 -16.00 47.94 41.30
N GLY D 197 -17.19 48.51 41.15
CA GLY D 197 -17.33 49.95 40.97
C GLY D 197 -17.00 50.44 39.58
N ARG D 198 -16.86 49.54 38.61
CA ARG D 198 -16.47 49.90 37.26
C ARG D 198 -17.10 48.89 36.31
N GLY D 199 -17.77 49.39 35.28
CA GLY D 199 -18.33 48.50 34.28
C GLY D 199 -17.25 47.72 33.57
N ASP D 200 -17.69 46.67 32.88
CA ASP D 200 -16.79 45.80 32.12
C ASP D 200 -16.47 46.41 30.77
N PHE D 201 -15.24 46.19 30.32
CA PHE D 201 -14.98 46.21 28.89
C PHE D 201 -15.72 45.04 28.25
N ARG D 202 -16.41 45.29 27.15
CA ARG D 202 -17.10 44.24 26.43
C ARG D 202 -17.02 44.48 24.94
N ILE D 203 -16.80 43.42 24.19
CA ILE D 203 -17.00 43.42 22.75
C ILE D 203 -18.35 42.77 22.50
N TRP D 204 -19.29 43.53 21.94
CA TRP D 204 -20.63 43.02 21.77
C TRP D 204 -20.66 41.93 20.70
N ASN D 205 -19.94 42.14 19.60
CA ASN D 205 -19.89 41.15 18.53
C ASN D 205 -19.36 39.81 19.04
N SER D 206 -19.91 38.73 18.48
CA SER D 206 -19.48 37.39 18.89
C SER D 206 -18.11 37.07 18.35
N GLN D 207 -17.79 37.58 17.16
CA GLN D 207 -16.47 37.49 16.58
C GLN D 207 -16.07 38.85 16.05
N LEU D 208 -14.77 39.05 15.92
CA LEU D 208 -14.29 40.32 15.40
C LEU D 208 -14.75 40.54 13.97
N VAL D 209 -14.79 39.46 13.17
CA VAL D 209 -15.26 39.54 11.80
C VAL D 209 -16.50 38.67 11.69
N ARG D 210 -17.60 39.26 11.27
CA ARG D 210 -18.88 38.59 11.17
C ARG D 210 -19.63 39.22 10.00
N TYR D 211 -20.38 38.38 9.29
CA TYR D 211 -21.20 38.87 8.19
C TYR D 211 -22.56 39.28 8.73
N ALA D 212 -23.07 40.39 8.19
CA ALA D 212 -24.36 40.89 8.63
C ALA D 212 -25.47 39.90 8.29
N GLY D 213 -26.53 39.93 9.09
CA GLY D 213 -27.69 39.09 8.86
C GLY D 213 -28.93 39.92 9.01
N TYR D 214 -29.57 40.23 7.89
CA TYR D 214 -30.70 41.16 7.86
C TYR D 214 -32.01 40.39 7.89
N ARG D 215 -32.81 40.62 8.93
CA ARG D 215 -34.17 40.10 8.96
C ARG D 215 -34.95 40.66 7.77
N GLN D 216 -35.01 39.89 6.69
CA GLN D 216 -35.63 40.37 5.46
C GLN D 216 -37.13 40.59 5.66
N GLN D 217 -37.78 41.07 4.58
CA GLN D 217 -39.19 41.40 4.63
C GLN D 217 -40.04 40.24 5.12
N ASP D 218 -39.67 39.01 4.76
CA ASP D 218 -40.53 37.85 4.86
C ASP D 218 -40.30 37.02 6.13
N GLY D 219 -39.54 37.53 7.10
CA GLY D 219 -39.10 36.70 8.19
C GLY D 219 -37.93 35.79 7.85
N SER D 220 -37.46 35.82 6.61
CA SER D 220 -36.24 35.14 6.21
C SER D 220 -35.04 35.99 6.67
N VAL D 221 -33.85 35.64 6.18
CA VAL D 221 -32.62 36.38 6.49
C VAL D 221 -31.77 36.45 5.24
N ARG D 222 -31.23 37.63 4.94
CA ARG D 222 -30.21 37.79 3.91
C ARG D 222 -28.88 38.01 4.60
N GLY D 223 -27.92 37.13 4.32
CA GLY D 223 -26.69 37.15 5.07
C GLY D 223 -26.65 36.02 6.08
N ASP D 224 -25.99 36.23 7.23
CA ASP D 224 -25.82 35.15 8.17
C ASP D 224 -26.89 35.22 9.24
N PRO D 225 -27.79 34.24 9.32
CA PRO D 225 -28.84 34.28 10.36
C PRO D 225 -28.29 34.20 11.77
N ALA D 226 -27.10 33.62 11.94
CA ALA D 226 -26.45 33.60 13.24
C ALA D 226 -26.20 35.00 13.79
N ASN D 227 -26.12 36.00 12.91
CA ASN D 227 -25.74 37.34 13.32
C ASN D 227 -26.90 38.33 13.17
N VAL D 228 -28.13 37.84 13.26
CA VAL D 228 -29.28 38.71 13.08
C VAL D 228 -29.41 39.68 14.26
N GLU D 229 -29.03 39.23 15.47
CA GLU D 229 -29.21 40.08 16.64
C GLU D 229 -28.17 41.19 16.66
N ILE D 230 -26.91 40.86 16.44
CA ILE D 230 -25.86 41.87 16.49
C ILE D 230 -25.99 42.82 15.30
N THR D 231 -26.49 42.32 14.16
CA THR D 231 -26.80 43.19 13.03
C THR D 231 -27.83 44.24 13.42
N GLU D 232 -28.92 43.81 14.05
CA GLU D 232 -29.96 44.76 14.47
C GLU D 232 -29.42 45.78 15.46
N LEU D 233 -28.54 45.34 16.36
CA LEU D 233 -27.95 46.28 17.32
C LEU D 233 -27.02 47.26 16.63
N CYS D 234 -26.21 46.79 15.69
CA CYS D 234 -25.37 47.71 14.91
C CYS D 234 -26.23 48.76 14.23
N ILE D 235 -27.35 48.34 13.62
CA ILE D 235 -28.22 49.27 12.91
C ILE D 235 -28.71 50.36 13.86
N GLN D 236 -29.46 49.95 14.89
CA GLN D 236 -30.03 50.91 15.83
C GLN D 236 -28.98 51.68 16.60
N HIS D 237 -27.69 51.36 16.41
CA HIS D 237 -26.58 52.18 16.90
C HIS D 237 -25.91 52.95 15.79
N GLY D 238 -26.63 53.22 14.68
CA GLY D 238 -26.20 54.17 13.68
C GLY D 238 -25.53 53.59 12.45
N TRP D 239 -25.25 52.29 12.42
CA TRP D 239 -24.59 51.72 11.25
C TRP D 239 -25.51 51.79 10.04
N THR D 240 -25.01 52.38 8.97
CA THR D 240 -25.73 52.32 7.70
C THR D 240 -25.60 50.91 7.18
N PRO D 241 -26.71 50.22 6.92
CA PRO D 241 -26.63 48.80 6.56
C PRO D 241 -26.29 48.61 5.09
N GLY D 242 -25.94 47.37 4.76
CA GLY D 242 -25.85 46.93 3.39
C GLY D 242 -27.05 46.09 3.00
N ASN D 243 -26.96 45.48 1.83
CA ASN D 243 -27.97 44.52 1.40
C ASN D 243 -27.33 43.31 0.72
N GLY D 244 -26.12 42.97 1.15
CA GLY D 244 -25.42 41.82 0.63
C GLY D 244 -25.46 40.66 1.62
N ARG D 245 -24.97 39.52 1.15
CA ARG D 245 -24.92 38.33 1.99
C ARG D 245 -23.64 38.24 2.81
N PHE D 246 -22.61 39.00 2.44
CA PHE D 246 -21.33 38.92 3.12
C PHE D 246 -20.83 40.31 3.50
N ASP D 247 -21.68 41.08 4.21
CA ASP D 247 -21.32 42.42 4.65
C ASP D 247 -20.63 42.32 6.01
N VAL D 248 -19.39 42.75 6.07
CA VAL D 248 -18.67 42.67 7.33
C VAL D 248 -19.30 43.66 8.30
N LEU D 249 -19.77 43.17 9.44
CA LEU D 249 -20.40 44.03 10.44
C LEU D 249 -19.38 44.98 11.05
N PRO D 250 -19.83 46.14 11.52
CA PRO D 250 -18.97 46.98 12.37
C PRO D 250 -18.83 46.36 13.75
N LEU D 251 -17.91 46.91 14.53
CA LEU D 251 -17.73 46.48 15.91
C LEU D 251 -18.52 47.40 16.83
N LEU D 252 -19.22 46.80 17.78
CA LEU D 252 -19.82 47.53 18.89
C LEU D 252 -18.91 47.29 20.09
N LEU D 253 -18.19 48.33 20.50
CA LEU D 253 -17.18 48.25 21.54
C LEU D 253 -17.64 49.01 22.78
N GLN D 254 -17.52 48.36 23.94
CA GLN D 254 -18.07 48.87 25.18
C GLN D 254 -16.92 49.14 26.13
N ALA D 255 -16.69 50.40 26.46
CA ALA D 255 -15.82 50.74 27.56
C ALA D 255 -16.65 50.76 28.85
N PRO D 256 -16.01 50.68 30.02
CA PRO D 256 -16.78 50.63 31.25
C PRO D 256 -17.80 51.77 31.33
N ASP D 257 -19.05 51.40 31.64
CA ASP D 257 -20.09 52.34 32.03
C ASP D 257 -20.47 53.30 30.92
N GLU D 258 -20.20 52.89 29.68
CA GLU D 258 -20.56 53.65 28.50
C GLU D 258 -21.40 52.75 27.59
N PRO D 259 -22.39 53.31 26.92
CA PRO D 259 -23.04 52.57 25.83
C PRO D 259 -22.01 52.12 24.80
N PRO D 260 -22.31 51.06 24.07
CA PRO D 260 -21.37 50.58 23.05
C PRO D 260 -21.16 51.64 21.97
N GLU D 261 -19.96 51.65 21.42
CA GLU D 261 -19.61 52.53 20.33
C GLU D 261 -19.36 51.75 19.05
N LEU D 262 -19.82 52.31 17.94
CA LEU D 262 -19.66 51.71 16.62
C LEU D 262 -18.28 52.04 16.04
N PHE D 263 -17.60 51.03 15.53
CA PHE D 263 -16.33 51.22 14.82
C PHE D 263 -16.33 50.38 13.56
N LEU D 264 -16.09 51.02 12.42
CA LEU D 264 -15.98 50.30 11.16
C LEU D 264 -14.59 49.69 11.03
N LEU D 265 -14.54 48.39 10.75
CA LEU D 265 -13.27 47.73 10.49
C LEU D 265 -12.68 48.23 9.18
N PRO D 266 -11.40 48.59 9.13
CA PRO D 266 -10.78 48.96 7.85
C PRO D 266 -10.85 47.81 6.87
N PRO D 267 -11.51 48.01 5.71
CA PRO D 267 -11.62 46.91 4.73
C PRO D 267 -10.31 46.22 4.43
N GLU D 268 -9.20 46.95 4.34
CA GLU D 268 -7.91 46.34 4.07
C GLU D 268 -7.43 45.44 5.20
N LEU D 269 -8.07 45.48 6.37
CA LEU D 269 -7.69 44.66 7.51
C LEU D 269 -8.46 43.34 7.58
N VAL D 270 -9.58 43.23 6.86
CA VAL D 270 -10.45 42.07 6.93
C VAL D 270 -10.16 41.23 5.70
N LEU D 271 -9.30 40.22 5.88
CA LEU D 271 -8.91 39.35 4.77
C LEU D 271 -10.04 38.36 4.50
N GLU D 272 -10.43 38.26 3.22
CA GLU D 272 -11.53 37.43 2.81
C GLU D 272 -11.07 36.51 1.69
N VAL D 273 -11.79 35.40 1.54
CA VAL D 273 -11.45 34.35 0.60
C VAL D 273 -12.68 34.12 -0.26
N PRO D 274 -12.63 34.45 -1.56
CA PRO D 274 -13.69 34.04 -2.47
C PRO D 274 -13.69 32.52 -2.60
N LEU D 275 -14.88 31.94 -2.59
CA LEU D 275 -15.00 30.51 -2.64
C LEU D 275 -15.16 30.05 -4.07
N GLU D 276 -14.30 29.13 -4.49
CA GLU D 276 -14.41 28.50 -5.78
C GLU D 276 -14.07 27.04 -5.60
N HIS D 277 -14.48 26.25 -6.57
CA HIS D 277 -14.23 24.83 -6.43
C HIS D 277 -13.16 24.39 -7.42
N PRO D 278 -12.23 23.52 -7.01
CA PRO D 278 -11.14 23.15 -7.92
C PRO D 278 -11.61 22.58 -9.24
N THR D 279 -12.72 21.86 -9.26
CA THR D 279 -13.21 21.32 -10.51
C THR D 279 -14.61 21.77 -10.90
N LEU D 280 -15.39 22.39 -10.03
CA LEU D 280 -16.76 22.76 -10.40
C LEU D 280 -16.80 24.26 -10.64
N GLU D 281 -16.59 24.66 -11.90
CA GLU D 281 -16.39 26.06 -12.23
C GLU D 281 -17.60 26.90 -11.91
N TRP D 282 -18.81 26.32 -11.94
CA TRP D 282 -19.98 27.12 -11.63
C TRP D 282 -20.04 27.51 -10.17
N PHE D 283 -19.30 26.82 -9.30
CA PHE D 283 -19.34 27.12 -7.88
C PHE D 283 -18.99 28.58 -7.64
N ALA D 284 -18.03 29.09 -8.40
CA ALA D 284 -17.59 30.47 -8.27
C ALA D 284 -18.74 31.44 -8.43
N ALA D 285 -19.69 31.13 -9.32
CA ALA D 285 -20.81 32.01 -9.57
C ALA D 285 -21.83 32.02 -8.43
N LEU D 286 -21.73 31.09 -7.48
CA LEU D 286 -22.49 31.22 -6.24
C LEU D 286 -22.13 32.52 -5.51
N GLY D 287 -20.93 33.06 -5.75
CA GLY D 287 -20.54 34.30 -5.10
C GLY D 287 -20.39 34.13 -3.61
N LEU D 288 -19.89 32.98 -3.18
CA LEU D 288 -19.67 32.79 -1.76
C LEU D 288 -18.27 33.24 -1.39
N ARG D 289 -18.13 33.66 -0.14
CA ARG D 289 -16.85 34.08 0.39
C ARG D 289 -16.88 33.83 1.87
N TRP D 290 -15.70 33.72 2.48
CA TRP D 290 -15.63 33.69 3.92
C TRP D 290 -14.40 34.49 4.35
N TYR D 291 -14.35 34.81 5.64
CA TYR D 291 -13.24 35.61 6.11
C TYR D 291 -12.12 34.72 6.62
N ALA D 292 -10.92 35.29 6.62
CA ALA D 292 -9.73 34.53 6.97
C ALA D 292 -9.70 34.20 8.45
N LEU D 293 -10.13 35.15 9.29
CA LEU D 293 -9.69 35.18 10.68
C LEU D 293 -10.83 34.84 11.61
N PRO D 294 -10.81 33.68 12.27
CA PRO D 294 -11.83 33.39 13.28
C PRO D 294 -11.40 33.97 14.62
N ALA D 295 -12.08 35.03 15.06
CA ALA D 295 -11.62 35.78 16.22
C ALA D 295 -12.83 35.95 17.14
N VAL D 296 -12.96 35.03 18.09
CA VAL D 296 -14.07 35.05 19.03
C VAL D 296 -13.85 36.16 20.04
N SER D 297 -14.89 36.96 20.29
CA SER D 297 -14.76 38.18 21.06
C SER D 297 -15.79 38.29 22.18
N ASN D 298 -16.64 37.29 22.37
CA ASN D 298 -17.70 37.39 23.38
C ASN D 298 -17.51 36.46 24.56
N MET D 299 -16.37 35.78 24.67
CA MET D 299 -16.17 34.92 25.82
C MET D 299 -15.34 35.62 26.92
N LEU D 300 -15.47 35.10 28.12
CA LEU D 300 -14.82 35.63 29.30
C LEU D 300 -13.59 34.79 29.60
N LEU D 301 -12.48 35.45 29.84
CA LEU D 301 -11.25 34.79 30.20
C LEU D 301 -11.09 34.90 31.70
N GLU D 302 -10.94 33.77 32.37
CA GLU D 302 -10.86 33.70 33.83
C GLU D 302 -9.51 33.12 34.18
N ILE D 303 -8.70 33.88 34.92
CA ILE D 303 -7.36 33.51 35.32
C ILE D 303 -7.20 33.79 36.81
N GLY D 304 -6.91 32.76 37.59
CA GLY D 304 -6.69 32.91 39.02
C GLY D 304 -7.81 33.62 39.74
N GLY D 305 -9.05 33.39 39.32
CA GLY D 305 -10.18 34.09 39.90
C GLY D 305 -10.40 35.49 39.39
N LEU D 306 -9.44 36.03 38.64
CA LEU D 306 -9.71 37.27 37.93
C LEU D 306 -10.46 36.96 36.64
N GLU D 307 -11.32 37.88 36.24
CA GLU D 307 -12.19 37.71 35.08
C GLU D 307 -11.91 38.84 34.10
N PHE D 308 -11.76 38.47 32.82
CA PHE D 308 -11.51 39.43 31.75
C PHE D 308 -12.66 39.28 30.76
N PRO D 309 -13.71 40.10 30.89
CA PRO D 309 -14.89 39.97 30.02
C PRO D 309 -14.64 40.26 28.58
N ALA D 310 -13.60 41.03 28.27
CA ALA D 310 -13.19 41.32 26.90
C ALA D 310 -11.78 40.80 26.75
N ALA D 311 -11.63 39.71 25.98
CA ALA D 311 -10.34 39.12 25.71
C ALA D 311 -10.43 38.36 24.40
N PRO D 312 -10.58 39.04 23.27
CA PRO D 312 -10.82 38.34 22.00
C PRO D 312 -9.60 37.50 21.63
N PHE D 313 -9.85 36.28 21.12
CA PHE D 313 -8.76 35.40 20.75
C PHE D 313 -9.01 34.88 19.34
N SER D 314 -7.95 34.50 18.66
CA SER D 314 -8.12 34.06 17.28
C SER D 314 -7.12 32.95 17.00
N GLY D 315 -7.51 32.03 16.11
CA GLY D 315 -6.55 31.09 15.57
C GLY D 315 -6.66 31.08 14.06
N TRP D 316 -6.90 29.90 13.52
CA TRP D 316 -7.25 29.79 12.11
C TRP D 316 -8.35 28.75 12.00
N TYR D 317 -9.03 28.77 10.86
CA TYR D 317 -10.23 27.97 10.70
C TYR D 317 -9.91 26.51 10.48
N MET D 318 -10.73 25.64 11.05
CA MET D 318 -10.87 24.29 10.54
C MET D 318 -11.97 24.34 9.48
N SER D 319 -11.72 23.71 8.33
CA SER D 319 -12.55 23.99 7.16
C SER D 319 -14.00 23.55 7.34
N THR D 320 -14.26 22.55 8.18
CA THR D 320 -15.66 22.18 8.39
C THR D 320 -16.46 23.29 9.06
N GLU D 321 -15.80 24.19 9.80
CA GLU D 321 -16.54 25.31 10.40
C GLU D 321 -17.22 26.14 9.32
N ILE D 322 -16.49 26.44 8.25
CA ILE D 322 -17.04 27.18 7.13
C ILE D 322 -17.85 26.27 6.24
N GLY D 323 -17.22 25.19 5.77
CA GLY D 323 -17.85 24.38 4.73
C GLY D 323 -19.10 23.68 5.21
N THR D 324 -19.02 23.04 6.37
CA THR D 324 -20.16 22.27 6.86
C THR D 324 -21.11 23.12 7.70
N ARG D 325 -20.62 23.75 8.77
CA ARG D 325 -21.53 24.41 9.69
C ARG D 325 -22.04 25.72 9.11
N ASN D 326 -21.14 26.64 8.76
CA ASN D 326 -21.56 27.99 8.41
C ASN D 326 -22.33 28.01 7.09
N LEU D 327 -21.92 27.20 6.12
CA LEU D 327 -22.58 27.19 4.83
C LEU D 327 -23.70 26.17 4.69
N CYS D 328 -23.65 25.03 5.40
CA CYS D 328 -24.65 23.97 5.21
C CYS D 328 -25.65 23.81 6.34
N ASP D 329 -25.42 24.39 7.53
CA ASP D 329 -26.46 24.33 8.54
C ASP D 329 -27.75 24.90 7.95
N PRO D 330 -28.90 24.25 8.14
CA PRO D 330 -30.16 24.79 7.63
C PRO D 330 -30.47 26.18 8.16
N HIS D 331 -29.98 26.49 9.37
CA HIS D 331 -30.21 27.78 10.02
C HIS D 331 -29.08 28.76 9.78
N ARG D 332 -28.15 28.43 8.89
CA ARG D 332 -27.14 29.38 8.48
C ARG D 332 -27.33 29.70 7.01
N TYR D 333 -26.27 29.64 6.22
CA TYR D 333 -26.38 30.06 4.83
C TYR D 333 -27.14 29.04 4.01
N ASN D 334 -27.13 27.78 4.44
CA ASN D 334 -28.07 26.77 3.96
C ASN D 334 -28.00 26.60 2.44
N ILE D 335 -26.78 26.36 1.94
CA ILE D 335 -26.58 26.24 0.49
C ILE D 335 -26.60 24.80 0.00
N LEU D 336 -26.85 23.83 0.88
CA LEU D 336 -26.62 22.43 0.54
C LEU D 336 -27.42 22.03 -0.69
N GLU D 337 -28.69 22.42 -0.74
CA GLU D 337 -29.55 21.92 -1.80
C GLU D 337 -29.27 22.64 -3.11
N ASP D 338 -28.96 23.94 -3.05
CA ASP D 338 -28.62 24.66 -4.27
C ASP D 338 -27.36 24.08 -4.91
N VAL D 339 -26.34 23.81 -4.10
CA VAL D 339 -25.13 23.15 -4.58
C VAL D 339 -25.48 21.78 -5.14
N ALA D 340 -26.26 21.00 -4.39
CA ALA D 340 -26.64 19.65 -4.82
C ALA D 340 -27.33 19.68 -6.17
N VAL D 341 -28.32 20.56 -6.32
CA VAL D 341 -29.03 20.69 -7.60
C VAL D 341 -28.07 21.06 -8.71
N CYS D 342 -27.16 22.00 -8.41
CA CYS D 342 -26.17 22.40 -9.39
C CYS D 342 -25.24 21.24 -9.75
N MET D 343 -24.98 20.37 -8.79
CA MET D 343 -24.21 19.16 -9.08
C MET D 343 -25.02 18.12 -9.83
N ASP D 344 -26.29 18.40 -10.10
CA ASP D 344 -27.18 17.48 -10.80
C ASP D 344 -27.39 16.20 -10.01
N LEU D 345 -27.31 16.32 -8.69
CA LEU D 345 -27.67 15.22 -7.81
C LEU D 345 -29.19 15.07 -7.71
N ASP D 346 -29.62 13.88 -7.34
CA ASP D 346 -31.04 13.58 -7.20
C ASP D 346 -31.48 13.97 -5.80
N THR D 347 -32.05 15.17 -5.66
CA THR D 347 -32.41 15.68 -4.35
C THR D 347 -33.81 15.28 -3.91
N ARG D 348 -34.43 14.32 -4.59
CA ARG D 348 -35.78 13.91 -4.23
C ARG D 348 -35.84 12.63 -3.41
N THR D 349 -34.71 12.00 -3.14
CA THR D 349 -34.65 10.93 -2.16
C THR D 349 -33.40 11.07 -1.30
N THR D 350 -33.54 10.86 0.00
CA THR D 350 -32.40 10.97 0.90
C THR D 350 -31.34 9.93 0.58
N SER D 351 -31.74 8.79 0.03
CA SER D 351 -30.83 7.67 -0.09
C SER D 351 -29.82 7.84 -1.22
N SER D 352 -29.96 8.88 -2.04
CA SER D 352 -28.91 9.18 -2.99
C SER D 352 -27.72 9.82 -2.30
N LEU D 353 -27.88 10.21 -1.03
CA LEU D 353 -26.80 10.87 -0.30
C LEU D 353 -26.35 12.13 -1.01
N TRP D 354 -27.31 12.81 -1.67
CA TRP D 354 -26.99 14.09 -2.28
C TRP D 354 -26.48 15.08 -1.24
N LYS D 355 -27.08 15.08 -0.04
CA LYS D 355 -26.64 15.98 1.02
C LYS D 355 -25.17 15.75 1.33
N ASP D 356 -24.80 14.49 1.56
CA ASP D 356 -23.42 14.15 1.89
C ASP D 356 -22.47 14.58 0.78
N LYS D 357 -22.84 14.30 -0.48
CA LYS D 357 -21.96 14.61 -1.61
C LYS D 357 -21.81 16.12 -1.80
N ALA D 358 -22.90 16.87 -1.69
CA ALA D 358 -22.77 18.31 -1.86
C ALA D 358 -21.94 18.90 -0.73
N ALA D 359 -22.13 18.41 0.49
CA ALA D 359 -21.39 18.94 1.63
C ALA D 359 -19.90 18.70 1.49
N VAL D 360 -19.52 17.51 1.03
CA VAL D 360 -18.10 17.23 0.84
C VAL D 360 -17.51 18.18 -0.18
N GLU D 361 -18.21 18.39 -1.30
CA GLU D 361 -17.67 19.30 -2.31
C GLU D 361 -17.62 20.75 -1.79
N ILE D 362 -18.58 21.16 -0.97
CA ILE D 362 -18.48 22.49 -0.37
C ILE D 362 -17.23 22.56 0.49
N ASN D 363 -16.96 21.49 1.26
CA ASN D 363 -15.76 21.49 2.09
C ASN D 363 -14.51 21.49 1.23
N VAL D 364 -14.55 20.80 0.09
CA VAL D 364 -13.43 20.86 -0.85
C VAL D 364 -13.24 22.29 -1.34
N ALA D 365 -14.32 22.97 -1.75
CA ALA D 365 -14.17 24.33 -2.24
C ALA D 365 -13.53 25.23 -1.20
N VAL D 366 -13.93 25.07 0.07
CA VAL D 366 -13.40 25.92 1.13
C VAL D 366 -11.91 25.70 1.28
N LEU D 367 -11.48 24.43 1.38
CA LEU D 367 -10.06 24.14 1.51
C LEU D 367 -9.30 24.63 0.29
N HIS D 368 -9.76 24.29 -0.90
CA HIS D 368 -9.09 24.73 -2.12
C HIS D 368 -9.03 26.26 -2.19
N SER D 369 -10.11 26.94 -1.77
CA SER D 369 -10.13 28.39 -1.89
C SER D 369 -9.17 29.05 -0.89
N TYR D 370 -9.03 28.49 0.30
CA TYR D 370 -8.11 29.09 1.26
C TYR D 370 -6.66 28.84 0.88
N GLN D 371 -6.37 27.63 0.40
CA GLN D 371 -5.01 27.34 -0.07
C GLN D 371 -4.63 28.24 -1.24
N LEU D 372 -5.56 28.44 -2.17
CA LEU D 372 -5.29 29.28 -3.34
C LEU D 372 -5.01 30.73 -2.92
N ALA D 373 -5.79 31.24 -1.97
CA ALA D 373 -5.59 32.56 -1.41
C ALA D 373 -4.43 32.62 -0.44
N LYS D 374 -3.82 31.47 -0.12
CA LYS D 374 -2.70 31.41 0.81
C LYS D 374 -3.13 31.94 2.18
N VAL D 375 -4.29 31.49 2.62
CA VAL D 375 -4.82 31.79 3.96
C VAL D 375 -4.83 30.48 4.74
N THR D 376 -4.23 30.49 5.92
CA THR D 376 -4.12 29.28 6.72
C THR D 376 -5.48 28.67 6.92
N ILE D 377 -5.55 27.35 6.73
CA ILE D 377 -6.75 26.59 7.04
C ILE D 377 -6.31 25.17 7.32
N VAL D 378 -7.03 24.48 8.18
CA VAL D 378 -6.73 23.08 8.46
C VAL D 378 -7.98 22.25 8.20
N ASP D 379 -7.81 21.12 7.51
CA ASP D 379 -8.99 20.29 7.34
C ASP D 379 -9.22 19.45 8.59
N HIS D 380 -10.43 18.87 8.68
CA HIS D 380 -10.82 18.13 9.87
C HIS D 380 -9.98 16.88 10.08
N HIS D 381 -9.39 16.32 9.02
CA HIS D 381 -8.54 15.16 9.22
C HIS D 381 -7.24 15.55 9.89
N ALA D 382 -6.57 16.56 9.36
CA ALA D 382 -5.31 17.00 9.95
C ALA D 382 -5.54 17.52 11.35
N ALA D 383 -6.63 18.26 11.54
CA ALA D 383 -6.89 18.89 12.84
C ALA D 383 -7.13 17.84 13.92
N THR D 384 -7.99 16.86 13.63
CA THR D 384 -8.22 15.81 14.61
C THR D 384 -7.00 14.92 14.79
N ALA D 385 -6.18 14.73 13.74
CA ALA D 385 -4.94 14.00 13.93
C ALA D 385 -4.03 14.73 14.91
N SER D 386 -3.96 16.07 14.79
CA SER D 386 -3.12 16.84 15.70
C SER D 386 -3.67 16.78 17.11
N PHE D 387 -5.00 16.80 17.23
CA PHE D 387 -5.61 16.73 18.55
C PHE D 387 -5.27 15.42 19.23
N MET D 388 -5.21 14.32 18.48
CA MET D 388 -4.79 13.06 19.07
C MET D 388 -3.39 13.19 19.66
N LYS D 389 -2.46 13.82 18.93
CA LYS D 389 -1.12 14.04 19.44
C LYS D 389 -1.15 14.91 20.69
N HIS D 390 -2.03 15.92 20.68
CA HIS D 390 -2.24 16.76 21.86
C HIS D 390 -2.68 15.93 23.06
N LEU D 391 -3.73 15.12 22.88
CA LEU D 391 -4.15 14.22 23.96
C LEU D 391 -2.98 13.40 24.47
N GLU D 392 -2.15 12.91 23.56
CA GLU D 392 -0.99 12.12 23.97
C GLU D 392 -0.01 12.96 24.77
N ASN D 393 0.26 14.19 24.29
CA ASN D 393 1.12 15.11 25.06
C ASN D 393 0.56 15.33 26.46
N GLU D 394 -0.74 15.64 26.54
CA GLU D 394 -1.34 16.04 27.81
C GLU D 394 -1.45 14.87 28.80
N GLN D 395 -1.69 13.64 28.32
CA GLN D 395 -1.64 12.51 29.23
C GLN D 395 -0.29 12.45 29.94
N LYS D 396 0.81 12.66 29.21
CA LYS D 396 2.13 12.67 29.84
C LYS D 396 2.30 13.88 30.75
N ALA D 397 1.94 15.06 30.25
CA ALA D 397 2.25 16.31 30.94
C ALA D 397 1.33 16.57 32.13
N ARG D 398 0.06 16.18 32.05
CA ARG D 398 -0.85 16.46 33.15
C ARG D 398 -1.72 15.25 33.55
N GLY D 399 -1.56 14.08 32.92
CA GLY D 399 -2.36 12.94 33.31
C GLY D 399 -3.78 13.00 32.83
N GLY D 400 -4.07 13.80 31.81
CA GLY D 400 -5.41 13.87 31.27
C GLY D 400 -5.59 15.13 30.45
N CYS D 401 -6.75 15.22 29.83
CA CYS D 401 -7.06 16.37 28.99
C CYS D 401 -8.57 16.55 28.91
N PRO D 402 -9.09 17.70 29.34
CA PRO D 402 -10.53 17.93 29.23
C PRO D 402 -10.93 18.09 27.78
N ALA D 403 -11.89 17.26 27.35
CA ALA D 403 -12.26 17.20 25.95
C ALA D 403 -13.74 16.86 25.87
N ASP D 404 -14.43 17.59 25.00
CA ASP D 404 -15.88 17.49 24.80
C ASP D 404 -16.04 16.73 23.48
N TRP D 405 -16.31 15.43 23.58
CA TRP D 405 -16.34 14.57 22.41
C TRP D 405 -17.25 15.13 21.32
N ALA D 406 -18.46 15.55 21.71
CA ALA D 406 -19.44 16.04 20.74
C ALA D 406 -18.96 17.27 20.00
N TRP D 407 -18.04 18.04 20.59
CA TRP D 407 -17.52 19.22 19.92
C TRP D 407 -16.20 18.95 19.21
N ILE D 408 -15.43 17.98 19.70
CA ILE D 408 -14.16 17.61 19.08
C ILE D 408 -14.39 16.87 17.76
N VAL D 409 -15.38 15.98 17.73
CA VAL D 409 -15.67 15.24 16.50
C VAL D 409 -16.26 16.19 15.46
N PRO D 410 -15.68 16.27 14.27
CA PRO D 410 -16.10 17.23 13.27
C PRO D 410 -17.52 16.93 12.79
N PRO D 411 -18.21 17.93 12.24
CA PRO D 411 -19.61 17.73 11.86
C PRO D 411 -19.83 16.90 10.59
N ILE D 412 -18.79 16.65 9.80
CA ILE D 412 -18.87 15.65 8.75
C ILE D 412 -17.82 14.59 9.04
N SER D 413 -18.03 13.42 8.46
CA SER D 413 -17.03 12.35 8.41
C SER D 413 -16.54 11.98 9.81
N GLY D 414 -17.41 12.09 10.81
CA GLY D 414 -17.02 11.91 12.20
C GLY D 414 -16.15 10.70 12.44
N SER D 415 -16.62 9.51 12.08
CA SER D 415 -15.89 8.31 12.42
C SER D 415 -14.70 8.06 11.51
N LEU D 416 -14.54 8.87 10.46
CA LEU D 416 -13.33 8.83 9.66
C LEU D 416 -12.18 9.55 10.34
N THR D 417 -12.44 10.25 11.41
CA THR D 417 -11.33 10.89 12.10
C THR D 417 -10.99 10.09 13.37
N PRO D 418 -9.74 10.19 13.86
CA PRO D 418 -9.35 9.35 15.00
C PRO D 418 -10.03 9.72 16.30
N VAL D 419 -10.47 10.97 16.47
CA VAL D 419 -11.06 11.41 17.74
C VAL D 419 -12.40 10.74 17.98
N PHE D 420 -13.08 10.32 16.91
CA PHE D 420 -14.35 9.62 17.05
C PHE D 420 -14.18 8.38 17.92
N HIS D 421 -13.09 7.65 17.71
CA HIS D 421 -12.84 6.39 18.40
C HIS D 421 -12.14 6.59 19.73
N GLN D 422 -12.05 7.82 20.20
CA GLN D 422 -11.32 8.18 21.42
C GLN D 422 -12.33 8.55 22.50
N GLU D 423 -12.39 7.75 23.55
CA GLU D 423 -13.14 8.19 24.72
C GLU D 423 -12.50 9.44 25.27
N MET D 424 -13.32 10.33 25.80
CA MET D 424 -12.84 11.58 26.37
C MET D 424 -13.56 11.83 27.68
N VAL D 425 -12.92 12.59 28.55
CA VAL D 425 -13.50 13.04 29.80
C VAL D 425 -13.66 14.55 29.71
N ASN D 426 -14.86 15.04 29.99
CA ASN D 426 -15.13 16.46 29.91
C ASN D 426 -15.19 17.05 31.32
N TYR D 427 -14.43 18.12 31.55
CA TYR D 427 -14.42 18.73 32.88
C TYR D 427 -13.84 20.13 32.76
N PHE D 428 -14.11 20.95 33.76
CA PHE D 428 -13.77 22.36 33.74
C PHE D 428 -12.55 22.61 34.62
N LEU D 429 -11.46 23.00 33.99
CA LEU D 429 -10.25 23.46 34.64
C LEU D 429 -10.19 24.97 34.51
N SER D 430 -9.38 25.56 35.36
CA SER D 430 -9.11 26.98 35.30
C SER D 430 -7.60 27.18 35.29
N PRO D 431 -7.07 28.19 34.57
CA PRO D 431 -7.70 29.23 33.74
C PRO D 431 -8.61 28.67 32.65
N ALA D 432 -9.60 29.47 32.27
CA ALA D 432 -10.66 28.95 31.41
C ALA D 432 -11.22 30.09 30.56
N PHE D 433 -11.68 29.73 29.37
CA PHE D 433 -12.56 30.58 28.60
C PHE D 433 -13.98 30.16 28.90
N ARG D 434 -14.82 31.14 29.22
CA ARG D 434 -16.17 30.88 29.68
C ARG D 434 -17.14 31.68 28.82
N TYR D 435 -18.32 31.12 28.65
CA TYR D 435 -19.38 31.94 28.09
C TYR D 435 -19.90 32.90 29.14
N GLN D 436 -20.54 33.95 28.66
CA GLN D 436 -21.09 34.97 29.52
C GLN D 436 -22.31 35.55 28.84
N PRO D 437 -23.24 36.14 29.58
CA PRO D 437 -24.43 36.71 28.95
C PRO D 437 -24.08 37.81 27.99
N ASP D 438 -24.89 37.94 26.95
CA ASP D 438 -24.75 39.06 26.03
C ASP D 438 -24.95 40.36 26.80
N PRO D 439 -24.16 41.40 26.50
CA PRO D 439 -24.16 42.59 27.36
C PRO D 439 -25.42 43.43 27.26
N TRP D 440 -26.38 43.04 26.44
CA TRP D 440 -27.63 43.77 26.32
C TRP D 440 -28.80 42.95 26.89
CHA HEM E . 31.58 -3.41 -16.42
CHB HEM E . 28.72 0.26 -15.13
CHC HEM E . 32.54 3.15 -15.93
CHD HEM E . 34.97 -0.41 -18.15
C1A HEM E . 30.52 -2.73 -15.87
C2A HEM E . 29.38 -3.28 -15.15
C3A HEM E . 28.60 -2.25 -14.80
C4A HEM E . 29.20 -1.02 -15.28
CMA HEM E . 27.28 -2.35 -14.02
CAA HEM E . 29.08 -4.75 -14.81
CBA HEM E . 30.32 -5.47 -14.31
CGA HEM E . 30.05 -6.27 -13.08
O1A HEM E . 28.85 -6.48 -12.75
O2A HEM E . 31.03 -6.72 -12.43
C1B HEM E . 29.51 1.39 -15.23
C2B HEM E . 29.12 2.76 -14.93
C3B HEM E . 30.16 3.56 -15.17
C4B HEM E . 31.27 2.73 -15.60
CMB HEM E . 27.73 3.23 -14.46
CAB HEM E . 30.12 5.10 -14.95
CBB HEM E . 31.02 5.94 -15.46
C1C HEM E . 33.54 2.45 -16.60
C2C HEM E . 34.81 2.99 -17.03
C3C HEM E . 35.50 2.00 -17.64
C4C HEM E . 34.66 0.82 -17.63
CMC HEM E . 35.23 4.46 -16.76
CAC HEM E . 36.88 1.99 -18.31
CBC HEM E . 37.63 3.09 -18.50
C1D HEM E . 34.28 -1.56 -17.85
C2D HEM E . 34.66 -2.92 -18.19
C3D HEM E . 33.72 -3.73 -17.71
C4D HEM E . 32.71 -2.94 -17.05
CMD HEM E . 35.92 -3.35 -18.96
CAD HEM E . 33.74 -5.27 -17.85
CBD HEM E . 33.80 -5.85 -16.45
CGD HEM E . 34.26 -7.27 -16.51
O1D HEM E . 34.44 -7.78 -17.65
O2D HEM E . 34.44 -7.89 -15.43
NA HEM E . 30.36 -1.36 -15.93
NB HEM E . 30.83 1.42 -15.63
NC HEM E . 33.49 1.14 -16.98
ND HEM E . 33.08 -1.62 -17.17
FE HEM E . 31.80 -0.10 -16.70
N1 H4B F . 26.45 -9.68 -15.18
C2 H4B F . 27.20 -8.76 -14.54
N2 H4B F . 27.01 -7.44 -14.81
N3 H4B F . 28.15 -9.14 -13.66
C4 H4B F . 28.35 -10.45 -13.39
O4 H4B F . 29.23 -10.80 -12.57
C4A H4B F . 27.58 -11.41 -14.03
C8A H4B F . 26.61 -11.00 -14.94
N5 H4B F . 27.76 -12.71 -13.79
N8 H4B F . 25.85 -11.91 -15.59
C6 H4B F . 27.39 -13.63 -14.84
C7 H4B F . 25.97 -13.33 -15.31
C9 H4B F . 27.54 -15.09 -14.43
O9 H4B F . 26.82 -15.32 -13.23
C10 H4B F . 26.95 -16.03 -15.47
C11 H4B F . 27.30 -17.48 -15.14
O10 H4B F . 27.45 -15.69 -16.76
C1 BTB G . 14.13 -6.05 13.47
O1 BTB G . 14.62 -7.40 13.37
C2 BTB G . 12.75 -6.10 14.08
C3 BTB G . 11.90 -6.99 13.15
O3 BTB G . 10.63 -7.48 13.63
C4 BTB G . 12.97 -6.69 15.48
O4 BTB G . 11.91 -7.46 16.07
N BTB G . 12.25 -4.70 14.15
C5 BTB G . 11.94 -4.16 12.81
C6 BTB G . 10.83 -3.11 12.95
O6 BTB G . 9.56 -3.75 13.05
C7 BTB G . 13.11 -3.76 14.92
C8 BTB G . 12.57 -3.49 16.32
O8 BTB G . 11.17 -3.16 16.31
C13 XVK H . 35.94 -5.27 -14.04
C15 XVK H . 35.16 -6.90 -12.48
C17 XVK H . 35.29 -8.23 -11.79
C22 XVK H . 35.39 -11.01 -12.04
C26 XVK H . 34.04 -10.24 -10.16
C14 XVK H . 36.10 -6.49 -13.40
C18 XVK H . 34.07 -9.04 -12.22
C23 XVK H . 35.59 -12.34 -11.30
C25 XVK H . 34.24 -11.59 -9.48
C16 XVK H . 34.07 -6.08 -12.17
C11 XVK H . 33.92 -4.86 -12.79
C12 XVK H . 34.85 -4.46 -13.75
C02 XVK H . 31.28 0.22 -12.32
C03 XVK H . 32.28 0.96 -12.92
C04 XVK H . 33.56 0.43 -13.02
C05 XVK H . 33.80 -0.84 -12.52
C06 XVK H . 32.77 -1.56 -11.92
C07 XVK H . 34.66 1.22 -13.66
C08 XVK H . 33.05 -2.95 -11.38
C09 XVK H . 32.74 -3.97 -12.47
C27 XVK H . 35.86 -13.34 -9.14
F12 XVK H . 34.71 -3.27 -14.36
F13 XVK H . 36.84 -4.86 -14.95
N01 XVK H . 31.53 -1.02 -11.84
N02 XVK H . 30.03 0.74 -12.22
N21 XVK H . 34.14 -10.38 -11.63
N24 XVK H . 35.57 -12.10 -9.86
C1 BTB I . 15.57 -22.21 8.78
O1 BTB I . 14.86 -21.28 9.62
C2 BTB I . 15.90 -21.55 7.46
C3 BTB I . 16.30 -20.11 7.72
O3 BTB I . 16.15 -19.37 6.50
C4 BTB I . 17.11 -22.25 6.84
O4 BTB I . 17.90 -21.31 6.12
N BTB I . 14.73 -21.54 6.53
C5 BTB I . 13.64 -22.43 6.97
C6 BTB I . 12.38 -21.59 7.15
O6 BTB I . 12.77 -20.36 7.76
C7 BTB I . 15.07 -21.91 5.14
C8 BTB I . 14.53 -20.81 4.22
O8 BTB I . 14.35 -19.63 5.01
C1 BTB J . 66.52 -7.63 -3.44
O1 BTB J . 65.98 -8.13 -2.21
C2 BTB J . 65.43 -6.92 -4.24
C3 BTB J . 64.34 -7.92 -4.60
O3 BTB J . 63.42 -8.05 -3.50
C4 BTB J . 64.80 -5.82 -3.39
O4 BTB J . 63.71 -5.20 -4.09
N BTB J . 66.04 -6.37 -5.48
C5 BTB J . 66.41 -7.52 -6.29
C6 BTB J . 66.12 -7.29 -7.77
O6 BTB J . 64.82 -6.73 -7.92
C7 BTB J . 67.29 -5.65 -5.15
C8 BTB J . 67.22 -4.12 -5.24
O8 BTB J . 65.87 -3.67 -5.36
C1 GOL K . 50.58 16.61 -22.30
O1 GOL K . 49.23 16.98 -22.40
C2 GOL K . 50.68 15.34 -21.48
O2 GOL K . 49.85 15.38 -20.36
C3 GOL K . 52.13 15.16 -21.02
O3 GOL K . 52.76 14.22 -21.85
C1 GOL L . 36.58 -26.36 17.17
O1 GOL L . 37.78 -27.07 17.35
C2 GOL L . 36.44 -25.90 15.72
O2 GOL L . 36.37 -24.48 15.67
C3 GOL L . 35.14 -26.42 15.17
O3 GOL L . 34.81 -25.67 14.03
CL CL M . 31.87 -3.87 -6.82
GD GD N . 10.14 -5.55 15.43
ZN ZN O . 27.12 -17.51 -28.21
C1 GOL P . 7.27 -11.93 10.59
O1 GOL P . 6.04 -12.58 10.63
C2 GOL P . 8.15 -13.11 10.31
O2 GOL P . 7.27 -13.98 10.92
C3 GOL P . 9.42 -13.04 11.18
O3 GOL P . 10.45 -13.80 10.56
CHA HEM Q . 9.88 -22.56 -22.19
CHB HEM Q . 8.54 -23.39 -17.66
CHC HEM Q . 6.31 -27.39 -19.17
CHD HEM Q . 8.69 -27.14 -23.36
C1A HEM Q . 9.58 -22.34 -20.88
C2A HEM Q . 9.68 -21.08 -20.16
C3A HEM Q . 9.30 -21.31 -18.91
C4A HEM Q . 8.97 -22.73 -18.78
CMA HEM Q . 9.22 -20.27 -17.76
CAA HEM Q . 10.09 -19.71 -20.74
CBA HEM Q . 9.27 -19.38 -21.98
CGA HEM Q . 8.93 -17.92 -22.16
O1A HEM Q . 9.42 -17.06 -21.38
O2A HEM Q . 8.14 -17.62 -23.10
C1B HEM Q . 7.80 -24.55 -17.65
C2B HEM Q . 7.20 -25.17 -16.50
C3B HEM Q . 6.58 -26.29 -16.90
C4B HEM Q . 6.78 -26.41 -18.33
CMB HEM Q . 7.24 -24.68 -15.04
CAB HEM Q . 5.82 -27.21 -15.90
CBB HEM Q . 5.44 -28.47 -16.19
C1C HEM Q . 6.77 -27.66 -20.43
C2C HEM Q . 6.36 -28.83 -21.21
C3C HEM Q . 7.02 -28.77 -22.39
C4C HEM Q . 7.84 -27.58 -22.37
CMC HEM Q . 5.35 -29.85 -20.63
CAC HEM Q . 6.99 -29.74 -23.58
CBC HEM Q . 6.35 -30.92 -23.53
C1D HEM Q . 9.17 -25.84 -23.43
C2D HEM Q . 9.82 -25.25 -24.58
C3D HEM Q . 10.12 -24.00 -24.26
C4D HEM Q . 9.72 -23.75 -22.90
CMD HEM Q . 10.07 -25.93 -25.94
CAD HEM Q . 10.85 -23.04 -25.22
CBD HEM Q . 10.12 -21.72 -25.29
CGD HEM Q . 10.48 -21.04 -26.57
O1D HEM Q . 11.55 -21.35 -27.16
O2D HEM Q . 9.70 -20.14 -26.96
NA HEM Q . 9.16 -23.31 -20.01
NB HEM Q . 7.55 -25.33 -18.76
NC HEM Q . 7.66 -26.94 -21.16
ND HEM Q . 9.15 -24.90 -22.42
FE HEM Q . 8.77 -25.25 -20.47
N1 H4B R . 13.60 -15.24 -21.53
C2 H4B R . 12.39 -15.86 -21.50
N2 H4B R . 12.18 -16.85 -20.61
N3 H4B R . 11.40 -15.47 -22.35
C4 H4B R . 11.61 -14.48 -23.23
O4 H4B R . 10.69 -14.16 -23.99
C4A H4B R . 12.85 -13.85 -23.27
C8A H4B R . 13.85 -14.24 -22.40
N5 H4B R . 13.09 -12.86 -24.15
N8 H4B R . 15.08 -13.66 -22.42
C6 H4B R . 14.47 -12.61 -24.51
C7 H4B R . 15.38 -12.52 -23.28
C9 H4B R . 14.57 -11.34 -25.35
O9 H4B R . 13.92 -10.26 -24.66
C10 H4B R . 16.04 -11.05 -25.63
C11 H4B R . 16.21 -9.91 -26.62
O10 H4B R . 16.64 -12.24 -26.18
C13 XVK S . 7.10 -22.08 -25.92
C15 XVK S . 6.53 -19.84 -26.58
C17 XVK S . 6.38 -18.79 -27.63
C22 XVK S . 8.86 -16.05 -28.27
C26 XVK S . 6.88 -16.69 -29.45
C14 XVK S . 6.95 -21.12 -26.91
C18 XVK S . 7.72 -18.07 -27.70
C23 XVK S . 8.65 -14.61 -28.71
C25 XVK S . 6.65 -15.25 -29.88
C16 XVK S . 6.28 -19.51 -25.25
C11 XVK S . 6.43 -20.48 -24.26
C12 XVK S . 6.85 -21.76 -24.59
C02 XVK S . 5.09 -22.72 -19.38
C03 XVK S . 4.87 -23.98 -19.94
C04 XVK S . 4.61 -24.07 -21.30
C05 XVK S . 4.57 -22.91 -22.06
C06 XVK S . 4.79 -21.68 -21.48
C07 XVK S . 4.38 -25.40 -21.94
C08 XVK S . 4.73 -20.44 -22.34
C09 XVK S . 6.13 -20.10 -22.83
C27 XVK S . 7.68 -13.17 -30.33
F12 XVK S . 6.99 -22.70 -23.65
F13 XVK S . 7.51 -23.32 -26.26
N01 XVK S . 5.03 -21.62 -20.14
N02 XVK S . 5.33 -22.62 -18.06
N21 XVK S . 7.54 -16.69 -28.14
N24 XVK S . 7.94 -14.57 -29.99
C1 BTB T . -4.99 -4.27 7.24
O1 BTB T . -5.90 -5.30 7.65
C2 BTB T . -4.70 -4.42 5.75
C3 BTB T . -3.18 -4.44 5.52
O3 BTB T . -2.88 -4.70 4.14
C4 BTB T . -5.28 -5.75 5.26
O4 BTB T . -5.09 -5.90 3.83
N BTB T . -5.33 -3.30 5.01
C5 BTB T . -4.70 -2.00 5.28
C6 BTB T . -3.97 -1.52 4.03
O6 BTB T . -4.90 -0.92 3.12
C7 BTB T . -6.80 -3.23 5.17
C8 BTB T . -7.51 -3.46 3.83
O8 BTB T . -7.18 -2.46 2.86
C1 BTB U . -14.38 -31.44 -47.73
O1 BTB U . -15.45 -30.85 -46.94
C2 BTB U . -13.08 -30.64 -47.59
C3 BTB U . -13.51 -29.33 -46.94
O3 BTB U . -13.33 -28.31 -47.92
C4 BTB U . -12.12 -31.36 -46.64
O4 BTB U . -11.62 -32.61 -47.15
N BTB U . -12.45 -30.24 -48.89
C5 BTB U . -13.15 -30.86 -50.04
C6 BTB U . -13.05 -29.99 -51.30
O6 BTB U . -12.94 -28.60 -50.95
C7 BTB U . -11.00 -30.50 -49.02
C8 BTB U . -10.23 -29.29 -49.58
O8 BTB U . -11.12 -28.17 -49.46
C1 GOL V . 8.99 -10.78 -26.59
O1 GOL V . 7.68 -10.83 -26.03
C2 GOL V . 9.91 -11.76 -25.86
O2 GOL V . 10.89 -11.04 -25.15
C3 GOL V . 10.62 -12.61 -26.89
O3 GOL V . 11.76 -13.22 -26.34
CL CL W . 2.10 -16.99 -21.72
GD GD X . -4.73 -3.59 2.50
GD GD Y . -8.15 2.91 -13.83
CHA HEM Z . -28.35 0.64 18.78
CHB HEM Z . -30.58 1.43 14.54
CHC HEM Z . -33.82 -1.90 15.95
CHD HEM Z . -32.12 -1.93 20.49
C1A HEM Z . -28.59 1.03 17.47
C2A HEM Z . -27.67 1.73 16.57
C3A HEM Z . -28.30 1.95 15.41
C4A HEM Z . -29.63 1.41 15.53
CMA HEM Z . -27.71 2.63 14.16
CAA HEM Z . -26.21 2.15 16.84
CBA HEM Z . -25.44 0.86 17.06
CGA HEM Z . -23.99 0.92 16.72
O1A HEM Z . -23.56 1.90 16.05
O2A HEM Z . -23.26 -0.03 17.11
C1B HEM Z . -31.67 0.60 14.56
C2B HEM Z . -32.64 0.47 13.50
C3B HEM Z . -33.54 -0.44 13.88
C4B HEM Z . -33.17 -0.94 15.19
CMB HEM Z . -32.60 1.28 12.18
CAB HEM Z . -34.76 -0.87 13.01
CBB HEM Z . -35.88 -1.35 13.57
C1C HEM Z . -33.63 -2.24 17.28
C2C HEM Z . -34.35 -3.27 18.00
C3C HEM Z . -33.88 -3.30 19.26
C4C HEM Z . -32.87 -2.26 19.38
CMC HEM Z . -35.44 -4.18 17.38
CAC HEM Z . -34.29 -4.17 20.48
CBC HEM Z . -35.47 -4.80 20.59
C1D HEM Z . -30.90 -1.30 20.41
C2D HEM Z . -29.88 -1.30 21.43
C3D HEM Z . -28.83 -0.59 20.97
C4D HEM Z . -29.15 -0.13 19.63
CMD HEM Z . -29.99 -1.98 22.81
CAD HEM Z . -27.53 -0.34 21.77
CBD HEM Z . -26.31 -0.65 20.89
CGD HEM Z . -25.08 -0.80 21.74
O1D HEM Z . -25.09 -0.29 22.88
O2D HEM Z . -24.10 -1.43 21.27
NA HEM Z . -29.79 0.87 16.79
NB HEM Z . -32.02 -0.28 15.57
NC HEM Z . -32.75 -1.65 18.15
ND HEM Z . -30.42 -0.59 19.33
FE HEM Z . -31.42 -0.17 17.56
N1 H4B AA . -22.05 5.81 17.88
C2 H4B AA . -22.58 4.65 17.42
N2 H4B AA . -23.81 4.64 16.85
N3 H4B AA . -21.88 3.50 17.53
C4 H4B AA . -20.65 3.48 18.09
O4 H4B AA . -20.01 2.42 18.19
C4A H4B AA . -20.12 4.66 18.57
C8A H4B AA . -20.83 5.84 18.46
N5 H4B AA . -18.90 4.65 19.14
N8 H4B AA . -20.32 7.00 18.93
C6 H4B AA . -18.67 5.69 20.12
C7 H4B AA . -18.99 7.07 19.52
C9 H4B AA . -17.25 5.64 20.67
O9 H4B AA . -16.30 5.59 19.60
C10 H4B AA . -16.97 6.87 21.50
C11 H4B AA . -15.60 6.78 22.14
O10 H4B AA . -18.00 6.95 22.49
C13 XVK BA . -25.52 -3.83 20.06
C15 XVK BA . -23.32 -3.80 19.11
C17 XVK BA . -21.84 -4.06 19.27
C22 XVK BA . -19.52 -2.14 21.51
C26 XVK BA . -19.58 -4.44 20.75
C14 XVK BA . -24.16 -4.08 20.18
C18 XVK BA . -21.40 -3.02 20.29
C23 XVK BA . -18.00 -2.25 21.65
C25 XVK BA . -18.06 -4.52 20.83
C16 XVK BA . -23.81 -3.27 17.93
C11 XVK BA . -25.17 -3.02 17.81
C12 XVK BA . -26.02 -3.29 18.87
C02 XVK BA . -29.27 -2.13 14.05
C03 XVK BA . -30.26 -2.85 14.71
C04 XVK BA . -29.90 -3.81 15.64
C05 XVK BA . -28.55 -4.04 15.91
C06 XVK BA . -27.59 -3.29 15.24
C07 XVK BA . -30.94 -4.62 16.36
C08 XVK BA . -26.13 -3.52 15.52
C09 XVK BA . -25.71 -2.46 16.52
C27 XVK BA . -16.18 -3.81 22.04
F12 XVK BA . -27.34 -3.07 18.74
F13 XVK BA . -26.35 -4.11 21.07
N01 XVK BA . -27.97 -2.36 14.33
N02 XVK BA . -29.60 -1.19 13.13
N21 XVK BA . -19.95 -3.06 20.44
N24 XVK BA . -17.62 -3.65 21.92
C1 BTB CA . -8.23 0.80 -9.41
O1 BTB CA . -7.86 -0.58 -9.37
C2 BTB CA . -7.97 1.45 -10.76
C3 BTB CA . -7.68 2.91 -10.46
O3 BTB CA . -7.92 3.73 -11.59
C4 BTB CA . -6.74 0.85 -11.46
O4 BTB CA . -6.16 1.69 -12.46
N BTB CA . -9.14 1.32 -11.64
C5 BTB CA . -10.37 1.67 -10.91
C6 BTB CA . -11.20 2.64 -11.73
O6 BTB CA . -10.37 3.64 -12.33
C7 BTB CA . -9.22 -0.04 -12.24
C8 BTB CA . -10.18 -0.13 -13.41
O8 BTB CA . -9.93 0.87 -14.39
C1 BTB DA . -1.55 7.09 1.83
O1 BTB DA . -2.38 6.61 2.89
C2 BTB DA . -0.07 7.04 2.19
C3 BTB DA . 0.70 7.62 1.02
O3 BTB DA . -0.13 8.57 0.34
C4 BTB DA . 0.23 7.90 3.43
O4 BTB DA . -0.95 8.11 4.20
N BTB DA . 0.34 5.63 2.44
C5 BTB DA . 0.20 5.28 3.85
C6 BTB DA . -0.78 4.13 3.99
O6 BTB DA . -1.57 4.10 2.80
C7 BTB DA . 1.75 5.46 2.00
C8 BTB DA . 2.49 4.35 2.77
O8 BTB DA . 1.91 3.07 2.52
C1 BTB EA . -27.09 -32.38 32.14
O1 BTB EA . -27.32 -31.21 31.34
C2 BTB EA . -26.10 -33.32 31.45
C3 BTB EA . -26.03 -34.63 32.22
O3 BTB EA . -26.90 -35.61 31.62
C4 BTB EA . -26.57 -33.58 30.02
O4 BTB EA . -27.97 -33.29 29.85
N BTB EA . -24.75 -32.69 31.44
C5 BTB EA . -23.91 -33.30 30.39
C6 BTB EA . -23.20 -32.23 29.54
O6 BTB EA . -21.78 -32.28 29.75
C7 BTB EA . -24.09 -32.93 32.74
C8 BTB EA . -23.61 -31.63 33.38
O8 BTB EA . -22.58 -31.07 32.57
C1 GOL FA . -49.31 -16.58 22.66
O1 GOL FA . -50.22 -16.21 23.66
C2 GOL FA . -48.75 -17.96 22.99
O2 GOL FA . -48.54 -18.07 24.38
C3 GOL FA . -47.40 -18.18 22.30
O3 GOL FA . -46.42 -18.32 23.30
C1 GOL GA . -39.83 20.43 13.37
O1 GOL GA . -39.88 21.78 12.96
C2 GOL GA . -39.59 19.53 12.16
O2 GOL GA . -40.16 20.14 11.02
C3 GOL GA . -40.22 18.16 12.38
O3 GOL GA . -41.62 18.27 12.38
C1 GOL HA . -26.50 -25.68 41.97
O1 GOL HA . -27.45 -25.12 42.84
C2 GOL HA . -25.40 -24.67 41.65
O2 GOL HA . -25.39 -24.41 40.26
C3 GOL HA . -24.03 -25.22 42.05
O3 GOL HA . -23.36 -25.76 40.92
C1 GOL IA . -24.15 -7.61 -11.02
O1 GOL IA . -23.17 -8.22 -11.82
C2 GOL IA . -25.09 -6.81 -11.92
O2 GOL IA . -24.61 -5.49 -12.05
C3 GOL IA . -26.48 -6.80 -11.31
O3 GOL IA . -27.09 -5.55 -11.56
CL CL JA . -23.21 -4.23 12.70
ZN ZN KA . -22.27 13.51 31.15
CHA HEM LA . -13.40 25.83 19.84
CHB HEM LA . -10.29 24.97 16.28
CHC HEM LA . -7.27 28.26 18.13
CHD HEM LA . -10.09 28.55 22.01
C1A HEM LA . -12.88 25.39 18.65
C2A HEM LA . -13.59 24.65 17.63
C3A HEM LA . -12.74 24.41 16.63
C4A HEM LA . -11.45 25.00 16.99
CMA HEM LA . -13.01 23.67 15.28
CAA HEM LA . -15.09 24.31 17.78
CBA HEM LA . -15.76 25.66 17.55
CGA HEM LA . -17.21 25.62 17.18
O1A HEM LA . -17.70 24.63 16.58
O2A HEM LA . -17.88 26.66 17.47
C1B HEM LA . -9.22 25.80 16.46
C2B HEM LA . -8.06 25.89 15.58
C3B HEM LA . -7.22 26.79 16.08
C4B HEM LA . -7.81 27.30 17.31
CMB HEM LA . -7.84 25.10 14.29
CAB HEM LA . -5.87 27.17 15.42
CBB HEM LA . -4.93 27.95 15.98
C1C HEM LA . -7.80 28.64 19.33
C2C HEM LA . -7.25 29.69 20.16
C3C HEM LA . -8.04 29.79 21.23
C4C HEM LA . -9.10 28.79 21.11
CMC HEM LA . -6.00 30.49 19.73
CAC HEM LA . -7.93 30.72 22.46
CBC HEM LA . -6.80 31.36 22.74
C1D HEM LA . -11.24 27.86 21.79
C2D HEM LA . -12.37 27.72 22.70
C3D HEM LA . -13.26 26.96 22.09
C4D HEM LA . -12.76 26.60 20.77
CMD HEM LA . -12.49 28.36 24.13
CAD HEM LA . -14.63 26.53 22.64
CBD HEM LA . -15.56 27.64 22.22
CGD HEM LA . -16.99 27.39 22.59
O1D HEM LA . -17.21 26.86 23.72
O2D HEM LA . -17.87 27.75 21.77
NA HEM LA . -11.60 25.57 18.22
NB HEM LA . -9.02 26.68 17.53
NC HEM LA . -8.89 28.11 19.94
ND HEM LA . -11.52 27.17 20.63
FE HEM LA . -10.20 26.60 19.27
N1 H4B MA . -19.67 20.68 17.93
C2 H4B MA . -19.00 21.78 17.52
N2 H4B MA . -17.68 21.71 17.27
N3 H4B MA . -19.66 22.94 17.36
C4 H4B MA . -20.97 23.05 17.59
O4 H4B MA . -21.54 24.16 17.43
C4A H4B MA . -21.67 21.93 18.02
C8A H4B MA . -20.98 20.73 18.18
N5 H4B MA . -22.98 21.98 18.28
N8 H4B MA . -21.60 19.60 18.58
C6 H4B MA . -23.48 21.00 19.21
C7 H4B MA . -23.03 19.59 18.84
C9 H4B MA . -25.00 21.08 19.34
O9 H4B MA . -25.63 21.14 18.05
C10 H4B MA . -25.49 19.87 20.11
C11 H4B MA . -27.00 19.96 20.38
O10 H4B MA . -24.75 19.79 21.34
C13 XVK NA . -15.61 30.05 20.22
C15 XVK NA . -17.85 30.27 19.37
C17 XVK NA . -19.30 30.64 19.56
C22 XVK NA . -22.19 28.34 20.18
C26 XVK NA . -22.02 30.74 19.91
C14 XVK NA . -16.95 30.40 20.42
C18 XVK NA . -20.04 29.41 20.06
C23 XVK NA . -23.66 28.42 19.80
C25 XVK NA . -23.49 30.78 19.49
C16 XVK NA . -17.41 29.78 18.14
C11 XVK NA . -16.08 29.43 17.95
C12 XVK NA . -15.18 29.56 19.01
C02 XVK NA . -11.47 28.52 15.24
C03 XVK NA . -10.62 29.22 16.13
C04 XVK NA . -11.18 30.20 16.93
C05 XVK NA . -12.54 30.46 16.85
C06 XVK NA . -13.34 29.73 15.96
C07 XVK NA . -10.32 31.00 17.89
C08 XVK NA . -14.83 30.02 15.89
C09 XVK NA . -15.61 28.92 16.61
C27 XVK NA . -25.61 29.82 19.91
F12 XVK NA . -13.89 29.23 18.85
F13 XVK NA . -14.73 30.19 21.23
N01 XVK NA . -12.79 28.79 15.20
N02 XVK NA . -10.98 27.57 14.43
N21 XVK NA . -21.43 29.43 19.56
N24 XVK NA . -24.19 29.71 20.22
C1 BTB OA . -11.27 19.75 -16.97
O1 BTB OA . -10.47 20.86 -17.42
C2 BTB OA . -12.25 20.20 -15.90
C3 BTB OA . -12.45 19.05 -14.90
O3 BTB OA . -13.25 19.44 -13.78
C4 BTB OA . -11.68 21.38 -15.13
O4 BTB OA . -12.76 21.99 -14.40
N BTB OA . -13.54 20.59 -16.53
C5 BTB OA . -14.24 19.42 -17.10
C6 BTB OA . -15.54 19.19 -16.34
O6 BTB OA . -16.45 20.25 -16.60
C7 BTB OA . -13.46 21.67 -17.54
C8 BTB OA . -14.20 22.92 -17.05
O8 BTB OA . -15.56 22.59 -16.71
C1 BTB PA . -22.45 58.16 28.50
O1 BTB PA . -23.49 57.68 29.34
C2 BTB PA . -21.38 58.70 29.42
C3 BTB PA . -21.99 59.81 30.25
O3 BTB PA . -22.71 59.23 31.36
C4 BTB PA . -20.95 57.54 30.33
O4 BTB PA . -20.21 57.95 31.48
N BTB PA . -20.27 59.21 28.59
C5 BTB PA . -19.17 59.76 29.42
C6 BTB PA . -17.88 59.93 28.63
O6 BTB PA . -16.81 59.24 29.27
C7 BTB PA . -20.83 60.30 27.78
C8 BTB PA . -20.32 60.27 26.34
O8 BTB PA . -19.71 61.53 26.05
C1 GOL QA . -4.98 34.95 55.85
O1 GOL QA . -3.77 35.65 56.08
C2 GOL QA . -4.69 33.57 55.27
O2 GOL QA . -3.43 33.53 54.65
C3 GOL QA . -5.78 33.08 54.32
O3 GOL QA . -5.53 31.74 53.96
C1 GOL RA . -36.75 23.13 -1.50
O1 GOL RA . -36.17 23.56 -2.71
C2 GOL RA . -37.53 21.84 -1.73
O2 GOL RA . -38.91 22.12 -1.58
C3 GOL RA . -37.12 20.80 -0.67
O3 GOL RA . -37.45 19.50 -1.12
CL CL SA . -17.23 30.70 12.50
GD GD TA . -15.33 21.09 -14.39
#